data_9PHP
# 
_entry.id   9PHP 
# 
_audit_conform.dict_name       mmcif_pdbx.dic 
_audit_conform.dict_version    5.406 
_audit_conform.dict_location   http://mmcif.pdb.org/dictionaries/ascii/mmcif_pdbx.dic 
# 
loop_
_database_2.database_id 
_database_2.database_code 
_database_2.pdbx_database_accession 
_database_2.pdbx_DOI 
PDB   9PHP         pdb_00009php 10.2210/pdb9php/pdb 
WWPDB D_1000297854 ?            ?                   
# 
loop_
_pdbx_audit_revision_history.ordinal 
_pdbx_audit_revision_history.data_content_type 
_pdbx_audit_revision_history.major_revision 
_pdbx_audit_revision_history.minor_revision 
_pdbx_audit_revision_history.revision_date 
_pdbx_audit_revision_history.part_number 
1 'Structure model' 1 0 2025-08-27 ? 
2 'Structure model' 1 1 2025-11-05 ? 
# 
_pdbx_audit_revision_details.ordinal             1 
_pdbx_audit_revision_details.revision_ordinal    1 
_pdbx_audit_revision_details.data_content_type   'Structure model' 
_pdbx_audit_revision_details.provider            repository 
_pdbx_audit_revision_details.type                'Initial release' 
_pdbx_audit_revision_details.description         ? 
_pdbx_audit_revision_details.details             ? 
# 
_pdbx_audit_revision_group.ordinal             1 
_pdbx_audit_revision_group.revision_ordinal    2 
_pdbx_audit_revision_group.data_content_type   'Structure model' 
_pdbx_audit_revision_group.group               'Structure summary' 
# 
_pdbx_audit_revision_category.ordinal             1 
_pdbx_audit_revision_category.revision_ordinal    2 
_pdbx_audit_revision_category.data_content_type   'Structure model' 
_pdbx_audit_revision_category.category            struct 
# 
_pdbx_audit_revision_item.ordinal             1 
_pdbx_audit_revision_item.revision_ordinal    2 
_pdbx_audit_revision_item.data_content_type   'Structure model' 
_pdbx_audit_revision_item.item                '_struct.title' 
# 
_pdbx_database_status.status_code                     REL 
_pdbx_database_status.status_code_sf                  REL 
_pdbx_database_status.status_code_mr                  ? 
_pdbx_database_status.entry_id                        9PHP 
_pdbx_database_status.recvd_initial_deposition_date   2025-07-09 
_pdbx_database_status.SG_entry                        N 
_pdbx_database_status.deposit_site                    RCSB 
_pdbx_database_status.process_site                    RCSB 
_pdbx_database_status.status_code_cs                  ? 
_pdbx_database_status.status_code_nmr_data            ? 
_pdbx_database_status.methods_development_category    ? 
_pdbx_database_status.pdb_format_compatible           Y 
# 
_pdbx_contact_author.id                 4 
_pdbx_contact_author.email              rs17@nyu.edu 
_pdbx_contact_author.name_first         Ruojie 
_pdbx_contact_author.name_last          Sha 
_pdbx_contact_author.name_mi            ? 
_pdbx_contact_author.role               'principal investigator/group leader' 
_pdbx_contact_author.identifier_ORCID   0000-0002-0807-734X 
# 
loop_
_audit_author.name 
_audit_author.pdbx_ordinal 
_audit_author.identifier_ORCID 
'Horvath, A.'   1 0009-0008-5770-8014 
'Vecchioni, S.' 2 0000-0001-8243-650X 
'Woloszyn, K.'  3 0000-0003-1200-583X 
'Ohayon, Y.P.'  4 0000-0001-7500-4282 
'Sha, R.'       5 0000-0002-0807-734X 
# 
_citation.abstract                  ? 
_citation.abstract_id_CAS           ? 
_citation.book_id_ISBN              ? 
_citation.book_publisher            ? 
_citation.book_publisher_city       ? 
_citation.book_title                ? 
_citation.coordinate_linkage        ? 
_citation.country                   ? 
_citation.database_id_Medline       ? 
_citation.details                   ? 
_citation.id                        primary 
_citation.journal_abbrev            'To Be Published' 
_citation.journal_id_ASTM           ? 
_citation.journal_id_CSD            0353 
_citation.journal_id_ISSN           ? 
_citation.journal_full              ? 
_citation.journal_issue             ? 
_citation.journal_volume            ? 
_citation.language                  ? 
_citation.page_first                ? 
_citation.page_last                 ? 
_citation.title                     'Shifted tensegrity triangles' 
_citation.year                      ? 
_citation.database_id_CSD           ? 
_citation.pdbx_database_id_DOI      ? 
_citation.pdbx_database_id_PubMed   ? 
_citation.pdbx_database_id_patent   ? 
_citation.unpublished_flag          ? 
# 
loop_
_citation_author.citation_id 
_citation_author.name 
_citation_author.ordinal 
_citation_author.identifier_ORCID 
primary 'Horvath, A.'   1 0009-0008-5770-8014 
primary 'Vecchioni, S.' 2 0000-0001-8243-650X 
primary 'Woloszyn, K.'  3 0000-0003-1200-583X 
primary 'Ohayon, Y.P.'  4 0000-0001-7500-4282 
primary 'Sha, R.'       5 0000-0002-0807-734X 
# 
loop_
_entity.id 
_entity.type 
_entity.src_method 
_entity.pdbx_description 
_entity.formula_weight 
_entity.pdbx_number_of_molecules 
_entity.pdbx_ec 
_entity.pdbx_mutation 
_entity.pdbx_fragment 
_entity.details 
1 polymer syn 
;DNA (5'-D(P*CP*GP*GP*AP*CP*AP*TP*CP*A)-3')
;
2724.813 1 ? ? ? ? 
2 polymer syn 
;DNA (5'-D(*GP*CP*AP*GP*CP*CP*TP*GP*TP*A)-3')
;
3045.004 1 ? ? ? ? 
3 polymer syn 
;DNA (5'-D(P*TP*AP*CP*A)-3')
;
2082.400 1 ? ? ? ? 
4 polymer syn 
;DNA (5'-D(*TP*GP*AP*TP*GP*TP*GP*GP*CP*TP*GP*C)-3')
;
3709.413 1 ? ? ? ? 
# 
loop_
_entity_poly.entity_id 
_entity_poly.type 
_entity_poly.nstd_linkage 
_entity_poly.nstd_monomer 
_entity_poly.pdbx_seq_one_letter_code 
_entity_poly.pdbx_seq_one_letter_code_can 
_entity_poly.pdbx_strand_id 
_entity_poly.pdbx_target_identifier 
1 polydeoxyribonucleotide no no '(DC)(DG)(DG)(DA)(DC)(DA)(DT)(DC)(DA)'             CGGACATCA    E ? 
2 polydeoxyribonucleotide no no '(DG)(DC)(DA)(DG)(DC)(DC)(DT)(DG)(DT)(DA)'         GCAGCCTGTA   A ? 
3 polydeoxyribonucleotide no no '(DT)(DA)(DC)(DA)(DC)(DC)(DG)'                     TACACCG      B ? 
4 polydeoxyribonucleotide no no '(DT)(DG)(DA)(DT)(DG)(DT)(DG)(DG)(DC)(DT)(DG)(DC)' TGATGTGGCTGC C ? 
# 
loop_
_entity_poly_seq.entity_id 
_entity_poly_seq.num 
_entity_poly_seq.mon_id 
_entity_poly_seq.hetero 
1 1  DC n 
1 2  DG n 
1 3  DG n 
1 4  DA n 
1 5  DC n 
1 6  DA n 
1 7  DT n 
1 8  DC n 
1 9  DA n 
2 1  DG n 
2 2  DC n 
2 3  DA n 
2 4  DG n 
2 5  DC n 
2 6  DC n 
2 7  DT n 
2 8  DG n 
2 9  DT n 
2 10 DA n 
3 1  DT n 
3 2  DA n 
3 3  DC n 
3 4  DA n 
3 5  DC n 
3 6  DC n 
3 7  DG n 
4 1  DT n 
4 2  DG n 
4 3  DA n 
4 4  DT n 
4 5  DG n 
4 6  DT n 
4 7  DG n 
4 8  DG n 
4 9  DC n 
4 10 DT n 
4 11 DG n 
4 12 DC n 
# 
loop_
_pdbx_entity_src_syn.entity_id 
_pdbx_entity_src_syn.pdbx_src_id 
_pdbx_entity_src_syn.pdbx_alt_source_flag 
_pdbx_entity_src_syn.pdbx_beg_seq_num 
_pdbx_entity_src_syn.pdbx_end_seq_num 
_pdbx_entity_src_syn.organism_scientific 
_pdbx_entity_src_syn.organism_common_name 
_pdbx_entity_src_syn.ncbi_taxonomy_id 
_pdbx_entity_src_syn.details 
1 1 sample 1 9  'synthetic construct' ? 32630 ? 
2 1 sample 1 10 'synthetic construct' ? 32630 ? 
3 1 sample 1 7  'synthetic construct' ? 32630 ? 
4 1 sample 1 12 'synthetic construct' ? 32630 ? 
# 
loop_
_chem_comp.id 
_chem_comp.type 
_chem_comp.mon_nstd_flag 
_chem_comp.name 
_chem_comp.pdbx_synonyms 
_chem_comp.formula 
_chem_comp.formula_weight 
DA 'DNA linking' y "2'-DEOXYADENOSINE-5'-MONOPHOSPHATE" ? 'C10 H14 N5 O6 P' 331.222 
DC 'DNA linking' y "2'-DEOXYCYTIDINE-5'-MONOPHOSPHATE"  ? 'C9 H14 N3 O7 P'  307.197 
DG 'DNA linking' y "2'-DEOXYGUANOSINE-5'-MONOPHOSPHATE" ? 'C10 H14 N5 O7 P' 347.221 
DT 'DNA linking' y "THYMIDINE-5'-MONOPHOSPHATE"         ? 'C10 H15 N2 O8 P' 322.208 
# 
loop_
_pdbx_poly_seq_scheme.asym_id 
_pdbx_poly_seq_scheme.entity_id 
_pdbx_poly_seq_scheme.seq_id 
_pdbx_poly_seq_scheme.mon_id 
_pdbx_poly_seq_scheme.ndb_seq_num 
_pdbx_poly_seq_scheme.pdb_seq_num 
_pdbx_poly_seq_scheme.auth_seq_num 
_pdbx_poly_seq_scheme.pdb_mon_id 
_pdbx_poly_seq_scheme.auth_mon_id 
_pdbx_poly_seq_scheme.pdb_strand_id 
_pdbx_poly_seq_scheme.pdb_ins_code 
_pdbx_poly_seq_scheme.hetero 
A 1 1  DC 1  115 115 DC DC E . n 
A 1 2  DG 2  116 116 DG DG E . n 
A 1 3  DG 3  117 117 DG DG E . n 
A 1 4  DA 4  118 118 DA DA E . n 
A 1 5  DC 5  119 119 DC DC E . n 
A 1 6  DA 6  120 120 DA DA E . n 
A 1 7  DT 7  121 121 DT DT E . n 
A 1 8  DC 8  122 122 DC DC E . n 
A 1 9  DA 9  123 123 DA DA E . n 
B 2 1  DG 1  105 105 DG DG A . n 
B 2 2  DC 2  106 106 DC DC A . n 
B 2 3  DA 3  107 107 DA DA A . n 
B 2 4  DG 4  108 108 DG DG A . n 
B 2 5  DC 5  109 109 DC DC A . n 
B 2 6  DC 6  110 110 DC DC A . n 
B 2 7  DT 7  111 111 DT DT A . n 
B 2 8  DG 8  112 112 DG DG A . n 
B 2 9  DT 9  113 113 DT DT A . n 
B 2 10 DA 10 114 114 DA DA A . n 
C 3 1  DT 1  122 122 DT DT B . n 
C 3 2  DA 2  123 123 DA DA B . n 
C 3 3  DC 3  124 124 DC DC B . n 
C 3 4  DA 4  125 125 DA DA B . n 
C 3 5  DC 5  126 126 DC DC B . n 
C 3 6  DC 6  127 127 DC DC B . n 
C 3 7  DG 7  128 128 DG DG B . n 
D 4 1  DT 1  104 104 DT DT C . n 
D 4 2  DG 2  105 105 DG DG C . n 
D 4 3  DA 3  106 106 DA DA C . n 
D 4 4  DT 4  107 107 DT DT C . n 
D 4 5  DG 5  108 108 DG DG C . n 
D 4 6  DT 6  109 109 DT DT C . n 
D 4 7  DG 7  110 110 DG DG C . n 
D 4 8  DG 8  111 111 DG DG C . n 
D 4 9  DC 9  112 112 DC DC C . n 
D 4 10 DT 10 113 113 DT DT C . n 
D 4 11 DG 11 114 114 DG DG C . n 
D 4 12 DC 12 115 115 DC DC C . n 
# 
loop_
_software.citation_id 
_software.classification 
_software.compiler_name 
_software.compiler_version 
_software.contact_author 
_software.contact_author_email 
_software.date 
_software.description 
_software.dependencies 
_software.hardware 
_software.language 
_software.location 
_software.mods 
_software.name 
_software.os 
_software.os_version 
_software.type 
_software.version 
_software.pdbx_reference_DOI 
_software.pdbx_ordinal 
? refinement       ? ? ? ? ? ? ? ? ? ? ? PHENIX    ? ? ? 1.21.2_5419 ? 1 
? 'data reduction' ? ? ? ? ? ? ? ? ? ? ? autoPROC  ? ? ? .           ? 2 
? 'data scaling'   ? ? ? ? ? ? ? ? ? ? ? STARANISO ? ? ? .           ? 3 
? phasing          ? ? ? ? ? ? ? ? ? ? ? PHASER    ? ? ? .           ? 4 
# 
_cell.angle_alpha                  90.000 
_cell.angle_alpha_esd              ? 
_cell.angle_beta                   90.000 
_cell.angle_beta_esd               ? 
_cell.angle_gamma                  90.000 
_cell.angle_gamma_esd              ? 
_cell.entry_id                     9PHP 
_cell.details                      ? 
_cell.formula_units_Z              ? 
_cell.length_a                     157.020 
_cell.length_a_esd                 ? 
_cell.length_b                     157.020 
_cell.length_b_esd                 ? 
_cell.length_c                     157.020 
_cell.length_c_esd                 ? 
_cell.volume                       3871372.128 
_cell.volume_esd                   ? 
_cell.Z_PDB                        48 
_cell.reciprocal_angle_alpha       ? 
_cell.reciprocal_angle_beta        ? 
_cell.reciprocal_angle_gamma       ? 
_cell.reciprocal_angle_alpha_esd   ? 
_cell.reciprocal_angle_beta_esd    ? 
_cell.reciprocal_angle_gamma_esd   ? 
_cell.reciprocal_length_a          ? 
_cell.reciprocal_length_b          ? 
_cell.reciprocal_length_c          ? 
_cell.reciprocal_length_a_esd      ? 
_cell.reciprocal_length_b_esd      ? 
_cell.reciprocal_length_c_esd      ? 
_cell.pdbx_unique_axis             ? 
_cell.pdbx_esd_method              ? 
# 
_symmetry.entry_id                         9PHP 
_symmetry.cell_setting                     ? 
_symmetry.Int_Tables_number                214 
_symmetry.space_group_name_Hall            'I 4bd 2c 3' 
_symmetry.space_group_name_H-M             'I 41 3 2' 
_symmetry.pdbx_full_space_group_name_H-M   ? 
# 
_exptl.absorpt_coefficient_mu     ? 
_exptl.absorpt_correction_T_max   ? 
_exptl.absorpt_correction_T_min   ? 
_exptl.absorpt_correction_type    ? 
_exptl.absorpt_process_details    ? 
_exptl.entry_id                   9PHP 
_exptl.crystals_number            1 
_exptl.details                    ? 
_exptl.method                     'X-RAY DIFFRACTION' 
_exptl.method_details             ? 
# 
_exptl_crystal.colour                       ? 
_exptl_crystal.density_diffrn               ? 
_exptl_crystal.density_Matthews             6.98 
_exptl_crystal.density_method               ? 
_exptl_crystal.density_percent_sol          82.37 
_exptl_crystal.description                  ? 
_exptl_crystal.F_000                        ? 
_exptl_crystal.id                           1 
_exptl_crystal.preparation                  ? 
_exptl_crystal.size_max                     ? 
_exptl_crystal.size_mid                     ? 
_exptl_crystal.size_min                     ? 
_exptl_crystal.size_rad                     ? 
_exptl_crystal.colour_lustre                ? 
_exptl_crystal.colour_modifier              ? 
_exptl_crystal.colour_primary               ? 
_exptl_crystal.density_meas                 ? 
_exptl_crystal.density_meas_esd             ? 
_exptl_crystal.density_meas_gt              ? 
_exptl_crystal.density_meas_lt              ? 
_exptl_crystal.density_meas_temp            ? 
_exptl_crystal.density_meas_temp_esd        ? 
_exptl_crystal.density_meas_temp_gt         ? 
_exptl_crystal.density_meas_temp_lt         ? 
_exptl_crystal.pdbx_crystal_image_url       ? 
_exptl_crystal.pdbx_crystal_image_format    ? 
_exptl_crystal.pdbx_mosaicity               ? 
_exptl_crystal.pdbx_mosaicity_esd           ? 
_exptl_crystal.pdbx_mosaic_method           ? 
_exptl_crystal.pdbx_mosaic_block_size       ? 
_exptl_crystal.pdbx_mosaic_block_size_esd   ? 
# 
_exptl_crystal_grow.apparatus       ? 
_exptl_crystal_grow.atmosphere      ? 
_exptl_crystal_grow.crystal_id      1 
_exptl_crystal_grow.details         ? 
_exptl_crystal_grow.method          'VAPOR DIFFUSION, HANGING DROP' 
_exptl_crystal_grow.method_ref      ? 
_exptl_crystal_grow.pH              ? 
_exptl_crystal_grow.pressure        ? 
_exptl_crystal_grow.pressure_esd    ? 
_exptl_crystal_grow.seeding         ? 
_exptl_crystal_grow.seeding_ref     ? 
_exptl_crystal_grow.temp_details    '338-293 at 0.4/hr' 
_exptl_crystal_grow.temp_esd        ? 
_exptl_crystal_grow.time            ? 
_exptl_crystal_grow.pdbx_details    '100 mM MOPS, 1.25 M magnesium sulfate' 
_exptl_crystal_grow.pdbx_pH_range   ? 
_exptl_crystal_grow.temp            293 
# 
_diffrn.ambient_environment              ? 
_diffrn.ambient_temp                     100 
_diffrn.ambient_temp_details             ? 
_diffrn.ambient_temp_esd                 ? 
_diffrn.crystal_id                       1 
_diffrn.crystal_support                  ? 
_diffrn.crystal_treatment                ? 
_diffrn.details                          ? 
_diffrn.id                               1 
_diffrn.ambient_pressure                 ? 
_diffrn.ambient_pressure_esd             ? 
_diffrn.ambient_pressure_gt              ? 
_diffrn.ambient_pressure_lt              ? 
_diffrn.ambient_temp_gt                  ? 
_diffrn.ambient_temp_lt                  ? 
_diffrn.pdbx_serial_crystal_experiment   N 
# 
_diffrn_detector.details                      ? 
_diffrn_detector.detector                     PIXEL 
_diffrn_detector.diffrn_id                    1 
_diffrn_detector.type                         'DECTRIS EIGER X 9M' 
_diffrn_detector.area_resol_mean              ? 
_diffrn_detector.dtime                        ? 
_diffrn_detector.pdbx_frames_total            ? 
_diffrn_detector.pdbx_collection_time_total   ? 
_diffrn_detector.pdbx_collection_date         2022-12-11 
_diffrn_detector.pdbx_frequency               ? 
_diffrn_detector.id                           ? 
_diffrn_detector.number_of_axes               ? 
# 
_diffrn_radiation.collimation                      ? 
_diffrn_radiation.diffrn_id                        1 
_diffrn_radiation.filter_edge                      ? 
_diffrn_radiation.inhomogeneity                    ? 
_diffrn_radiation.monochromator                    ? 
_diffrn_radiation.polarisn_norm                    ? 
_diffrn_radiation.polarisn_ratio                   ? 
_diffrn_radiation.probe                            ? 
_diffrn_radiation.type                             ? 
_diffrn_radiation.xray_symbol                      ? 
_diffrn_radiation.wavelength_id                    1 
_diffrn_radiation.pdbx_monochromatic_or_laue_m_l   M 
_diffrn_radiation.pdbx_wavelength_list             ? 
_diffrn_radiation.pdbx_wavelength                  ? 
_diffrn_radiation.pdbx_diffrn_protocol             'SINGLE WAVELENGTH' 
_diffrn_radiation.pdbx_analyzer                    ? 
_diffrn_radiation.pdbx_scattering_type             x-ray 
# 
_diffrn_radiation_wavelength.id           1 
_diffrn_radiation_wavelength.wavelength   1.007430 
_diffrn_radiation_wavelength.wt           1.0 
# 
_diffrn_source.current                     ? 
_diffrn_source.details                     ? 
_diffrn_source.diffrn_id                   1 
_diffrn_source.power                       ? 
_diffrn_source.size                        ? 
_diffrn_source.source                      SYNCHROTRON 
_diffrn_source.target                      ? 
_diffrn_source.type                        'APS BEAMLINE 17-ID' 
_diffrn_source.voltage                     ? 
_diffrn_source.take-off_angle              ? 
_diffrn_source.pdbx_wavelength_list        1.007430 
_diffrn_source.pdbx_wavelength             ? 
_diffrn_source.pdbx_synchrotron_beamline   17-ID 
_diffrn_source.pdbx_synchrotron_site       APS 
# 
_reflns.B_iso_Wilson_estimate                          305.48 
_reflns.entry_id                                       9PHP 
_reflns.data_reduction_details                         ? 
_reflns.data_reduction_method                          ? 
_reflns.d_resolution_high                              4.328 
_reflns.d_resolution_low                               64.103 
_reflns.details                                        ? 
_reflns.limit_h_max                                    ? 
_reflns.limit_h_min                                    ? 
_reflns.limit_k_max                                    ? 
_reflns.limit_k_min                                    ? 
_reflns.limit_l_max                                    ? 
_reflns.limit_l_min                                    ? 
_reflns.number_all                                     ? 
_reflns.number_obs                                     2217 
_reflns.observed_criterion                             ? 
_reflns.observed_criterion_F_max                       ? 
_reflns.observed_criterion_F_min                       ? 
_reflns.observed_criterion_I_max                       ? 
_reflns.observed_criterion_I_min                       ? 
_reflns.observed_criterion_sigma_F                     ? 
_reflns.observed_criterion_sigma_I                     ? 
_reflns.percent_possible_obs                           92.3 
_reflns.R_free_details                                 ? 
_reflns.Rmerge_F_all                                   ? 
_reflns.Rmerge_F_obs                                   ? 
_reflns.Friedel_coverage                               ? 
_reflns.number_gt                                      ? 
_reflns.threshold_expression                           ? 
_reflns.pdbx_redundancy                                67.5 
_reflns.pdbx_netI_over_av_sigmaI                       ? 
_reflns.pdbx_netI_over_sigmaI                          31.4 
_reflns.pdbx_res_netI_over_av_sigmaI_2                 ? 
_reflns.pdbx_res_netI_over_sigmaI_2                    ? 
_reflns.pdbx_chi_squared                               ? 
_reflns.pdbx_scaling_rejects                           ? 
_reflns.pdbx_d_res_high_opt                            ? 
_reflns.pdbx_d_res_low_opt                             ? 
_reflns.pdbx_d_res_opt_method                          ? 
_reflns.phase_calculation_details                      ? 
_reflns.pdbx_Rrim_I_all                                ? 
_reflns.pdbx_Rpim_I_all                                ? 
_reflns.pdbx_d_opt                                     ? 
_reflns.pdbx_number_measured_all                       ? 
_reflns.pdbx_diffrn_id                                 1 
_reflns.pdbx_ordinal                                   1 
_reflns.pdbx_CC_half                                   1.000 
_reflns.pdbx_CC_star                                   ? 
_reflns.pdbx_R_split                                   ? 
_reflns.pdbx_Rmerge_I_obs                              ? 
_reflns.pdbx_Rmerge_I_all                              ? 
_reflns.pdbx_Rsym_value                                ? 
_reflns.pdbx_CC_split_method                           ? 
_reflns.pdbx_aniso_diffraction_limit_axis_1_ortho[1]   ? 
_reflns.pdbx_aniso_diffraction_limit_axis_1_ortho[2]   ? 
_reflns.pdbx_aniso_diffraction_limit_axis_1_ortho[3]   ? 
_reflns.pdbx_aniso_diffraction_limit_axis_2_ortho[1]   ? 
_reflns.pdbx_aniso_diffraction_limit_axis_2_ortho[2]   ? 
_reflns.pdbx_aniso_diffraction_limit_axis_2_ortho[3]   ? 
_reflns.pdbx_aniso_diffraction_limit_axis_3_ortho[1]   ? 
_reflns.pdbx_aniso_diffraction_limit_axis_3_ortho[2]   ? 
_reflns.pdbx_aniso_diffraction_limit_axis_3_ortho[3]   ? 
_reflns.pdbx_aniso_diffraction_limit_1                 ? 
_reflns.pdbx_aniso_diffraction_limit_2                 ? 
_reflns.pdbx_aniso_diffraction_limit_3                 ? 
_reflns.pdbx_aniso_B_tensor_eigenvector_1_ortho[1]     ? 
_reflns.pdbx_aniso_B_tensor_eigenvector_1_ortho[2]     ? 
_reflns.pdbx_aniso_B_tensor_eigenvector_1_ortho[3]     ? 
_reflns.pdbx_aniso_B_tensor_eigenvector_2_ortho[1]     ? 
_reflns.pdbx_aniso_B_tensor_eigenvector_2_ortho[2]     ? 
_reflns.pdbx_aniso_B_tensor_eigenvector_2_ortho[3]     ? 
_reflns.pdbx_aniso_B_tensor_eigenvector_3_ortho[1]     ? 
_reflns.pdbx_aniso_B_tensor_eigenvector_3_ortho[2]     ? 
_reflns.pdbx_aniso_B_tensor_eigenvector_3_ortho[3]     ? 
_reflns.pdbx_aniso_B_tensor_eigenvalue_1               ? 
_reflns.pdbx_aniso_B_tensor_eigenvalue_2               ? 
_reflns.pdbx_aniso_B_tensor_eigenvalue_3               ? 
_reflns.pdbx_orthogonalization_convention              ? 
_reflns.pdbx_percent_possible_ellipsoidal              ? 
_reflns.pdbx_percent_possible_spherical                ? 
_reflns.pdbx_percent_possible_ellipsoidal_anomalous    ? 
_reflns.pdbx_percent_possible_spherical_anomalous      ? 
_reflns.pdbx_redundancy_anomalous                      ? 
_reflns.pdbx_CC_half_anomalous                         ? 
_reflns.pdbx_absDiff_over_sigma_anomalous              ? 
_reflns.pdbx_percent_possible_anomalous                ? 
_reflns.pdbx_observed_signal_threshold                 ? 
_reflns.pdbx_signal_type                               ? 
_reflns.pdbx_signal_details                            ? 
_reflns.pdbx_signal_software_id                        ? 
# 
loop_
_reflns_shell.d_res_high 
_reflns_shell.d_res_low 
_reflns_shell.meanI_over_sigI_all 
_reflns_shell.meanI_over_sigI_obs 
_reflns_shell.number_measured_all 
_reflns_shell.number_measured_obs 
_reflns_shell.number_possible 
_reflns_shell.number_unique_all 
_reflns_shell.number_unique_obs 
_reflns_shell.percent_possible_obs 
_reflns_shell.Rmerge_F_all 
_reflns_shell.Rmerge_F_obs 
_reflns_shell.meanI_over_sigI_gt 
_reflns_shell.meanI_over_uI_all 
_reflns_shell.meanI_over_uI_gt 
_reflns_shell.number_measured_gt 
_reflns_shell.number_unique_gt 
_reflns_shell.percent_possible_gt 
_reflns_shell.Rmerge_F_gt 
_reflns_shell.Rmerge_I_gt 
_reflns_shell.pdbx_redundancy 
_reflns_shell.pdbx_chi_squared 
_reflns_shell.pdbx_netI_over_sigmaI_all 
_reflns_shell.pdbx_netI_over_sigmaI_obs 
_reflns_shell.pdbx_Rrim_I_all 
_reflns_shell.pdbx_Rpim_I_all 
_reflns_shell.pdbx_rejects 
_reflns_shell.pdbx_ordinal 
_reflns_shell.pdbx_diffrn_id 
_reflns_shell.pdbx_CC_half 
_reflns_shell.pdbx_CC_star 
_reflns_shell.pdbx_R_split 
_reflns_shell.percent_possible_all 
_reflns_shell.Rmerge_I_all 
_reflns_shell.Rmerge_I_obs 
_reflns_shell.pdbx_Rsym_value 
_reflns_shell.pdbx_percent_possible_ellipsoidal 
_reflns_shell.pdbx_percent_possible_spherical 
_reflns_shell.pdbx_percent_possible_ellipsoidal_anomalous 
_reflns_shell.pdbx_percent_possible_spherical_anomalous 
_reflns_shell.pdbx_redundancy_anomalous 
_reflns_shell.pdbx_CC_half_anomalous 
_reflns_shell.pdbx_absDiff_over_sigma_anomalous 
_reflns_shell.pdbx_percent_possible_anomalous 
4.328  4.591  ? ? ? ? ? ? 201 ? ? ? ? ? ? ? ? ? ? ? ? ? ? ? ? ? ? 1 1 0.772 ? ? ? ? ? ? ? ? ? ? ? ? ? ? 
10.445 64.103 ? ? ? ? ? ? 200 ? ? ? ? ? ? ? ? ? ? ? ? ? ? ? ? ? ? 2 1 1.000 ? ? ? ? ? ? ? ? ? ? ? ? ? ? 
# 
_refine.aniso_B[1][1]                            ? 
_refine.aniso_B[1][2]                            ? 
_refine.aniso_B[1][3]                            ? 
_refine.aniso_B[2][2]                            ? 
_refine.aniso_B[2][3]                            ? 
_refine.aniso_B[3][3]                            ? 
_refine.B_iso_max                                ? 
_refine.B_iso_mean                               299.85 
_refine.B_iso_min                                ? 
_refine.correlation_coeff_Fo_to_Fc               ? 
_refine.correlation_coeff_Fo_to_Fc_free          ? 
_refine.details                                  ? 
_refine.diff_density_max                         ? 
_refine.diff_density_max_esd                     ? 
_refine.diff_density_min                         ? 
_refine.diff_density_min_esd                     ? 
_refine.diff_density_rms                         ? 
_refine.diff_density_rms_esd                     ? 
_refine.entry_id                                 9PHP 
_refine.pdbx_refine_id                           'X-RAY DIFFRACTION' 
_refine.ls_abs_structure_details                 ? 
_refine.ls_abs_structure_Flack                   ? 
_refine.ls_abs_structure_Flack_esd               ? 
_refine.ls_abs_structure_Rogers                  ? 
_refine.ls_abs_structure_Rogers_esd              ? 
_refine.ls_d_res_high                            4.33 
_refine.ls_d_res_low                             33.48 
_refine.ls_extinction_coef                       ? 
_refine.ls_extinction_coef_esd                   ? 
_refine.ls_extinction_expression                 ? 
_refine.ls_extinction_method                     ? 
_refine.ls_goodness_of_fit_all                   ? 
_refine.ls_goodness_of_fit_all_esd               ? 
_refine.ls_goodness_of_fit_obs                   ? 
_refine.ls_goodness_of_fit_obs_esd               ? 
_refine.ls_hydrogen_treatment                    ? 
_refine.ls_matrix_type                           ? 
_refine.ls_number_constraints                    ? 
_refine.ls_number_parameters                     ? 
_refine.ls_number_reflns_all                     ? 
_refine.ls_number_reflns_obs                     2202 
_refine.ls_number_reflns_R_free                  103 
_refine.ls_number_reflns_R_work                  2099 
_refine.ls_number_restraints                     ? 
_refine.ls_percent_reflns_obs                    91.75 
_refine.ls_percent_reflns_R_free                 4.68 
_refine.ls_R_factor_all                          ? 
_refine.ls_R_factor_obs                          0.1794 
_refine.ls_R_factor_R_free                       0.2041 
_refine.ls_R_factor_R_free_error                 ? 
_refine.ls_R_factor_R_free_error_details         ? 
_refine.ls_R_factor_R_work                       0.1782 
_refine.ls_R_Fsqd_factor_obs                     ? 
_refine.ls_R_I_factor_obs                        ? 
_refine.ls_redundancy_reflns_all                 ? 
_refine.ls_redundancy_reflns_obs                 ? 
_refine.ls_restrained_S_all                      ? 
_refine.ls_restrained_S_obs                      ? 
_refine.ls_shift_over_esd_max                    ? 
_refine.ls_shift_over_esd_mean                   ? 
_refine.ls_structure_factor_coef                 ? 
_refine.ls_weighting_details                     ? 
_refine.ls_weighting_scheme                      ? 
_refine.ls_wR_factor_all                         ? 
_refine.ls_wR_factor_obs                         ? 
_refine.ls_wR_factor_R_free                      ? 
_refine.ls_wR_factor_R_work                      ? 
_refine.occupancy_max                            ? 
_refine.occupancy_min                            ? 
_refine.solvent_model_details                    'FLAT BULK SOLVENT MODEL' 
_refine.solvent_model_param_bsol                 ? 
_refine.solvent_model_param_ksol                 ? 
_refine.correlation_coeff_I_to_Fcsqd_work        ? 
_refine.correlation_coeff_I_to_Fcsqd_free        ? 
_refine.pdbx_R_complete                          ? 
_refine.ls_R_factor_gt                           ? 
_refine.ls_goodness_of_fit_gt                    ? 
_refine.ls_goodness_of_fit_ref                   ? 
_refine.ls_shift_over_su_max                     ? 
_refine.ls_shift_over_su_max_lt                  ? 
_refine.ls_shift_over_su_mean                    ? 
_refine.ls_shift_over_su_mean_lt                 ? 
_refine.pdbx_ls_sigma_I                          ? 
_refine.pdbx_ls_sigma_F                          1.36 
_refine.pdbx_ls_sigma_Fsqd                       ? 
_refine.pdbx_data_cutoff_high_absF               ? 
_refine.pdbx_data_cutoff_high_rms_absF           ? 
_refine.pdbx_data_cutoff_low_absF                ? 
_refine.pdbx_isotropic_thermal_model             ? 
_refine.pdbx_ls_cross_valid_method               'FREE R-VALUE' 
_refine.pdbx_method_to_determine_struct          'MOLECULAR REPLACEMENT' 
_refine.pdbx_starting_model                      ? 
_refine.pdbx_stereochemistry_target_values       'GeoStd + Monomer Library + CDL v1.2' 
_refine.pdbx_R_Free_selection_details            ? 
_refine.pdbx_stereochem_target_val_spec_case     ? 
_refine.pdbx_overall_ESU_R                       ? 
_refine.pdbx_overall_ESU_R_Free                  ? 
_refine.pdbx_solvent_vdw_probe_radii             1.1000 
_refine.pdbx_solvent_ion_probe_radii             ? 
_refine.pdbx_solvent_shrinkage_radii             0.9000 
_refine.pdbx_real_space_R                        ? 
_refine.pdbx_density_correlation                 ? 
_refine.pdbx_pd_number_of_powder_patterns        ? 
_refine.pdbx_pd_number_of_points                 ? 
_refine.pdbx_pd_meas_number_of_points            ? 
_refine.pdbx_pd_proc_ls_prof_R_factor            ? 
_refine.pdbx_pd_proc_ls_prof_wR_factor           ? 
_refine.pdbx_pd_Marquardt_correlation_coeff      ? 
_refine.pdbx_pd_Fsqrd_R_factor                   ? 
_refine.pdbx_pd_ls_matrix_band_width             ? 
_refine.pdbx_overall_phase_error                 31.6552 
_refine.pdbx_overall_SU_R_free_Cruickshank_DPI   ? 
_refine.pdbx_overall_SU_R_free_Blow_DPI          ? 
_refine.pdbx_overall_SU_R_Blow_DPI               ? 
_refine.pdbx_TLS_residual_ADP_flag               ? 
_refine.pdbx_diffrn_id                           1 
_refine.overall_SU_B                             ? 
_refine.overall_SU_ML                            0.0000 
_refine.overall_SU_R_Cruickshank_DPI             ? 
_refine.overall_SU_R_free                        ? 
_refine.overall_FOM_free_R_set                   ? 
_refine.overall_FOM_work_R_set                   ? 
_refine.pdbx_average_fsc_overall                 ? 
_refine.pdbx_average_fsc_work                    ? 
_refine.pdbx_average_fsc_free                    ? 
# 
_refine_hist.pdbx_refine_id                   'X-RAY DIFFRACTION' 
_refine_hist.cycle_id                         LAST 
_refine_hist.details                          ? 
_refine_hist.d_res_high                       4.33 
_refine_hist.d_res_low                        33.48 
_refine_hist.number_atoms_solvent             0 
_refine_hist.number_atoms_total               773 
_refine_hist.number_reflns_all                ? 
_refine_hist.number_reflns_obs                ? 
_refine_hist.number_reflns_R_free             ? 
_refine_hist.number_reflns_R_work             ? 
_refine_hist.R_factor_all                     ? 
_refine_hist.R_factor_obs                     ? 
_refine_hist.R_factor_R_free                  ? 
_refine_hist.R_factor_R_work                  ? 
_refine_hist.pdbx_number_residues_total       ? 
_refine_hist.pdbx_B_iso_mean_ligand           ? 
_refine_hist.pdbx_B_iso_mean_solvent          ? 
_refine_hist.pdbx_number_atoms_protein        0 
_refine_hist.pdbx_number_atoms_nucleic_acid   773 
_refine_hist.pdbx_number_atoms_ligand         0 
_refine_hist.pdbx_number_atoms_lipid          ? 
_refine_hist.pdbx_number_atoms_carb           ? 
_refine_hist.pdbx_pseudo_atom_details         ? 
# 
loop_
_refine_ls_restr.pdbx_refine_id 
_refine_ls_restr.criterion 
_refine_ls_restr.dev_ideal 
_refine_ls_restr.dev_ideal_target 
_refine_ls_restr.number 
_refine_ls_restr.rejects 
_refine_ls_restr.type 
_refine_ls_restr.weight 
_refine_ls_restr.pdbx_Zscore 
_refine_ls_restr.pdbx_restraint_function 
'X-RAY DIFFRACTION' ? 0.0051  ? 864  ? f_bond_d           ? ? ? 
'X-RAY DIFFRACTION' ? 0.6588  ? 1325 ? f_angle_d          ? ? ? 
'X-RAY DIFFRACTION' ? 0.0326  ? 150  ? f_chiral_restr     ? ? ? 
'X-RAY DIFFRACTION' ? 0.0031  ? 38   ? f_plane_restr      ? ? ? 
'X-RAY DIFFRACTION' ? 35.2448 ? 398  ? f_dihedral_angle_d ? ? ? 
# 
_refine_ls_shell.pdbx_refine_id                      'X-RAY DIFFRACTION' 
_refine_ls_shell.d_res_high                          4.33 
_refine_ls_shell.d_res_low                           33.48 
_refine_ls_shell.number_reflns_all                   ? 
_refine_ls_shell.number_reflns_obs                   ? 
_refine_ls_shell.number_reflns_R_free                103 
_refine_ls_shell.number_reflns_R_work                2099 
_refine_ls_shell.percent_reflns_obs                  91.75 
_refine_ls_shell.percent_reflns_R_free               ? 
_refine_ls_shell.R_factor_all                        ? 
_refine_ls_shell.R_factor_obs                        ? 
_refine_ls_shell.R_factor_R_free_error               ? 
_refine_ls_shell.R_factor_R_work                     0.1782 
_refine_ls_shell.redundancy_reflns_all               ? 
_refine_ls_shell.redundancy_reflns_obs               ? 
_refine_ls_shell.wR_factor_all                       ? 
_refine_ls_shell.wR_factor_obs                       ? 
_refine_ls_shell.wR_factor_R_free                    ? 
_refine_ls_shell.wR_factor_R_work                    ? 
_refine_ls_shell.pdbx_R_complete                     ? 
_refine_ls_shell.correlation_coeff_Fo_to_Fc          ? 
_refine_ls_shell.correlation_coeff_Fo_to_Fc_free     ? 
_refine_ls_shell.correlation_coeff_I_to_Fcsqd_work   ? 
_refine_ls_shell.correlation_coeff_I_to_Fcsqd_free   ? 
_refine_ls_shell.pdbx_total_number_of_bins_used      ? 
_refine_ls_shell.pdbx_phase_error                    ? 
_refine_ls_shell.pdbx_fsc_work                       ? 
_refine_ls_shell.pdbx_fsc_free                       ? 
_refine_ls_shell.R_factor_R_free                     0.2041 
# 
_struct.entry_id                     9PHP 
_struct.title                        
'[19-7B G|A] 19 bp tensegrity triangle that propagates via blunt-end stacking with G stacking on A at the interface' 
_struct.pdbx_model_details           ? 
_struct.pdbx_formula_weight          ? 
_struct.pdbx_formula_weight_method   ? 
_struct.pdbx_model_type_details      ? 
_struct.pdbx_CASP_flag               N 
# 
_struct_keywords.entry_id        9PHP 
_struct_keywords.text            'tensegrity triangle, DNA' 
_struct_keywords.pdbx_keywords   DNA 
# 
loop_
_struct_asym.id 
_struct_asym.pdbx_blank_PDB_chainid_flag 
_struct_asym.pdbx_modified 
_struct_asym.entity_id 
_struct_asym.details 
A N N 1 ? 
B N N 2 ? 
C N N 3 ? 
D N N 4 ? 
# 
loop_
_struct_ref.id 
_struct_ref.db_name 
_struct_ref.db_code 
_struct_ref.pdbx_db_accession 
_struct_ref.pdbx_db_isoform 
_struct_ref.entity_id 
_struct_ref.pdbx_seq_one_letter_code 
_struct_ref.pdbx_align_begin 
1 PDB 9PHP 9PHP ? 1 ? 1 
2 PDB 9PHP 9PHP ? 2 ? 1 
3 PDB 9PHP 9PHP ? 3 ? 1 
4 PDB 9PHP 9PHP ? 4 ? 1 
# 
loop_
_struct_ref_seq.align_id 
_struct_ref_seq.ref_id 
_struct_ref_seq.pdbx_PDB_id_code 
_struct_ref_seq.pdbx_strand_id 
_struct_ref_seq.seq_align_beg 
_struct_ref_seq.pdbx_seq_align_beg_ins_code 
_struct_ref_seq.seq_align_end 
_struct_ref_seq.pdbx_seq_align_end_ins_code 
_struct_ref_seq.pdbx_db_accession 
_struct_ref_seq.db_align_beg 
_struct_ref_seq.pdbx_db_align_beg_ins_code 
_struct_ref_seq.db_align_end 
_struct_ref_seq.pdbx_db_align_end_ins_code 
_struct_ref_seq.pdbx_auth_seq_align_beg 
_struct_ref_seq.pdbx_auth_seq_align_end 
1 1 9PHP E 1 ? 9  ? 9PHP 115 ? 123 ? 115 123 
2 2 9PHP A 1 ? 10 ? 9PHP 105 ? 114 ? 105 114 
3 3 9PHP B 1 ? 7  ? 9PHP 122 ? 128 ? 122 128 
4 4 9PHP C 1 ? 12 ? 9PHP 104 ? 115 ? 104 115 
# 
_pdbx_struct_assembly.id                   1 
_pdbx_struct_assembly.details              author_defined_assembly 
_pdbx_struct_assembly.method_details       ? 
_pdbx_struct_assembly.oligomeric_details   dodecameric 
_pdbx_struct_assembly.oligomeric_count     12 
# 
loop_
_pdbx_struct_assembly_gen.assembly_id 
_pdbx_struct_assembly_gen.oper_expression 
_pdbx_struct_assembly_gen.asym_id_list 
1 1 A,B,C,D 
1 2 A,B,C,D 
1 3 A,B,C,D 
# 
_pdbx_struct_assembly_auth_evidence.id                     1 
_pdbx_struct_assembly_auth_evidence.assembly_id            1 
_pdbx_struct_assembly_auth_evidence.experimental_support   'native gel electrophoresis' 
_pdbx_struct_assembly_auth_evidence.details                ? 
# 
loop_
_pdbx_struct_oper_list.id 
_pdbx_struct_oper_list.type 
_pdbx_struct_oper_list.name 
_pdbx_struct_oper_list.symmetry_operation 
_pdbx_struct_oper_list.matrix[1][1] 
_pdbx_struct_oper_list.matrix[1][2] 
_pdbx_struct_oper_list.matrix[1][3] 
_pdbx_struct_oper_list.vector[1] 
_pdbx_struct_oper_list.matrix[2][1] 
_pdbx_struct_oper_list.matrix[2][2] 
_pdbx_struct_oper_list.matrix[2][3] 
_pdbx_struct_oper_list.vector[2] 
_pdbx_struct_oper_list.matrix[3][1] 
_pdbx_struct_oper_list.matrix[3][2] 
_pdbx_struct_oper_list.matrix[3][3] 
_pdbx_struct_oper_list.vector[3] 
1 'identity operation'         1_555  x,y,z           1.0000000000  0.0000000000  0.0000000000  0.0000000000  0.0000000000  1.0000000000 0.0000000000 0.0000000000  0.0000000000  0.0000000000 1.0000000000  0.0000000000  
2 'crystal symmetry operation' 7_555  -z+1/2,-x,y+1/2 -0.4999970420 -0.2626965729 0.8252232841  8.9234116008  0.2667078146  0.8598625392 0.4353198311 -9.9512085909 -0.8239356162 0.4377521265 -0.3598654972 30.9582244273 
3 'crystal symmetry operation' 10_545 -y,z-1/2,-x+1/2 -0.4999970420 0.2667078146  -0.8239356162 32.6233282207 -0.2626965729 0.8598625392 0.4377521265 -2.6512074433 0.8252232841  0.4353198311 -0.3598654972 8.1089482427 
# 
loop_
_struct_conn.id 
_struct_conn.conn_type_id 
_struct_conn.pdbx_leaving_atom_flag 
_struct_conn.pdbx_PDB_id 
_struct_conn.ptnr1_label_asym_id 
_struct_conn.ptnr1_label_comp_id 
_struct_conn.ptnr1_label_seq_id 
_struct_conn.ptnr1_label_atom_id 
_struct_conn.pdbx_ptnr1_label_alt_id 
_struct_conn.pdbx_ptnr1_PDB_ins_code 
_struct_conn.pdbx_ptnr1_standard_comp_id 
_struct_conn.ptnr1_symmetry 
_struct_conn.ptnr2_label_asym_id 
_struct_conn.ptnr2_label_comp_id 
_struct_conn.ptnr2_label_seq_id 
_struct_conn.ptnr2_label_atom_id 
_struct_conn.pdbx_ptnr2_label_alt_id 
_struct_conn.pdbx_ptnr2_PDB_ins_code 
_struct_conn.ptnr1_auth_asym_id 
_struct_conn.ptnr1_auth_comp_id 
_struct_conn.ptnr1_auth_seq_id 
_struct_conn.ptnr2_auth_asym_id 
_struct_conn.ptnr2_auth_comp_id 
_struct_conn.ptnr2_auth_seq_id 
_struct_conn.ptnr2_symmetry 
_struct_conn.pdbx_ptnr3_label_atom_id 
_struct_conn.pdbx_ptnr3_label_seq_id 
_struct_conn.pdbx_ptnr3_label_comp_id 
_struct_conn.pdbx_ptnr3_label_asym_id 
_struct_conn.pdbx_ptnr3_label_alt_id 
_struct_conn.pdbx_ptnr3_PDB_ins_code 
_struct_conn.details 
_struct_conn.pdbx_dist_value 
_struct_conn.pdbx_value_order 
_struct_conn.pdbx_role 
hydrog1  hydrog ? ? B DG 1  N1 ? ? ? 1_555 D DC 12 N3 ? ? A DG 105 C DC 115 1_555 ? ? ? ? ? ? WATSON-CRICK ? ? ? 
hydrog2  hydrog ? ? B DG 1  N2 ? ? ? 1_555 D DC 12 O2 ? ? A DG 105 C DC 115 1_555 ? ? ? ? ? ? WATSON-CRICK ? ? ? 
hydrog3  hydrog ? ? B DG 1  O6 ? ? ? 1_555 D DC 12 N4 ? ? A DG 105 C DC 115 1_555 ? ? ? ? ? ? WATSON-CRICK ? ? ? 
hydrog4  hydrog ? ? B DC 2  N3 ? ? ? 1_555 D DG 11 N1 ? ? A DC 106 C DG 114 1_555 ? ? ? ? ? ? WATSON-CRICK ? ? ? 
hydrog5  hydrog ? ? B DC 2  N4 ? ? ? 1_555 D DG 11 O6 ? ? A DC 106 C DG 114 1_555 ? ? ? ? ? ? WATSON-CRICK ? ? ? 
hydrog6  hydrog ? ? B DC 2  O2 ? ? ? 1_555 D DG 11 N2 ? ? A DC 106 C DG 114 1_555 ? ? ? ? ? ? WATSON-CRICK ? ? ? 
hydrog7  hydrog ? ? B DA 3  N1 ? ? ? 1_555 D DT 10 N3 ? ? A DA 107 C DT 113 1_555 ? ? ? ? ? ? WATSON-CRICK ? ? ? 
hydrog8  hydrog ? ? B DA 3  N6 ? ? ? 1_555 D DT 10 O4 ? ? A DA 107 C DT 113 1_555 ? ? ? ? ? ? WATSON-CRICK ? ? ? 
hydrog9  hydrog ? ? B DG 4  N1 ? ? ? 1_555 D DC 9  N3 ? ? A DG 108 C DC 112 1_555 ? ? ? ? ? ? WATSON-CRICK ? ? ? 
hydrog10 hydrog ? ? B DG 4  N2 ? ? ? 1_555 D DC 9  O2 ? ? A DG 108 C DC 112 1_555 ? ? ? ? ? ? WATSON-CRICK ? ? ? 
hydrog11 hydrog ? ? B DG 4  O6 ? ? ? 1_555 D DC 9  N4 ? ? A DG 108 C DC 112 1_555 ? ? ? ? ? ? WATSON-CRICK ? ? ? 
hydrog12 hydrog ? ? B DC 5  N3 ? ? ? 1_555 D DG 8  N1 ? ? A DC 109 C DG 111 1_555 ? ? ? ? ? ? WATSON-CRICK ? ? ? 
hydrog13 hydrog ? ? B DC 5  N4 ? ? ? 1_555 D DG 8  O6 ? ? A DC 109 C DG 111 1_555 ? ? ? ? ? ? WATSON-CRICK ? ? ? 
hydrog14 hydrog ? ? B DC 5  O2 ? ? ? 1_555 D DG 8  N2 ? ? A DC 109 C DG 111 1_555 ? ? ? ? ? ? WATSON-CRICK ? ? ? 
hydrog15 hydrog ? ? B DC 6  N3 ? ? ? 1_555 D DG 7  N1 ? ? A DC 110 C DG 110 1_555 ? ? ? ? ? ? WATSON-CRICK ? ? ? 
hydrog16 hydrog ? ? B DC 6  N4 ? ? ? 1_555 D DG 7  O6 ? ? A DC 110 C DG 110 1_555 ? ? ? ? ? ? WATSON-CRICK ? ? ? 
hydrog17 hydrog ? ? B DC 6  O2 ? ? ? 1_555 D DG 7  N2 ? ? A DC 110 C DG 110 1_555 ? ? ? ? ? ? WATSON-CRICK ? ? ? 
hydrog18 hydrog ? ? B DT 7  N3 ? ? ? 1_555 C DA 4  N1 ? ? A DT 111 B DA 125 1_555 ? ? ? ? ? ? WATSON-CRICK ? ? ? 
hydrog19 hydrog ? ? B DT 7  O4 ? ? ? 1_555 C DA 4  N6 ? ? A DT 111 B DA 125 1_555 ? ? ? ? ? ? WATSON-CRICK ? ? ? 
hydrog20 hydrog ? ? B DG 8  N1 ? ? ? 1_555 C DC 3  N3 ? ? A DG 112 B DC 124 1_555 ? ? ? ? ? ? WATSON-CRICK ? ? ? 
hydrog21 hydrog ? ? B DG 8  N2 ? ? ? 1_555 C DC 3  O2 ? ? A DG 112 B DC 124 1_555 ? ? ? ? ? ? WATSON-CRICK ? ? ? 
hydrog22 hydrog ? ? B DG 8  O6 ? ? ? 1_555 C DC 3  N4 ? ? A DG 112 B DC 124 1_555 ? ? ? ? ? ? WATSON-CRICK ? ? ? 
hydrog23 hydrog ? ? B DT 9  N3 ? ? ? 1_555 C DA 2  N1 ? ? A DT 113 B DA 123 1_555 ? ? ? ? ? ? WATSON-CRICK ? ? ? 
hydrog24 hydrog ? ? B DT 9  O4 ? ? ? 1_555 C DA 2  N6 ? ? A DT 113 B DA 123 1_555 ? ? ? ? ? ? WATSON-CRICK ? ? ? 
hydrog25 hydrog ? ? B DA 10 N1 ? ? ? 1_555 C DT 1  N3 ? ? A DA 114 B DT 122 1_555 ? ? ? ? ? ? WATSON-CRICK ? ? ? 
hydrog26 hydrog ? ? B DA 10 N6 ? ? ? 1_555 C DT 1  O4 ? ? A DA 114 B DT 122 1_555 ? ? ? ? ? ? WATSON-CRICK ? ? ? 
hydrog27 hydrog ? ? A DC 1  N3 ? ? ? 1_555 C DG 7  N1 ? ? E DC 115 B DG 128 1_555 ? ? ? ? ? ? WATSON-CRICK ? ? ? 
hydrog28 hydrog ? ? A DC 1  N4 ? ? ? 1_555 C DG 7  O6 ? ? E DC 115 B DG 128 1_555 ? ? ? ? ? ? WATSON-CRICK ? ? ? 
hydrog29 hydrog ? ? A DC 1  O2 ? ? ? 1_555 C DG 7  N2 ? ? E DC 115 B DG 128 1_555 ? ? ? ? ? ? WATSON-CRICK ? ? ? 
hydrog30 hydrog ? ? A DG 2  N1 ? ? ? 1_555 C DC 6  N3 ? ? E DG 116 B DC 127 1_555 ? ? ? ? ? ? WATSON-CRICK ? ? ? 
hydrog31 hydrog ? ? A DG 2  N2 ? ? ? 1_555 C DC 6  O2 ? ? E DG 116 B DC 127 1_555 ? ? ? ? ? ? WATSON-CRICK ? ? ? 
hydrog32 hydrog ? ? A DG 2  O6 ? ? ? 1_555 C DC 6  N4 ? ? E DG 116 B DC 127 1_555 ? ? ? ? ? ? WATSON-CRICK ? ? ? 
hydrog33 hydrog ? ? A DG 3  N1 ? ? ? 1_555 C DC 5  N3 ? ? E DG 117 B DC 126 1_555 ? ? ? ? ? ? WATSON-CRICK ? ? ? 
hydrog34 hydrog ? ? A DG 3  N2 ? ? ? 1_555 C DC 5  O2 ? ? E DG 117 B DC 126 1_555 ? ? ? ? ? ? WATSON-CRICK ? ? ? 
hydrog35 hydrog ? ? A DG 3  O6 ? ? ? 1_555 C DC 5  N4 ? ? E DG 117 B DC 126 1_555 ? ? ? ? ? ? WATSON-CRICK ? ? ? 
hydrog36 hydrog ? ? A DA 4  N1 ? ? ? 1_555 D DT 6  N3 ? ? E DA 118 C DT 109 1_555 ? ? ? ? ? ? WATSON-CRICK ? ? ? 
hydrog37 hydrog ? ? A DA 4  N6 ? ? ? 1_555 D DT 6  O4 ? ? E DA 118 C DT 109 1_555 ? ? ? ? ? ? WATSON-CRICK ? ? ? 
hydrog38 hydrog ? ? A DC 5  N3 ? ? ? 1_555 D DG 5  N1 ? ? E DC 119 C DG 108 1_555 ? ? ? ? ? ? WATSON-CRICK ? ? ? 
hydrog39 hydrog ? ? A DC 5  N4 ? ? ? 1_555 D DG 5  O6 ? ? E DC 119 C DG 108 1_555 ? ? ? ? ? ? WATSON-CRICK ? ? ? 
hydrog40 hydrog ? ? A DC 5  O2 ? ? ? 1_555 D DG 5  N2 ? ? E DC 119 C DG 108 1_555 ? ? ? ? ? ? WATSON-CRICK ? ? ? 
hydrog41 hydrog ? ? A DA 6  N1 ? ? ? 1_555 D DT 4  N3 ? ? E DA 120 C DT 107 1_555 ? ? ? ? ? ? WATSON-CRICK ? ? ? 
hydrog42 hydrog ? ? A DA 6  N6 ? ? ? 1_555 D DT 4  O4 ? ? E DA 120 C DT 107 1_555 ? ? ? ? ? ? WATSON-CRICK ? ? ? 
hydrog43 hydrog ? ? A DT 7  N3 ? ? ? 1_555 D DA 3  N1 ? ? E DT 121 C DA 106 1_555 ? ? ? ? ? ? WATSON-CRICK ? ? ? 
hydrog44 hydrog ? ? A DT 7  O4 ? ? ? 1_555 D DA 3  N6 ? ? E DT 121 C DA 106 1_555 ? ? ? ? ? ? WATSON-CRICK ? ? ? 
hydrog45 hydrog ? ? A DC 8  N3 ? ? ? 1_555 D DG 2  N1 ? ? E DC 122 C DG 105 1_555 ? ? ? ? ? ? WATSON-CRICK ? ? ? 
hydrog46 hydrog ? ? A DC 8  N4 ? ? ? 1_555 D DG 2  O6 ? ? E DC 122 C DG 105 1_555 ? ? ? ? ? ? WATSON-CRICK ? ? ? 
hydrog47 hydrog ? ? A DC 8  O2 ? ? ? 1_555 D DG 2  N2 ? ? E DC 122 C DG 105 1_555 ? ? ? ? ? ? WATSON-CRICK ? ? ? 
hydrog48 hydrog ? ? A DA 9  N1 ? ? ? 1_555 D DT 1  N3 ? ? E DA 123 C DT 104 1_555 ? ? ? ? ? ? WATSON-CRICK ? ? ? 
hydrog49 hydrog ? ? A DA 9  N6 ? ? ? 1_555 D DT 1  O4 ? ? E DA 123 C DT 104 1_555 ? ? ? ? ? ? WATSON-CRICK ? ? ? 
# 
_struct_conn_type.id          hydrog 
_struct_conn_type.criteria    ? 
_struct_conn_type.reference   ? 
# 
_pdbx_entry_details.entry_id                   9PHP 
_pdbx_entry_details.compound_details           ? 
_pdbx_entry_details.source_details             ? 
_pdbx_entry_details.nonpolymer_details         ? 
_pdbx_entry_details.sequence_details           ? 
_pdbx_entry_details.has_ligand_of_interest     ? 
_pdbx_entry_details.has_protein_modification   N 
# 
loop_
_space_group_symop.id 
_space_group_symop.operation_xyz 
1  x,y,z                
2  x+1/4,-z+1/4,y+3/4   
3  x+1/4,z+3/4,-y+3/4   
4  z+1/4,y+3/4,-x+3/4   
5  -z+1/4,y+3/4,x+1/4   
6  -y+1/4,x+3/4,z+1/4   
7  y+1/4,-x+1/4,z+3/4   
8  z,x,y                
9  y,z,x                
10 -y,-z+1/2,x          
11 z,-x,-y+1/2          
12 -y+1/2,z,-x          
13 -z,-x+1/2,y          
14 -z+1/2,x,-y          
15 y,-z,-x+1/2          
16 x,-y,-z+1/2          
17 -x+1/2,y,-z          
18 -x,-y+1/2,z          
19 y+1/4,x+3/4,-z+3/4   
20 -y+1/4,-x+1/4,-z+1/4 
21 z+1/4,-y+1/4,x+3/4   
22 -z+1/4,-y+1/4,-x+1/4 
23 -x+1/4,z+3/4,y+1/4   
24 -x+1/4,-z+1/4,-y+1/4 
25 x+1/2,y+1/2,z+1/2    
26 x+3/4,-z+3/4,y+5/4   
27 x+3/4,z+5/4,-y+5/4   
28 z+3/4,y+5/4,-x+5/4   
29 -z+3/4,y+5/4,x+3/4   
30 -y+3/4,x+5/4,z+3/4   
31 y+3/4,-x+3/4,z+5/4   
32 z+1/2,x+1/2,y+1/2    
33 y+1/2,z+1/2,x+1/2    
34 -y+1/2,-z+1,x+1/2    
35 z+1/2,-x+1/2,-y+1    
36 -y+1,z+1/2,-x+1/2    
37 -z+1/2,-x+1,y+1/2    
38 -z+1,x+1/2,-y+1/2    
39 y+1/2,-z+1/2,-x+1    
40 x+1/2,-y+1/2,-z+1    
41 -x+1,y+1/2,-z+1/2    
42 -x+1/2,-y+1,z+1/2    
43 y+3/4,x+5/4,-z+5/4   
44 -y+3/4,-x+3/4,-z+3/4 
45 z+3/4,-y+3/4,x+5/4   
46 -z+3/4,-y+3/4,-x+3/4 
47 -x+3/4,z+5/4,y+3/4   
48 -x+3/4,-z+3/4,-y+3/4 
# 
loop_
_pdbx_refine_tls.id 
_pdbx_refine_tls.pdbx_refine_id 
_pdbx_refine_tls.details 
_pdbx_refine_tls.method 
_pdbx_refine_tls.origin_x 
_pdbx_refine_tls.origin_y 
_pdbx_refine_tls.origin_z 
_pdbx_refine_tls.T[1][1] 
_pdbx_refine_tls.T[1][1]_esd 
_pdbx_refine_tls.T[1][2] 
_pdbx_refine_tls.T[1][2]_esd 
_pdbx_refine_tls.T[1][3] 
_pdbx_refine_tls.T[1][3]_esd 
_pdbx_refine_tls.T[2][2] 
_pdbx_refine_tls.T[2][2]_esd 
_pdbx_refine_tls.T[2][3] 
_pdbx_refine_tls.T[2][3]_esd 
_pdbx_refine_tls.T[3][3] 
_pdbx_refine_tls.T[3][3]_esd 
_pdbx_refine_tls.L[1][1] 
_pdbx_refine_tls.L[1][1]_esd 
_pdbx_refine_tls.L[1][2] 
_pdbx_refine_tls.L[1][2]_esd 
_pdbx_refine_tls.L[1][3] 
_pdbx_refine_tls.L[1][3]_esd 
_pdbx_refine_tls.L[2][2] 
_pdbx_refine_tls.L[2][2]_esd 
_pdbx_refine_tls.L[2][3] 
_pdbx_refine_tls.L[2][3]_esd 
_pdbx_refine_tls.L[3][3] 
_pdbx_refine_tls.L[3][3]_esd 
_pdbx_refine_tls.S[1][1] 
_pdbx_refine_tls.S[1][1]_esd 
_pdbx_refine_tls.S[1][2] 
_pdbx_refine_tls.S[1][2]_esd 
_pdbx_refine_tls.S[1][3] 
_pdbx_refine_tls.S[1][3]_esd 
_pdbx_refine_tls.S[2][1] 
_pdbx_refine_tls.S[2][1]_esd 
_pdbx_refine_tls.S[2][2] 
_pdbx_refine_tls.S[2][2]_esd 
_pdbx_refine_tls.S[2][3] 
_pdbx_refine_tls.S[2][3]_esd 
_pdbx_refine_tls.S[3][1] 
_pdbx_refine_tls.S[3][1]_esd 
_pdbx_refine_tls.S[3][2] 
_pdbx_refine_tls.S[3][2]_esd 
_pdbx_refine_tls.S[3][3] 
_pdbx_refine_tls.S[3][3]_esd 
1 'X-RAY DIFFRACTION' ? refined 5.3777997400  8.6796511637  -1.9833637113 2.44151114184 ? 0.331646786227 ? -0.118776858108 ? 3.88406334181 ? 0.758620869046  ? 2.31244594302 ? 3.22176278571 ? -3.710604916734 ? 1.93800136441  ? 4.72391510912  ? -0.57920274385 ? 6.50116087713  ? 1.3936822795   ? -2.30739137040  ? -0.182416358218 ? -0.27390035884 ? -0.9035907667  ? -1.65320432926  ? -0.941242443202 ? -3.288047634348 ? -0.69419163327 ? 
2 'X-RAY DIFFRACTION' ? refined -4.3157459435 -8.183939644  1.7923640188  2.8951424571  ? 0.089713836858 ? 0.274532584800  ? 4.31186636810 ? -0.258844924400 ? 3.08693285631 ? 2.04953260835 ? 4.4264447984    ? -4.29315473309 ? 3.74837891073  ? 1.87544184348  ? 7.55176936443  ? -3.43646416015 ? 3.61334529117   ? -2.6425167487   ? 0.35372263325  ? -0.05608986650 ? 1.830506201419  ? 1.57854557867   ? 0.28028289936   ? 3.211125939710 ? 
3 'X-RAY DIFFRACTION' ? refined -0.3871507332 -1.8085288963 10.1065883445 1.97464848244 ? 0.569070257798 ? 0.47120272679   ? 6.11489033504 ? 0.47910241817   ? 2.88566106277 ? 0.69390636751 ? 1.48464920107   ? -0.70317507686 ? 15.25112033624 ? 5.6231940533   ? 4.9310571963   ? 3.28581151470  ? -2.35054388749  ? 1.79895673332   ? -0.84113362635 ? -7.44691651219 ? -2.94557947729  ? -2.53397260328  ? -2.98198410005  ? 6.162490887778 ? 
4 'X-RAY DIFFRACTION' ? refined 11.7261120487 0.7228397909  -2.4523380982 2.81826905308 ? 0.580370689628 ? -0.127791000032 ? 4.51266221290 ? 0.24550790119   ? 2.35971906148 ? 1.5340419517  ? -0.37963228716  ? -2.73400501217 ? 2.5821777870   ? 3.33710220390  ? 9.18806007063  ? 2.49238297776  ? 0.88715971610   ? -0.724855785555 ? 1.38937509802  ? -1.77636865738 ? -5.81861882410  ? 5.07588554960   ? 3.83675963759   ? 0.519844751255 ? 
5 'X-RAY DIFFRACTION' ? refined -3.2235807262 0.4739107098  -2.5831875804 2.70680721089 ? 0.761807200970 ? -0.507993487304 ? 3.82444131747 ? 0.04496175883   ? 2.00493165913 ? 5.38231348596 ? -1.96320969362  ? -2.82243873    ? 2.9647813737   ? 4.81557502945  ? 10.76002239157 ? -0.04362498373 ? -0.442156555459 ? 0.487146761272  ? 2.26856586990  ? -0.5540805729  ? -0.655829533678 ? 2.45275725431   ? -1.045354130064 ? 0.525143203527 ? 
# 
loop_
_pdbx_refine_tls_group.id 
_pdbx_refine_tls_group.pdbx_refine_id 
_pdbx_refine_tls_group.refine_tls_id 
_pdbx_refine_tls_group.beg_label_asym_id 
_pdbx_refine_tls_group.beg_label_seq_id 
_pdbx_refine_tls_group.beg_auth_asym_id 
_pdbx_refine_tls_group.beg_auth_seq_id 
_pdbx_refine_tls_group.beg_PDB_ins_code 
_pdbx_refine_tls_group.end_label_asym_id 
_pdbx_refine_tls_group.end_label_seq_id 
_pdbx_refine_tls_group.end_auth_asym_id 
_pdbx_refine_tls_group.end_auth_seq_id 
_pdbx_refine_tls_group.end_PDB_ins_code 
_pdbx_refine_tls_group.selection 
_pdbx_refine_tls_group.selection_details 
1 'X-RAY DIFFRACTION' 1 A ? E 115 ? A ? E 123 ? ? 
;chain 'E' and (resid 115 through 123 )
;
2 'X-RAY DIFFRACTION' 2 B ? A 105 ? B ? A 114 ? ? 
;chain 'A' and (resid 105 through 114 )
;
3 'X-RAY DIFFRACTION' 3 C ? B 122 ? C ? B 125 ? ? 
;chain 'B' and (resid 122 through 125 )
;
4 'X-RAY DIFFRACTION' 4 C ? B 126 ? C ? B 128 ? ? 
;chain 'B' and (resid 126 through 128 )
;
5 'X-RAY DIFFRACTION' 5 D ? C 104 ? D ? C 115 ? ? 
;chain 'C' and (resid 104 through 115 )
;
# 
loop_
_chem_comp_atom.comp_id 
_chem_comp_atom.atom_id 
_chem_comp_atom.type_symbol 
_chem_comp_atom.pdbx_aromatic_flag 
_chem_comp_atom.pdbx_stereo_config 
_chem_comp_atom.pdbx_ordinal 
DA OP3    O N N 1   
DA P      P N N 2   
DA OP1    O N N 3   
DA OP2    O N N 4   
DA "O5'"  O N N 5   
DA "C5'"  C N N 6   
DA "C4'"  C N R 7   
DA "O4'"  O N N 8   
DA "C3'"  C N S 9   
DA "O3'"  O N N 10  
DA "C2'"  C N N 11  
DA "C1'"  C N R 12  
DA N9     N Y N 13  
DA C8     C Y N 14  
DA N7     N Y N 15  
DA C5     C Y N 16  
DA C6     C Y N 17  
DA N6     N N N 18  
DA N1     N Y N 19  
DA C2     C Y N 20  
DA N3     N Y N 21  
DA C4     C Y N 22  
DA HOP3   H N N 23  
DA HOP2   H N N 24  
DA "H5'"  H N N 25  
DA "H5''" H N N 26  
DA "H4'"  H N N 27  
DA "H3'"  H N N 28  
DA "HO3'" H N N 29  
DA "H2'"  H N N 30  
DA "H2''" H N N 31  
DA "H1'"  H N N 32  
DA H8     H N N 33  
DA H61    H N N 34  
DA H62    H N N 35  
DA H2     H N N 36  
DC OP3    O N N 37  
DC P      P N N 38  
DC OP1    O N N 39  
DC OP2    O N N 40  
DC "O5'"  O N N 41  
DC "C5'"  C N N 42  
DC "C4'"  C N R 43  
DC "O4'"  O N N 44  
DC "C3'"  C N S 45  
DC "O3'"  O N N 46  
DC "C2'"  C N N 47  
DC "C1'"  C N R 48  
DC N1     N N N 49  
DC C2     C N N 50  
DC O2     O N N 51  
DC N3     N N N 52  
DC C4     C N N 53  
DC N4     N N N 54  
DC C5     C N N 55  
DC C6     C N N 56  
DC HOP3   H N N 57  
DC HOP2   H N N 58  
DC "H5'"  H N N 59  
DC "H5''" H N N 60  
DC "H4'"  H N N 61  
DC "H3'"  H N N 62  
DC "HO3'" H N N 63  
DC "H2'"  H N N 64  
DC "H2''" H N N 65  
DC "H1'"  H N N 66  
DC H41    H N N 67  
DC H42    H N N 68  
DC H5     H N N 69  
DC H6     H N N 70  
DG OP3    O N N 71  
DG P      P N N 72  
DG OP1    O N N 73  
DG OP2    O N N 74  
DG "O5'"  O N N 75  
DG "C5'"  C N N 76  
DG "C4'"  C N R 77  
DG "O4'"  O N N 78  
DG "C3'"  C N S 79  
DG "O3'"  O N N 80  
DG "C2'"  C N N 81  
DG "C1'"  C N R 82  
DG N9     N Y N 83  
DG C8     C Y N 84  
DG N7     N Y N 85  
DG C5     C Y N 86  
DG C6     C N N 87  
DG O6     O N N 88  
DG N1     N N N 89  
DG C2     C N N 90  
DG N2     N N N 91  
DG N3     N N N 92  
DG C4     C Y N 93  
DG HOP3   H N N 94  
DG HOP2   H N N 95  
DG "H5'"  H N N 96  
DG "H5''" H N N 97  
DG "H4'"  H N N 98  
DG "H3'"  H N N 99  
DG "HO3'" H N N 100 
DG "H2'"  H N N 101 
DG "H2''" H N N 102 
DG "H1'"  H N N 103 
DG H8     H N N 104 
DG H1     H N N 105 
DG H21    H N N 106 
DG H22    H N N 107 
DT OP3    O N N 108 
DT P      P N N 109 
DT OP1    O N N 110 
DT OP2    O N N 111 
DT "O5'"  O N N 112 
DT "C5'"  C N N 113 
DT "C4'"  C N R 114 
DT "O4'"  O N N 115 
DT "C3'"  C N S 116 
DT "O3'"  O N N 117 
DT "C2'"  C N N 118 
DT "C1'"  C N R 119 
DT N1     N N N 120 
DT C2     C N N 121 
DT O2     O N N 122 
DT N3     N N N 123 
DT C4     C N N 124 
DT O4     O N N 125 
DT C5     C N N 126 
DT C7     C N N 127 
DT C6     C N N 128 
DT HOP3   H N N 129 
DT HOP2   H N N 130 
DT "H5'"  H N N 131 
DT "H5''" H N N 132 
DT "H4'"  H N N 133 
DT "H3'"  H N N 134 
DT "HO3'" H N N 135 
DT "H2'"  H N N 136 
DT "H2''" H N N 137 
DT "H1'"  H N N 138 
DT H3     H N N 139 
DT H71    H N N 140 
DT H72    H N N 141 
DT H73    H N N 142 
DT H6     H N N 143 
# 
loop_
_chem_comp_bond.comp_id 
_chem_comp_bond.atom_id_1 
_chem_comp_bond.atom_id_2 
_chem_comp_bond.value_order 
_chem_comp_bond.pdbx_aromatic_flag 
_chem_comp_bond.pdbx_stereo_config 
_chem_comp_bond.pdbx_ordinal 
DA OP3   P      sing N N 1   
DA OP3   HOP3   sing N N 2   
DA P     OP1    doub N N 3   
DA P     OP2    sing N N 4   
DA P     "O5'"  sing N N 5   
DA OP2   HOP2   sing N N 6   
DA "O5'" "C5'"  sing N N 7   
DA "C5'" "C4'"  sing N N 8   
DA "C5'" "H5'"  sing N N 9   
DA "C5'" "H5''" sing N N 10  
DA "C4'" "O4'"  sing N N 11  
DA "C4'" "C3'"  sing N N 12  
DA "C4'" "H4'"  sing N N 13  
DA "O4'" "C1'"  sing N N 14  
DA "C3'" "O3'"  sing N N 15  
DA "C3'" "C2'"  sing N N 16  
DA "C3'" "H3'"  sing N N 17  
DA "O3'" "HO3'" sing N N 18  
DA "C2'" "C1'"  sing N N 19  
DA "C2'" "H2'"  sing N N 20  
DA "C2'" "H2''" sing N N 21  
DA "C1'" N9     sing N N 22  
DA "C1'" "H1'"  sing N N 23  
DA N9    C8     sing Y N 24  
DA N9    C4     sing Y N 25  
DA C8    N7     doub Y N 26  
DA C8    H8     sing N N 27  
DA N7    C5     sing Y N 28  
DA C5    C6     sing Y N 29  
DA C5    C4     doub Y N 30  
DA C6    N6     sing N N 31  
DA C6    N1     doub Y N 32  
DA N6    H61    sing N N 33  
DA N6    H62    sing N N 34  
DA N1    C2     sing Y N 35  
DA C2    N3     doub Y N 36  
DA C2    H2     sing N N 37  
DA N3    C4     sing Y N 38  
DC OP3   P      sing N N 39  
DC OP3   HOP3   sing N N 40  
DC P     OP1    doub N N 41  
DC P     OP2    sing N N 42  
DC P     "O5'"  sing N N 43  
DC OP2   HOP2   sing N N 44  
DC "O5'" "C5'"  sing N N 45  
DC "C5'" "C4'"  sing N N 46  
DC "C5'" "H5'"  sing N N 47  
DC "C5'" "H5''" sing N N 48  
DC "C4'" "O4'"  sing N N 49  
DC "C4'" "C3'"  sing N N 50  
DC "C4'" "H4'"  sing N N 51  
DC "O4'" "C1'"  sing N N 52  
DC "C3'" "O3'"  sing N N 53  
DC "C3'" "C2'"  sing N N 54  
DC "C3'" "H3'"  sing N N 55  
DC "O3'" "HO3'" sing N N 56  
DC "C2'" "C1'"  sing N N 57  
DC "C2'" "H2'"  sing N N 58  
DC "C2'" "H2''" sing N N 59  
DC "C1'" N1     sing N N 60  
DC "C1'" "H1'"  sing N N 61  
DC N1    C2     sing N N 62  
DC N1    C6     sing N N 63  
DC C2    O2     doub N N 64  
DC C2    N3     sing N N 65  
DC N3    C4     doub N N 66  
DC C4    N4     sing N N 67  
DC C4    C5     sing N N 68  
DC N4    H41    sing N N 69  
DC N4    H42    sing N N 70  
DC C5    C6     doub N N 71  
DC C5    H5     sing N N 72  
DC C6    H6     sing N N 73  
DG OP3   P      sing N N 74  
DG OP3   HOP3   sing N N 75  
DG P     OP1    doub N N 76  
DG P     OP2    sing N N 77  
DG P     "O5'"  sing N N 78  
DG OP2   HOP2   sing N N 79  
DG "O5'" "C5'"  sing N N 80  
DG "C5'" "C4'"  sing N N 81  
DG "C5'" "H5'"  sing N N 82  
DG "C5'" "H5''" sing N N 83  
DG "C4'" "O4'"  sing N N 84  
DG "C4'" "C3'"  sing N N 85  
DG "C4'" "H4'"  sing N N 86  
DG "O4'" "C1'"  sing N N 87  
DG "C3'" "O3'"  sing N N 88  
DG "C3'" "C2'"  sing N N 89  
DG "C3'" "H3'"  sing N N 90  
DG "O3'" "HO3'" sing N N 91  
DG "C2'" "C1'"  sing N N 92  
DG "C2'" "H2'"  sing N N 93  
DG "C2'" "H2''" sing N N 94  
DG "C1'" N9     sing N N 95  
DG "C1'" "H1'"  sing N N 96  
DG N9    C8     sing Y N 97  
DG N9    C4     sing Y N 98  
DG C8    N7     doub Y N 99  
DG C8    H8     sing N N 100 
DG N7    C5     sing Y N 101 
DG C5    C6     sing N N 102 
DG C5    C4     doub Y N 103 
DG C6    O6     doub N N 104 
DG C6    N1     sing N N 105 
DG N1    C2     sing N N 106 
DG N1    H1     sing N N 107 
DG C2    N2     sing N N 108 
DG C2    N3     doub N N 109 
DG N2    H21    sing N N 110 
DG N2    H22    sing N N 111 
DG N3    C4     sing N N 112 
DT OP3   P      sing N N 113 
DT OP3   HOP3   sing N N 114 
DT P     OP1    doub N N 115 
DT P     OP2    sing N N 116 
DT P     "O5'"  sing N N 117 
DT OP2   HOP2   sing N N 118 
DT "O5'" "C5'"  sing N N 119 
DT "C5'" "C4'"  sing N N 120 
DT "C5'" "H5'"  sing N N 121 
DT "C5'" "H5''" sing N N 122 
DT "C4'" "O4'"  sing N N 123 
DT "C4'" "C3'"  sing N N 124 
DT "C4'" "H4'"  sing N N 125 
DT "O4'" "C1'"  sing N N 126 
DT "C3'" "O3'"  sing N N 127 
DT "C3'" "C2'"  sing N N 128 
DT "C3'" "H3'"  sing N N 129 
DT "O3'" "HO3'" sing N N 130 
DT "C2'" "C1'"  sing N N 131 
DT "C2'" "H2'"  sing N N 132 
DT "C2'" "H2''" sing N N 133 
DT "C1'" N1     sing N N 134 
DT "C1'" "H1'"  sing N N 135 
DT N1    C2     sing N N 136 
DT N1    C6     sing N N 137 
DT C2    O2     doub N N 138 
DT C2    N3     sing N N 139 
DT N3    C4     sing N N 140 
DT N3    H3     sing N N 141 
DT C4    O4     doub N N 142 
DT C4    C5     sing N N 143 
DT C5    C7     sing N N 144 
DT C5    C6     doub N N 145 
DT C7    H71    sing N N 146 
DT C7    H72    sing N N 147 
DT C7    H73    sing N N 148 
DT C6    H6     sing N N 149 
# 
loop_
_ndb_struct_conf_na.entry_id 
_ndb_struct_conf_na.feature 
9PHP 'double helix'        
9PHP 'a-form double helix' 
9PHP 'b-form double helix' 
# 
loop_
_ndb_struct_na_base_pair.model_number 
_ndb_struct_na_base_pair.i_label_asym_id 
_ndb_struct_na_base_pair.i_label_comp_id 
_ndb_struct_na_base_pair.i_label_seq_id 
_ndb_struct_na_base_pair.i_symmetry 
_ndb_struct_na_base_pair.j_label_asym_id 
_ndb_struct_na_base_pair.j_label_comp_id 
_ndb_struct_na_base_pair.j_label_seq_id 
_ndb_struct_na_base_pair.j_symmetry 
_ndb_struct_na_base_pair.shear 
_ndb_struct_na_base_pair.stretch 
_ndb_struct_na_base_pair.stagger 
_ndb_struct_na_base_pair.buckle 
_ndb_struct_na_base_pair.propeller 
_ndb_struct_na_base_pair.opening 
_ndb_struct_na_base_pair.pair_number 
_ndb_struct_na_base_pair.pair_name 
_ndb_struct_na_base_pair.i_auth_asym_id 
_ndb_struct_na_base_pair.i_auth_seq_id 
_ndb_struct_na_base_pair.i_PDB_ins_code 
_ndb_struct_na_base_pair.j_auth_asym_id 
_ndb_struct_na_base_pair.j_auth_seq_id 
_ndb_struct_na_base_pair.j_PDB_ins_code 
_ndb_struct_na_base_pair.hbond_type_28 
_ndb_struct_na_base_pair.hbond_type_12 
1 A DC 1  1_555 C DG 7  1_555 0.177  -0.112 0.158  -0.203  -1.697  -0.990 1  E_DC115:DG128_B E 115 ? B 128 ? 19 1 
1 A DG 2  1_555 C DC 6  1_555 -0.173 -0.171 0.385  -0.319  -7.414  -1.274 2  E_DG116:DC127_B E 116 ? B 127 ? 19 1 
1 A DG 3  1_555 C DC 5  1_555 -0.032 -0.353 0.168  0.397   -11.841 -3.313 3  E_DG117:DC126_B E 117 ? B 126 ? 19 1 
1 A DA 4  1_555 D DT 6  1_555 0.215  0.038  -0.075 -0.723  0.410   -3.606 4  E_DA118:DT109_C E 118 ? C 109 ? 20 1 
1 A DC 5  1_555 D DG 5  1_555 0.206  -0.107 0.082  2.373   0.913   0.879  5  E_DC119:DG108_C E 119 ? C 108 ? 19 1 
1 A DA 6  1_555 D DT 4  1_555 0.121  -0.110 0.161  2.246   -0.441  -3.045 6  E_DA120:DT107_C E 120 ? C 107 ? 20 1 
1 A DT 7  1_555 D DA 3  1_555 -0.116 -0.065 -0.048 1.820   -3.229  -1.781 7  E_DT121:DA106_C E 121 ? C 106 ? 20 1 
1 A DC 8  1_555 D DG 2  1_555 0.197  -0.156 0.171  -4.457  -5.667  0.490  8  E_DC122:DG105_C E 122 ? C 105 ? 19 1 
1 A DA 9  1_555 D DT 1  1_555 0.209  -0.088 -0.238 -2.952  -1.356  -1.683 9  E_DA123:DT104_C E 123 ? C 104 ? 20 1 
1 B DG 1  1_555 D DC 12 1_555 -0.198 -0.127 -0.051 -0.089  0.217   0.029  10 A_DG105:DC115_C A 105 ? C 115 ? 19 1 
1 B DC 2  1_555 D DG 11 1_555 0.183  -0.116 0.039  -2.075  -3.312  -1.818 11 A_DC106:DG114_C A 106 ? C 114 ? 19 1 
1 B DA 3  1_555 D DT 10 1_555 0.898  0.066  -0.405 -4.890  -4.328  -8.952 12 A_DA107:DT113_C A 107 ? C 113 ? 20 1 
1 B DG 4  1_555 D DC 9  1_555 -0.202 -0.179 -0.452 -2.750  -1.790  0.567  13 A_DG108:DC112_C A 108 ? C 112 ? 19 1 
1 B DC 5  1_555 D DG 8  1_555 0.213  -0.136 -0.228 -2.367  -0.546  -1.159 14 A_DC109:DG111_C A 109 ? C 111 ? 19 1 
1 B DC 6  1_555 D DG 7  1_555 0.164  -0.134 0.069  0.037   -0.185  -1.146 15 A_DC110:DG110_C A 110 ? C 110 ? 19 1 
1 B DT 7  1_555 C DA 4  1_555 -0.753 -0.275 -0.331 -11.902 -6.301  6.571  16 A_DT111:DA125_B A 111 ? B 125 ? 20 1 
1 B DG 8  1_555 C DC 3  1_555 -0.187 -0.159 -0.313 -5.591  -4.508  4.014  17 A_DG112:DC124_B A 112 ? B 124 ? 19 1 
1 B DT 9  1_555 C DA 2  1_555 -2.381 0.011  -0.184 -4.199  -4.061  -2.117 18 A_DT113:DA123_B A 113 ? B 123 ? 20 1 
1 B DA 10 1_555 C DT 1  1_555 -0.103 -0.056 0.000  1.197   -1.987  1.074  19 A_DA114:DT122_B A 114 ? B 122 ? 20 1 
# 
loop_
_ndb_struct_na_base_pair_step.model_number 
_ndb_struct_na_base_pair_step.i_label_asym_id_1 
_ndb_struct_na_base_pair_step.i_label_comp_id_1 
_ndb_struct_na_base_pair_step.i_label_seq_id_1 
_ndb_struct_na_base_pair_step.i_symmetry_1 
_ndb_struct_na_base_pair_step.j_label_asym_id_1 
_ndb_struct_na_base_pair_step.j_label_comp_id_1 
_ndb_struct_na_base_pair_step.j_label_seq_id_1 
_ndb_struct_na_base_pair_step.j_symmetry_1 
_ndb_struct_na_base_pair_step.i_label_asym_id_2 
_ndb_struct_na_base_pair_step.i_label_comp_id_2 
_ndb_struct_na_base_pair_step.i_label_seq_id_2 
_ndb_struct_na_base_pair_step.i_symmetry_2 
_ndb_struct_na_base_pair_step.j_label_asym_id_2 
_ndb_struct_na_base_pair_step.j_label_comp_id_2 
_ndb_struct_na_base_pair_step.j_label_seq_id_2 
_ndb_struct_na_base_pair_step.j_symmetry_2 
_ndb_struct_na_base_pair_step.shift 
_ndb_struct_na_base_pair_step.slide 
_ndb_struct_na_base_pair_step.rise 
_ndb_struct_na_base_pair_step.tilt 
_ndb_struct_na_base_pair_step.roll 
_ndb_struct_na_base_pair_step.twist 
_ndb_struct_na_base_pair_step.x_displacement 
_ndb_struct_na_base_pair_step.y_displacement 
_ndb_struct_na_base_pair_step.helical_rise 
_ndb_struct_na_base_pair_step.inclination 
_ndb_struct_na_base_pair_step.tip 
_ndb_struct_na_base_pair_step.helical_twist 
_ndb_struct_na_base_pair_step.step_number 
_ndb_struct_na_base_pair_step.step_name 
_ndb_struct_na_base_pair_step.i_auth_asym_id_1 
_ndb_struct_na_base_pair_step.i_auth_seq_id_1 
_ndb_struct_na_base_pair_step.i_PDB_ins_code_1 
_ndb_struct_na_base_pair_step.j_auth_asym_id_1 
_ndb_struct_na_base_pair_step.j_auth_seq_id_1 
_ndb_struct_na_base_pair_step.j_PDB_ins_code_1 
_ndb_struct_na_base_pair_step.i_auth_asym_id_2 
_ndb_struct_na_base_pair_step.i_auth_seq_id_2 
_ndb_struct_na_base_pair_step.i_PDB_ins_code_2 
_ndb_struct_na_base_pair_step.j_auth_asym_id_2 
_ndb_struct_na_base_pair_step.j_auth_seq_id_2 
_ndb_struct_na_base_pair_step.j_PDB_ins_code_2 
1 A DC 1 1_555 C DG 7  1_555 A DG 2  1_555 C DC 6  1_555 0.020  3.318  3.353 -0.421 -12.767 44.198 5.237  -0.058 2.358 -16.562 
0.546  45.918 1  EE_DC115DG116:DC127DG128_BB E 115 ? B 128 ? E 116 ? B 127 ? 
1 A DG 2 1_555 C DC 6  1_555 A DG 3  1_555 C DC 5  1_555 0.043  1.589  3.604 -6.781 -0.116  43.347 2.140  -0.767 3.554 -0.156  
9.113  43.849 2  EE_DG116DG117:DC126DC127_BB E 116 ? B 127 ? E 117 ? B 126 ? 
1 A DG 3 1_555 C DC 5  1_555 A DA 4  1_555 D DT 6  1_555 -0.886 -0.528 3.219 -3.045 -6.081  31.876 0.132  1.042  3.328 -10.917 
5.466  32.574 3  EE_DG117DA118:DT109DC126_CB E 117 ? B 126 ? E 118 ? C 109 ? 
1 A DA 4 1_555 D DT 6  1_555 A DC 5  1_555 D DG 5  1_555 0.218  -0.738 3.149 -1.172 2.292   29.213 -1.927 -0.672 3.072 4.532   
2.318  29.324 4  EE_DA118DC119:DG108DT109_CC E 118 ? C 109 ? E 119 ? C 108 ? 
1 A DC 5 1_555 D DG 5  1_555 A DA 6  1_555 D DT 4  1_555 -0.396 -0.228 3.172 -2.725 -4.203  39.035 0.149  0.272  3.198 -6.259  
4.058  39.343 5  EE_DC119DA120:DT107DG108_CC E 119 ? C 108 ? E 120 ? C 107 ? 
1 A DA 6 1_555 D DT 4  1_555 A DT 7  1_555 D DA 3  1_555 0.513  -1.202 3.214 0.616  -0.902  30.829 -2.086 -0.846 3.257 -1.696  
-1.158 30.848 6  EE_DA120DT121:DA106DT107_CC E 120 ? C 107 ? E 121 ? C 106 ? 
1 A DT 7 1_555 D DA 3  1_555 A DC 8  1_555 D DG 2  1_555 0.109  -1.139 3.325 -1.562 -2.537  37.504 -1.428 -0.378 3.385 -3.938  
2.425  37.618 7  EE_DT121DC122:DG105DA106_CC E 121 ? C 106 ? E 122 ? C 105 ? 
1 A DC 8 1_555 D DG 2  1_555 A DA 9  1_555 D DT 1  1_555 -0.150 0.154  3.470 -2.703 2.745   37.871 -0.134 -0.135 3.474 4.216   
4.152  38.059 8  EE_DC122DA123:DT104DG105_CC E 122 ? C 105 ? E 123 ? C 104 ? 
1 B DG 1 1_555 D DC 12 1_555 B DC 2  1_555 D DG 11 1_555 -0.487 -0.776 3.342 0.975  1.206   32.782 -1.584 1.033  3.297 2.136   
-1.727 32.817 9  AA_DG105DC106:DG114DC115_CC A 105 ? C 115 ? A 106 ? C 114 ? 
1 B DC 2 1_555 D DG 11 1_555 B DA 3  1_555 D DT 10 1_555 -0.459 1.506  3.913 -1.412 0.316   47.970 1.822  0.431  3.934 0.389   
1.736  47.991 10 AA_DC106DA107:DT113DG114_CC A 106 ? C 114 ? A 107 ? C 113 ? 
1 B DA 3 1_555 D DT 10 1_555 B DG 4  1_555 D DC 9  1_555 0.924  -0.340 3.260 -2.291 2.367   24.393 -1.509 -2.857 3.115 5.569   
5.390  24.611 11 AA_DA107DG108:DC112DT113_CC A 107 ? C 113 ? A 108 ? C 112 ? 
1 B DG 4 1_555 D DC 9  1_555 B DC 5  1_555 D DG 8  1_555 0.123  -0.876 3.104 -1.846 -1.227  34.464 -1.295 -0.480 3.122 -2.068  
3.111  34.533 12 AA_DG108DC109:DG111DC112_CC A 108 ? C 112 ? A 109 ? C 111 ? 
1 B DC 5 1_555 D DG 8  1_555 B DC 6  1_555 D DG 7  1_555 0.164  -1.462 2.986 -2.355 6.240   38.958 -2.808 -0.485 2.715 9.274   
3.500  39.503 13 AA_DC109DC110:DG110DG111_CC A 109 ? C 111 ? A 110 ? C 110 ? 
1 B DC 6 1_555 D DG 7  1_555 B DT 7  1_555 C DA 4  1_555 -0.940 -1.510 3.672 2.639  6.059   19.978 -6.787 3.730  2.943 16.878  
-7.353 21.033 14 AA_DC110DT111:DA125DG110_BC A 110 ? C 110 ? A 111 ? B 125 ? 
1 B DT 7 1_555 C DA 4  1_555 B DG 8  1_555 C DC 3  1_555 -0.555 0.908  3.350 -2.773 5.502   32.569 0.615  0.481  3.486 9.701   
4.889  33.131 15 AA_DT111DG112:DC124DA125_BB A 111 ? B 125 ? A 112 ? B 124 ? 
1 B DG 8 1_555 C DC 3  1_555 B DT 9  1_555 C DA 2  1_555 -1.031 -0.321 3.085 -2.333 -0.135  23.688 -0.736 1.765  3.172 -0.329  
5.666  23.801 16 AA_DG112DT113:DA123DC124_BB A 112 ? B 124 ? A 113 ? B 123 ? 
1 B DT 9 1_555 C DA 2  1_555 B DA 10 1_555 C DT 1  1_555 0.302  0.827  3.243 -2.384 8.934   53.670 0.356  -0.476 3.316 9.813   
2.618  54.402 17 AA_DT113DA114:DT122DA123_BB A 113 ? B 123 ? A 114 ? B 122 ? 
# 
loop_
_pdbx_audit_support.funding_organization 
_pdbx_audit_support.country 
_pdbx_audit_support.grant_number 
_pdbx_audit_support.ordinal 
'Office of Naval Research (ONR)'                   'United States' N000141912596 1 
'Department of Energy (DOE, United States)'        'United States' DE-SC0007991  2 
'National Science Foundation (NSF, United States)' 'United States' CCF-2106790   3 
'National Science Foundation (NSF, United States)' 'United States' GCR-2317843   4 
# 
_pdbx_initial_refinement_model.id               1 
_pdbx_initial_refinement_model.entity_id_list   ? 
_pdbx_initial_refinement_model.type             'experimental model' 
_pdbx_initial_refinement_model.source_name      PDB 
_pdbx_initial_refinement_model.accession_code   8D93 
_pdbx_initial_refinement_model.details          ? 
# 
_space_group.name_H-M_alt     'I 41 3 2' 
_space_group.name_Hall        'I 4bd 2c 3' 
_space_group.IT_number        214 
_space_group.crystal_system   cubic 
_space_group.id               1 
# 
_atom_sites.entry_id                    9PHP 
_atom_sites.Cartn_transf_matrix[1][1]   ? 
_atom_sites.Cartn_transf_matrix[1][2]   ? 
_atom_sites.Cartn_transf_matrix[1][3]   ? 
_atom_sites.Cartn_transf_matrix[2][1]   ? 
_atom_sites.Cartn_transf_matrix[2][2]   ? 
_atom_sites.Cartn_transf_matrix[2][3]   ? 
_atom_sites.Cartn_transf_matrix[3][1]   ? 
_atom_sites.Cartn_transf_matrix[3][2]   ? 
_atom_sites.Cartn_transf_matrix[3][3]   ? 
_atom_sites.Cartn_transf_vector[1]      ? 
_atom_sites.Cartn_transf_vector[2]      ? 
_atom_sites.Cartn_transf_vector[3]      ? 
_atom_sites.Cartn_transform_axes        ? 
_atom_sites.fract_transf_matrix[1][1]   -0.00512529 
_atom_sites.fract_transf_matrix[1][2]   0.00324846 
_atom_sites.fract_transf_matrix[1][3]   0.00193471 
_atom_sites.fract_transf_matrix[2][1]   -0.00330584 
_atom_sites.fract_transf_matrix[2][2]   -0.00226849 
_atom_sites.fract_transf_matrix[2][3]   -0.00494869 
_atom_sites.fract_transf_matrix[3][1]   -0.00183494 
_atom_sites.fract_transf_matrix[3][2]   -0.00498655 
_atom_sites.fract_transf_matrix[3][3]   0.00351163 
_atom_sites.fract_transf_vector[1]      0.289837 
_atom_sites.fract_transf_vector[2]      -0.129709 
_atom_sites.fract_transf_vector[3]      0.228359 
_atom_sites.solution_primary            ? 
_atom_sites.solution_secondary          ? 
_atom_sites.solution_hydrogens          ? 
_atom_sites.special_details             ? 
# 
loop_
_atom_type.symbol 
_atom_type.scat_dispersion_real 
_atom_type.scat_dispersion_imag 
_atom_type.scat_Cromer_Mann_a1 
_atom_type.scat_Cromer_Mann_a2 
_atom_type.scat_Cromer_Mann_a3 
_atom_type.scat_Cromer_Mann_a4 
_atom_type.scat_Cromer_Mann_b1 
_atom_type.scat_Cromer_Mann_b2 
_atom_type.scat_Cromer_Mann_b3 
_atom_type.scat_Cromer_Mann_b4 
_atom_type.scat_Cromer_Mann_c 
_atom_type.scat_source 
_atom_type.scat_dispersion_source 
C ? ? 5.96793  ? ? ? 14.89577 ? ? ? 0.0 
;1-Gaussian fit: Grosse-Kunstleve RW, Sauter NK, Adams PD: Newsletter of the IUCr Commission on Crystallographic Computing 2004, 3, 22-31.
;
? 
N ? ? 6.96715  ? ? ? 11.43723 ? ? ? 0.0 
;1-Gaussian fit: Grosse-Kunstleve RW, Sauter NK, Adams PD: Newsletter of the IUCr Commission on Crystallographic Computing 2004, 3, 22-31.
;
? 
O ? ? 7.96527  ? ? ? 9.05267  ? ? ? 0.0 
;1-Gaussian fit: Grosse-Kunstleve RW, Sauter NK, Adams PD: Newsletter of the IUCr Commission on Crystallographic Computing 2004, 3, 22-31.
;
? 
P ? ? 14.90797 ? ? ? 11.91318 ? ? ? 0.0 
;1-Gaussian fit: Grosse-Kunstleve RW, Sauter NK, Adams PD: Newsletter of the IUCr Commission on Crystallographic Computing 2004, 3, 22-31.
;
? 
# 
loop_
_atom_site.group_PDB 
_atom_site.id 
_atom_site.type_symbol 
_atom_site.label_atom_id 
_atom_site.label_alt_id 
_atom_site.label_comp_id 
_atom_site.label_asym_id 
_atom_site.label_entity_id 
_atom_site.label_seq_id 
_atom_site.pdbx_PDB_ins_code 
_atom_site.Cartn_x 
_atom_site.Cartn_y 
_atom_site.Cartn_z 
_atom_site.occupancy 
_atom_site.B_iso_or_equiv 
_atom_site.pdbx_formal_charge 
_atom_site.auth_seq_id 
_atom_site.auth_comp_id 
_atom_site.auth_asym_id 
_atom_site.auth_atom_id 
_atom_site.pdbx_PDB_model_num 
ATOM 1   P P     . DC A 1 1  ? 14.51801  0.77115   10.83798  1.000 267.14426 ? 115 DC E P     1 
ATOM 2   O OP1   . DC A 1 1  ? 13.28568  0.12033   10.34177  1.000 260.34821 ? 115 DC E OP1   1 
ATOM 3   O OP2   . DC A 1 1  ? 15.79034  0.02487   10.95819  1.000 266.51109 ? 115 DC E OP2   1 
ATOM 4   O "O5'" . DC A 1 1  ? 14.80627  2.06663   9.94989   1.000 276.09438 ? 115 DC E "O5'" 1 
ATOM 5   C "C5'" . DC A 1 1  ? 15.19784  1.92706   8.59785   1.000 278.00733 ? 115 DC E "C5'" 1 
ATOM 6   C "C4'" . DC A 1 1  ? 14.72880  3.12180   7.79851   1.000 283.07531 ? 115 DC E "C4'" 1 
ATOM 7   O "O4'" . DC A 1 1  ? 14.85047  2.82969   6.38265   1.000 281.82863 ? 115 DC E "O4'" 1 
ATOM 8   C "C3'" . DC A 1 1  ? 13.26394  3.46933   8.00901   1.000 279.42934 ? 115 DC E "C3'" 1 
ATOM 9   O "O3'" . DC A 1 1  ? 13.03454  4.82897   7.69601   1.000 286.01010 ? 115 DC E "O3'" 1 
ATOM 10  C "C2'" . DC A 1 1  ? 12.59872  2.56716   6.98791   1.000 272.28977 ? 115 DC E "C2'" 1 
ATOM 11  C "C1'" . DC A 1 1  ? 13.55841  2.72027   5.81331   1.000 276.93050 ? 115 DC E "C1'" 1 
ATOM 12  N N1    . DC A 1 1  ? 13.54351  1.56077   4.88631   1.000 270.35579 ? 115 DC E N1    1 
ATOM 13  C C2    . DC A 1 1  ? 14.10600  1.67898   3.60694   1.000 272.57311 ? 115 DC E C2    1 
ATOM 14  O O2    . DC A 1 1  ? 14.61361  2.75708   3.26656   1.000 279.96810 ? 115 DC E O2    1 
ATOM 15  N N3    . DC A 1 1  ? 14.07771  0.60255   2.77821   1.000 265.94045 ? 115 DC E N3    1 
ATOM 16  C C4    . DC A 1 1  ? 13.51992  -0.54005  3.18939   1.000 257.90223 ? 115 DC E C4    1 
ATOM 17  N N4    . DC A 1 1  ? 13.51267  -1.57677  2.34643   1.000 251.58598 ? 115 DC E N4    1 
ATOM 18  C C5    . DC A 1 1  ? 12.94218  -0.67273  4.48559   1.000 255.52752 ? 115 DC E C5    1 
ATOM 19  C C6    . DC A 1 1  ? 12.97520  0.39017   5.29032   1.000 261.70549 ? 115 DC E C6    1 
ATOM 20  P P     . DG A 1 2  ? 13.55576  5.99947   8.66198   1.000 253.89688 ? 116 DG E P     1 
ATOM 21  O OP1   . DG A 1 2  ? 14.11668  5.38471   9.88311   1.000 252.03731 ? 116 DG E OP1   1 
ATOM 22  O OP2   . DG A 1 2  ? 12.47996  7.00618   8.79303   1.000 255.04884 ? 116 DG E OP2   1 
ATOM 23  O "O5'" . DG A 1 2  ? 14.72467  6.67737   7.81232   1.000 262.28059 ? 116 DG E "O5'" 1 
ATOM 24  C "C5'" . DG A 1 2  ? 14.80594  8.08953   7.72717   1.000 270.21208 ? 116 DG E "C5'" 1 
ATOM 25  C "C4'" . DG A 1 2  ? 14.71454  8.56110   6.28505   1.000 272.03034 ? 116 DG E "C4'" 1 
ATOM 26  O "O4'" . DG A 1 2  ? 14.24618  7.48070   5.43294   1.000 264.63435 ? 116 DG E "O4'" 1 
ATOM 27  C "C3'" . DG A 1 2  ? 13.72951  9.69060   6.05207   1.000 274.14266 ? 116 DG E "C3'" 1 
ATOM 28  O "O3'" . DG A 1 2  ? 14.10094  10.37921  4.89884   1.000 277.82892 ? 116 DG E "O3'" 1 
ATOM 29  C "C2'" . DG A 1 2  ? 12.44987  8.91496   5.81457   1.000 265.76933 ? 116 DG E "C2'" 1 
ATOM 30  C "C1'" . DG A 1 2  ? 12.98490  7.83210   4.89563   1.000 262.01396 ? 116 DG E "C1'" 1 
ATOM 31  N N9    . DG A 1 2  ? 12.16098  6.63486   4.84169   1.000 252.87050 ? 116 DG E N9    1 
ATOM 32  C C8    . DG A 1 2  ? 11.27624  6.19366   5.79327   1.000 247.08187 ? 116 DG E C8    1 
ATOM 33  N N7    . DG A 1 2  ? 10.68912  5.07389   5.47612   1.000 241.64710 ? 116 DG E N7    1 
ATOM 34  C C5    . DG A 1 2  ? 11.22041  4.75375   4.23449   1.000 239.37823 ? 116 DG E C5    1 
ATOM 35  C C6    . DG A 1 2  ? 10.96334  3.64819   3.39177   1.000 235.63626 ? 116 DG E C6    1 
ATOM 36  O O6    . DG A 1 2  ? 10.18898  2.70423   3.58373   1.000 236.72351 ? 116 DG E O6    1 
ATOM 37  N N1    . DG A 1 2  ? 11.71507  3.70696   2.22301   1.000 235.06848 ? 116 DG E N1    1 
ATOM 38  C C2    . DG A 1 2  ? 12.60171  4.70756   1.91078   1.000 242.89891 ? 116 DG E C2    1 
ATOM 39  N N2    . DG A 1 2  ? 13.23672  4.59603   0.73847   1.000 242.82452 ? 116 DG E N2    1 
ATOM 40  N N3    . DG A 1 2  ? 12.85324  5.74826   2.69298   1.000 249.66189 ? 116 DG E N3    1 
ATOM 41  C C4    . DG A 1 2  ? 12.12854  5.70410   3.83313   1.000 247.64442 ? 116 DG E C4    1 
ATOM 42  P P     . DG A 1 3  ? 14.14066  11.97876  4.88939   1.000 282.80791 ? 117 DG E P     1 
ATOM 43  O OP1   . DG A 1 3  ? 15.27915  12.41199  5.72950   1.000 288.30543 ? 117 DG E OP1   1 
ATOM 44  O OP2   . DG A 1 3  ? 12.77428  12.45884  5.19085   1.000 281.07483 ? 117 DG E OP2   1 
ATOM 45  O "O5'" . DG A 1 3  ? 14.46155  12.31642  3.36194   1.000 282.35594 ? 117 DG E "O5'" 1 
ATOM 46  C "C5'" . DG A 1 3  ? 15.48986  11.59657  2.67938   1.000 280.56314 ? 117 DG E "C5'" 1 
ATOM 47  C "C4'" . DG A 1 3  ? 15.01036  11.09721  1.32254   1.000 274.81205 ? 117 DG E "C4'" 1 
ATOM 48  O "O4'" . DG A 1 3  ? 14.14022  9.94782   1.49376   1.000 269.53447 ? 117 DG E "O4'" 1 
ATOM 49  C "C3'" . DG A 1 3  ? 14.22119  12.10828  0.49049   1.000 273.99782 ? 117 DG E "C3'" 1 
ATOM 50  O "O3'" . DG A 1 3  ? 14.60622  11.99936  -0.87767  1.000 269.05978 ? 117 DG E "O3'" 1 
ATOM 51  C "C2'" . DG A 1 3  ? 12.76758  11.67950  0.71085   1.000 271.32116 ? 117 DG E "C2'" 1 
ATOM 52  C "C1'" . DG A 1 3  ? 12.91014  10.17228  0.83420   1.000 266.80943 ? 117 DG E "C1'" 1 
ATOM 53  N N9    . DG A 1 3  ? 11.86364  9.55246   1.63080   1.000 263.28534 ? 117 DG E N9    1 
ATOM 54  C C8    . DG A 1 3  ? 11.41058  9.96591   2.85718   1.000 265.18479 ? 117 DG E C8    1 
ATOM 55  N N7    . DG A 1 3  ? 10.47744  9.20191   3.34686   1.000 258.99967 ? 117 DG E N7    1 
ATOM 56  C C5    . DG A 1 3  ? 10.30481  8.21679   2.38737   1.000 253.21375 ? 117 DG E C5    1 
ATOM 57  C C6    . DG A 1 3  ? 9.42504   7.11452   2.36838   1.000 244.70208 ? 117 DG E C6    1 
ATOM 58  O O6    . DG A 1 3  ? 8.60347   6.78459   3.22804   1.000 240.09291 ? 117 DG E O6    1 
ATOM 59  N N1    . DG A 1 3  ? 9.56403   6.36131   1.20638   1.000 240.85535 ? 117 DG E N1    1 
ATOM 60  C C2    . DG A 1 3  ? 10.44668  6.63936   0.19071   1.000 244.11481 ? 117 DG E C2    1 
ATOM 61  N N2    . DG A 1 3  ? 10.43549  5.79906   -0.85421  1.000 238.78042 ? 117 DG E N2    1 
ATOM 62  N N3    . DG A 1 3  ? 11.27831  7.67571   0.19614   1.000 251.29745 ? 117 DG E N3    1 
ATOM 63  C C4    . DG A 1 3  ? 11.15337  8.41585   1.32514   1.000 255.87445 ? 117 DG E C4    1 
ATOM 64  P P     . DA A 1 4  ? 14.15446  13.09860  -1.96138  1.000 292.41349 ? 118 DA E P     1 
ATOM 65  O OP1   . DA A 1 4  ? 15.38270  13.74319  -2.48275  1.000 290.82447 ? 118 DA E OP1   1 
ATOM 66  O OP2   . DA A 1 4  ? 13.07613  13.93653  -1.38575  1.000 295.49631 ? 118 DA E OP2   1 
ATOM 67  O "O5'" . DA A 1 4  ? 13.51852  12.20850  -3.12597  1.000 285.22716 ? 118 DA E "O5'" 1 
ATOM 68  C "C5'" . DA A 1 4  ? 14.14436  10.97707  -3.49564  1.000 281.80625 ? 118 DA E "C5'" 1 
ATOM 69  C "C4'" . DA A 1 4  ? 13.16776  10.07445  -4.22486  1.000 276.43457 ? 118 DA E "C4'" 1 
ATOM 70  O "O4'" . DA A 1 4  ? 12.32775  9.38831   -3.26038  1.000 278.12392 ? 118 DA E "O4'" 1 
ATOM 71  C "C3'" . DA A 1 4  ? 12.23014  10.80319  -5.18353  1.000 273.18077 ? 118 DA E "C3'" 1 
ATOM 72  O "O3'" . DA A 1 4  ? 12.21763  10.14612  -6.44413  1.000 265.94590 ? 118 DA E "O3'" 1 
ATOM 73  C "C2'" . DA A 1 4  ? 10.86621  10.74916  -4.48573  1.000 275.96118 ? 118 DA E "C2'" 1 
ATOM 74  C "C1'" . DA A 1 4  ? 10.97717  9.48533   -3.64332  1.000 276.11648 ? 118 DA E "C1'" 1 
ATOM 75  N N9    . DA A 1 4  ? 10.16067  9.50913   -2.42924  1.000 278.49864 ? 118 DA E N9    1 
ATOM 76  C C8    . DA A 1 4  ? 10.24850  10.39981  -1.39426  1.000 284.13542 ? 118 DA E C8    1 
ATOM 77  N N7    . DA A 1 4  ? 9.39205   10.17289  -0.42468  1.000 283.34492 ? 118 DA E N7    1 
ATOM 78  C C5    . DA A 1 4  ? 8.69607   9.04994   -0.85039  1.000 276.37105 ? 118 DA E C5    1 
ATOM 79  C C6    . DA A 1 4  ? 7.64661   8.29820   -0.26806  1.000 270.53417 ? 118 DA E C6    1 
ATOM 80  N N6    . DA A 1 4  ? 7.10171   8.59233   0.91865   1.000 270.74248 ? 118 DA E N6    1 
ATOM 81  N N1    . DA A 1 4  ? 7.17917   7.22780   -0.95677  1.000 263.59476 ? 118 DA E N1    1 
ATOM 82  C C2    . DA A 1 4  ? 7.73035   6.94111   -2.14593  1.000 262.79804 ? 118 DA E C2    1 
ATOM 83  N N3    . DA A 1 4  ? 8.71792   7.57181   -2.79103  1.000 267.10097 ? 118 DA E N3    1 
ATOM 84  C C4    . DA A 1 4  ? 9.16142   8.62511   -2.08107  1.000 273.80513 ? 118 DA E C4    1 
ATOM 85  P P     . DC A 1 5  ? 11.65438  10.90146  -7.74616  1.000 268.77239 ? 119 DC E P     1 
ATOM 86  O OP1   . DC A 1 5  ? 12.59327  10.63984  -8.86219  1.000 260.93998 ? 119 DC E OP1   1 
ATOM 87  O OP2   . DC A 1 5  ? 11.32757  12.29505  -7.36358  1.000 272.20549 ? 119 DC E OP2   1 
ATOM 88  O "O5'" . DC A 1 5  ? 10.27993  10.14119  -8.03677  1.000 267.55884 ? 119 DC E "O5'" 1 
ATOM 89  C "C5'" . DC A 1 5  ? 10.21594  8.72677   -7.88233  1.000 265.97617 ? 119 DC E "C5'" 1 
ATOM 90  C "C4'" . DC A 1 5  ? 8.78011   8.26230   -7.73599  1.000 265.03667 ? 119 DC E "C4'" 1 
ATOM 91  O "O4'" . DC A 1 5  ? 8.37480   8.32948   -6.34159  1.000 269.22505 ? 119 DC E "O4'" 1 
ATOM 92  C "C3'" . DC A 1 5  ? 7.74759   9.08787   -8.51607  1.000 264.28095 ? 119 DC E "C3'" 1 
ATOM 93  O "O3'" . DC A 1 5  ? 6.87493   8.21756   -9.20856  1.000 259.17902 ? 119 DC E "O3'" 1 
ATOM 94  C "C2'" . DC A 1 5  ? 7.01073   9.84411   -7.41553  1.000 269.47199 ? 119 DC E "C2'" 1 
ATOM 95  C "C1'" . DC A 1 5  ? 7.06458   8.82272   -6.29861  1.000 269.59659 ? 119 DC E "C1'" 1 
ATOM 96  N N1    . DC A 1 5  ? 6.78388   9.39263   -4.95406  1.000 274.26964 ? 119 DC E N1    1 
ATOM 97  C C2    . DC A 1 5  ? 5.77218   8.82814   -4.17133  1.000 271.34126 ? 119 DC E C2    1 
ATOM 98  O O2    . DC A 1 5  ? 5.14891   7.85504   -4.61650  1.000 265.31766 ? 119 DC E O2    1 
ATOM 99  N N3    . DC A 1 5  ? 5.50806   9.36413   -2.94972  1.000 274.29699 ? 119 DC E N3    1 
ATOM 100 C C4    . DC A 1 5  ? 6.21099   10.41600  -2.51794  1.000 280.86284 ? 119 DC E C4    1 
ATOM 101 N N4    . DC A 1 5  ? 5.92190   10.91293  -1.30679  1.000 283.27087 ? 119 DC E N4    1 
ATOM 102 C C5    . DC A 1 5  ? 7.24210   11.00605  -3.30863  1.000 283.97662 ? 119 DC E C5    1 
ATOM 103 C C6    . DC A 1 5  ? 7.48753   10.46960  -4.50982  1.000 280.00583 ? 119 DC E C6    1 
ATOM 104 P P     . DA A 1 6  ? 5.97523   8.75855   -10.42310 1.000 264.33093 ? 120 DA E P     1 
ATOM 105 O OP1   . DA A 1 6  ? 6.71159   8.48655   -11.67964 1.000 258.34137 ? 120 DA E OP1   1 
ATOM 106 O OP2   . DA A 1 6  ? 5.53359   10.13606  -10.10702 1.000 268.04004 ? 120 DA E OP2   1 
ATOM 107 O "O5'" . DA A 1 6  ? 4.68418   7.82166   -10.36413 1.000 261.79857 ? 120 DA E "O5'" 1 
ATOM 108 C "C5'" . DA A 1 6  ? 4.81001   6.47010   -9.93417  1.000 258.94018 ? 120 DA E "C5'" 1 
ATOM 109 C "C4'" . DA A 1 6  ? 3.56329   6.02914   -9.19134  1.000 257.91604 ? 120 DA E "C4'" 1 
ATOM 110 O "O4'" . DA A 1 6  ? 3.59409   6.54962   -7.83402  1.000 261.82675 ? 120 DA E "O4'" 1 
ATOM 111 C "C3'" . DA A 1 6  ? 2.25295   6.51937   -9.80200  1.000 256.90143 ? 120 DA E "C3'" 1 
ATOM 112 O "O3'" . DA A 1 6  ? 1.26401   5.50766   -9.70591  1.000 252.66943 ? 120 DA E "O3'" 1 
ATOM 113 C "C2'" . DA A 1 6  ? 1.90089   7.72419   -8.93891  1.000 261.42890 ? 120 DA E "C2'" 1 
ATOM 114 C "C1'" . DA A 1 6  ? 2.41624   7.28635   -7.57925  1.000 262.54955 ? 120 DA E "C1'" 1 
ATOM 115 N N9    . DA A 1 6  ? 2.74971   8.41174   -6.71558  1.000 268.09620 ? 120 DA E N9    1 
ATOM 116 C C8    . DA A 1 6  ? 3.70369   9.35937   -6.94812  1.000 272.99773 ? 120 DA E C8    1 
ATOM 117 N N7    . DA A 1 6  ? 3.78391   10.27023  -6.00998  1.000 277.53318 ? 120 DA E N7    1 
ATOM 118 C C5    . DA A 1 6  ? 2.81721   9.89318   -5.09355  1.000 275.04076 ? 120 DA E C5    1 
ATOM 119 C C6    . DA A 1 6  ? 2.40748   10.44988  -3.86782  1.000 276.66046 ? 120 DA E C6    1 
ATOM 120 N N6    . DA A 1 6  ? 2.95259   11.54977  -3.34876  1.000 282.54211 ? 120 DA E N6    1 
ATOM 121 N N1    . DA A 1 6  ? 1.41438   9.83323   -3.19843  1.000 271.32123 ? 120 DA E N1    1 
ATOM 122 C C2    . DA A 1 6  ? 0.87259   8.72878   -3.72405  1.000 265.45155 ? 120 DA E C2    1 
ATOM 123 N N3    . DA A 1 6  ? 1.17311   8.11061   -4.86924  1.000 264.03721 ? 120 DA E N3    1 
ATOM 124 C C4    . DA A 1 6  ? 2.16708   8.74920   -5.51065  1.000 268.88905 ? 120 DA E C4    1 
ATOM 125 P P     . DT A 1 7  ? 0.22428   5.28014   -10.90963 1.000 265.04565 ? 121 DT E P     1 
ATOM 126 O OP1   . DT A 1 7  ? 0.22552   3.83197   -11.21701 1.000 261.04234 ? 121 DT E OP1   1 
ATOM 127 O OP2   . DT A 1 7  ? 0.53078   6.26720   -11.97226 1.000 266.50416 ? 121 DT E OP2   1 
ATOM 128 O "O5'" . DT A 1 7  ? -1.19035  5.66050   -10.26897 1.000 264.85696 ? 121 DT E "O5'" 1 
ATOM 129 C "C5'" . DT A 1 7  ? -1.35054  6.90184   -9.60744  1.000 268.23330 ? 121 DT E "C5'" 1 
ATOM 130 C "C4'" . DT A 1 7  ? -2.00638  6.71570   -8.25387  1.000 266.95156 ? 121 DT E "C4'" 1 
ATOM 131 O "O4'" . DT A 1 7  ? -1.21799  7.39546   -7.23756  1.000 270.81871 ? 121 DT E "O4'" 1 
ATOM 132 C "C3'" . DT A 1 7  ? -3.41653  7.28834   -8.16123  1.000 265.57505 ? 121 DT E "C3'" 1 
ATOM 133 O "O3'" . DT A 1 7  ? -4.26511  6.43484   -7.40260  1.000 262.47408 ? 121 DT E "O3'" 1 
ATOM 134 C "C2'" . DT A 1 7  ? -3.20215  8.62867   -7.47355  1.000 269.50678 ? 121 DT E "C2'" 1 
ATOM 135 C "C1'" . DT A 1 7  ? -2.01287  8.34883   -6.56572  1.000 271.68162 ? 121 DT E "C1'" 1 
ATOM 136 N N1    . DT A 1 7  ? -1.18938  9.56593   -6.32239  1.000 277.57414 ? 121 DT E N1    1 
ATOM 137 C C2    . DT A 1 7  ? -1.38750  10.30181  -5.17602  1.000 279.25119 ? 121 DT E C2    1 
ATOM 138 O O2    . DT A 1 7  ? -2.19305  9.99585   -4.31746  1.000 275.46042 ? 121 DT E O2    1 
ATOM 139 N N3    . DT A 1 7  ? -0.58941  11.41057  -5.06169  1.000 285.28021 ? 121 DT E N3    1 
ATOM 140 C C4    . DT A 1 7  ? 0.35649   11.85024  -5.96718  1.000 288.94476 ? 121 DT E C4    1 
ATOM 141 O O4    . DT A 1 7  ? 1.02834   12.85921  -5.77941  1.000 293.52601 ? 121 DT E O4    1 
ATOM 142 C C5    . DT A 1 7  ? 0.50373   11.03663  -7.15077  1.000 286.00852 ? 121 DT E C5    1 
ATOM 143 C C7    . DT A 1 7  ? 1.49734   11.41497  -8.20546  1.000 287.46356 ? 121 DT E C7    1 
ATOM 144 C C6    . DT A 1 7  ? -0.27179  9.95183   -7.27186  1.000 280.90361 ? 121 DT E C6    1 
ATOM 145 P P     . DC A 1 8  ? -5.85607  6.68415   -7.39746  1.000 283.53174 ? 122 DC E P     1 
ATOM 146 O OP1   . DC A 1 8  ? -6.52387  5.42378   -7.00424  1.000 279.76406 ? 122 DC E OP1   1 
ATOM 147 O OP2   . DC A 1 8  ? -6.22246  7.33022   -8.67924  1.000 284.69228 ? 122 DC E OP2   1 
ATOM 148 O "O5'" . DC A 1 8  ? -6.06655  7.75804   -6.22917  1.000 284.68269 ? 122 DC E "O5'" 1 
ATOM 149 C "C5'" . DC A 1 8  ? -5.44168  7.56411   -4.95924  1.000 284.23110 ? 122 DC E "C5'" 1 
ATOM 150 C "C4'" . DC A 1 8  ? -5.94827  8.57210   -3.94132  1.000 284.49313 ? 122 DC E "C4'" 1 
ATOM 151 O "O4'" . DC A 1 8  ? -5.03618  9.70153   -3.85598  1.000 289.56195 ? 122 DC E "O4'" 1 
ATOM 152 C "C3'" . DC A 1 8  ? -7.30991  9.17606   -4.24679  1.000 282.83980 ? 122 DC E "C3'" 1 
ATOM 153 O "O3'" . DC A 1 8  ? -7.95669  9.46993   -3.02666  1.000 282.18699 ? 122 DC E "O3'" 1 
ATOM 154 C "C2'" . DC A 1 8  ? -6.93090  10.45377  -4.99302  1.000 286.87491 ? 122 DC E "C2'" 1 
ATOM 155 C "C1'" . DC A 1 8  ? -5.73367  10.89340  -4.16935  1.000 290.45203 ? 122 DC E "C1'" 1 
ATOM 156 N N1    . DC A 1 8  ? -4.78627  11.80966  -4.86704  1.000 296.04665 ? 122 DC E N1    1 
ATOM 157 C C2    . DC A 1 8  ? -4.39610  12.99684  -4.24331  1.000 299.84316 ? 122 DC E C2    1 
ATOM 158 O O2    . DC A 1 8  ? -4.87400  13.27486  -3.13516  1.000 297.81901 ? 122 DC E O2    1 
ATOM 159 N N3    . DC A 1 8  ? -3.51229  13.80947  -4.87289  1.000 305.61221 ? 122 DC E N3    1 
ATOM 160 C C4    . DC A 1 8  ? -3.02442  13.46371  -6.06476  1.000 306.86316 ? 122 DC E C4    1 
ATOM 161 N N4    . DC A 1 8  ? -2.15810  14.29322  -6.65050  1.000 309.64342 ? 122 DC E N4    1 
ATOM 162 C C5    . DC A 1 8  ? -3.40567  12.25387  -6.71238  1.000 302.54571 ? 122 DC E C5    1 
ATOM 163 C C6    . DC A 1 8  ? -4.27806  11.46456  -6.08181  1.000 297.54831 ? 122 DC E C6    1 
ATOM 164 P P     . DA A 1 9  ? -9.55635  9.41494   -2.91225  1.000 301.17383 ? 123 DA E P     1 
ATOM 165 O OP1   . DA A 1 9  ? -9.87194  8.37793   -1.90174  1.000 299.89354 ? 123 DA E OP1   1 
ATOM 166 O OP2   . DA A 1 9  ? -10.12388 9.33180   -4.28267  1.000 301.79859 ? 123 DA E OP2   1 
ATOM 167 O "O5'" . DA A 1 9  ? -9.93585  10.84727  -2.30631  1.000 300.60841 ? 123 DA E "O5'" 1 
ATOM 168 C "C5'" . DA A 1 9  ? -9.23616  11.35212  -1.16214  1.000 301.54318 ? 123 DA E "C5'" 1 
ATOM 169 C "C4'" . DA A 1 9  ? -9.42561  12.85696  -1.03043  1.000 302.13233 ? 123 DA E "C4'" 1 
ATOM 170 O "O4'" . DA A 1 9  ? -8.38092  13.54907  -1.76886  1.000 307.18803 ? 123 DA E "O4'" 1 
ATOM 171 C "C3'" . DA A 1 9  ? -10.75355 13.39311  -1.57058  1.000 302.98730 ? 123 DA E "C3'" 1 
ATOM 172 O "O3'" . DA A 1 9  ? -11.25671 14.41077  -0.71124  1.000 304.41638 ? 123 DA E "O3'" 1 
ATOM 173 C "C2'" . DA A 1 9  ? -10.36791 13.95185  -2.93889  1.000 302.07940 ? 123 DA E "C2'" 1 
ATOM 174 C "C1'" . DA A 1 9  ? -8.96454  14.47043  -2.66622  1.000 306.34735 ? 123 DA E "C1'" 1 
ATOM 175 N N9    . DA A 1 9  ? -8.11986  14.55081  -3.85548  1.000 310.22339 ? 123 DA E N9    1 
ATOM 176 C C8    . DA A 1 9  ? -8.00503  13.62107  -4.85092  1.000 310.70320 ? 123 DA E C8    1 
ATOM 177 N N7    . DA A 1 9  ? -7.15596  13.95765  -5.79378  1.000 314.48131 ? 123 DA E N7    1 
ATOM 178 C C5    . DA A 1 9  ? -6.67514  15.18964  -5.38371  1.000 316.79844 ? 123 DA E C5    1 
ATOM 179 C C6    . DA A 1 9  ? -5.74215  16.08126  -5.94979  1.000 320.57281 ? 123 DA E C6    1 
ATOM 180 N N6    . DA A 1 9  ? -5.10404  15.84375  -7.09988  1.000 322.31915 ? 123 DA E N6    1 
ATOM 181 N N1    . DA A 1 9  ? -5.49049  17.23108  -5.28462  1.000 321.89945 ? 123 DA E N1    1 
ATOM 182 C C2    . DA A 1 9  ? -6.13429  17.46271  -4.13317  1.000 319.45749 ? 123 DA E C2    1 
ATOM 183 N N3    . DA A 1 9  ? -7.03013  16.70124  -3.50614  1.000 315.22530 ? 123 DA E N3    1 
ATOM 184 C C4    . DA A 1 9  ? -7.25923  15.56910  -4.19063  1.000 314.24655 ? 123 DA E C4    1 
ATOM 185 O "O5'" . DG B 2 1  ? -6.46735  -2.62532  -17.19660 1.000 335.69341 ? 105 DG A "O5'" 1 
ATOM 186 C "C5'" . DG B 2 1  ? -5.96793  -2.43087  -15.87418 1.000 326.91669 ? 105 DG A "C5'" 1 
ATOM 187 C "C4'" . DG B 2 1  ? -7.10723  -2.30677  -14.88041 1.000 325.64024 ? 105 DG A "C4'" 1 
ATOM 188 O "O4'" . DG B 2 1  ? -7.85775  -3.55303  -14.83865 1.000 330.99519 ? 105 DG A "O4'" 1 
ATOM 189 C "C3'" . DG B 2 1  ? -6.68102  -2.01580  -13.44651 1.000 316.58288 ? 105 DG A "C3'" 1 
ATOM 190 O "O3'" . DG B 2 1  ? -7.59468  -1.10322  -12.85295 1.000 314.86970 ? 105 DG A "O3'" 1 
ATOM 191 C "C2'" . DG B 2 1  ? -6.72774  -3.39190  -12.78063 1.000 316.92502 ? 105 DG A "C2'" 1 
ATOM 192 C "C1'" . DG B 2 1  ? -7.86902  -4.07475  -13.52504 1.000 325.94655 ? 105 DG A "C1'" 1 
ATOM 193 N N9    . DG B 2 1  ? -7.72296  -5.53322  -13.60269 1.000 329.69005 ? 105 DG A N9    1 
ATOM 194 C C8    . DG B 2 1  ? -6.61203  -6.23089  -14.01471 1.000 331.58126 ? 105 DG A C8    1 
ATOM 195 N N7    . DG B 2 1  ? -6.76554  -7.52634  -13.98114 1.000 343.54506 ? 105 DG A N7    1 
ATOM 196 C C5    . DG B 2 1  ? -8.06026  -7.70380  -13.51494 1.000 349.65301 ? 105 DG A C5    1 
ATOM 197 C C6    . DG B 2 1  ? -8.78308  -8.89606  -13.27319 1.000 366.97582 ? 105 DG A C6    1 
ATOM 198 O O6    . DG B 2 1  ? -8.40325  -10.06534 -13.43108 1.000 381.22085 ? 105 DG A O6    1 
ATOM 199 N N1    . DG B 2 1  ? -10.06946 -8.63373  -12.80567 1.000 366.21875 ? 105 DG A N1    1 
ATOM 200 C C2    . DG B 2 1  ? -10.58413 -7.37512  -12.59866 1.000 351.95492 ? 105 DG A C2    1 
ATOM 201 N N2    . DG B 2 1  ? -11.84238 -7.31033  -12.14302 1.000 354.17546 ? 105 DG A N2    1 
ATOM 202 N N3    . DG B 2 1  ? -9.91460  -6.25196  -12.81946 1.000 338.82991 ? 105 DG A N3    1 
ATOM 203 C C4    . DG B 2 1  ? -8.66518  -6.48961  -13.27489 1.000 338.13818 ? 105 DG A C4    1 
ATOM 204 P P     . DC B 2 2  ? -7.37961  -0.58655  -11.34671 1.000 305.91723 ? 106 DC A P     1 
ATOM 205 O OP1   . DC B 2 2  ? -7.70705  0.85608   -11.32466 1.000 304.11413 ? 106 DC A OP1   1 
ATOM 206 O OP2   . DC B 2 2  ? -6.04167  -1.02261  -10.88229 1.000 300.36625 ? 106 DC A OP2   1 
ATOM 207 O "O5'" . DC B 2 2  ? -8.50167  -1.37800  -10.52135 1.000 307.66107 ? 106 DC A "O5'" 1 
ATOM 208 C "C5'" . DC B 2 2  ? -9.83630  -1.46539  -11.03632 1.000 315.13653 ? 106 DC A "C5'" 1 
ATOM 209 C "C4'" . DC B 2 2  ? -10.75198 -2.19879  -10.06784 1.000 315.57165 ? 106 DC A "C4'" 1 
ATOM 210 O "O4'" . DC B 2 2  ? -10.65770 -3.63546  -10.28306 1.000 319.65700 ? 106 DC A "O4'" 1 
ATOM 211 C "C3'" . DC B 2 2  ? -10.43738 -1.97879  -8.58990  1.000 307.76150 ? 106 DC A "C3'" 1 
ATOM 212 O "O3'" . DC B 2 2  ? -11.64825 -1.92652  -7.84616  1.000 314.45363 ? 106 DC A "O3'" 1 
ATOM 213 C "C2'" . DC B 2 2  ? -9.62316  -3.22003  -8.23665  1.000 324.44903 ? 106 DC A "C2'" 1 
ATOM 214 C "C1'" . DC B 2 2  ? -10.33999 -4.27422  -9.06349  1.000 335.20991 ? 106 DC A "C1'" 1 
ATOM 215 N N1    . DC B 2 2  ? -9.50545  -5.47195  -9.36152  1.000 348.74822 ? 106 DC A N1    1 
ATOM 216 C C2    . DC B 2 2  ? -10.04092 -6.76130  -9.19784  1.000 369.58559 ? 106 DC A C2    1 
ATOM 217 O O2    . DC B 2 2  ? -11.20652 -6.88860  -8.79971  1.000 375.16642 ? 106 DC A O2    1 
ATOM 218 N N3    . DC B 2 2  ? -9.25899  -7.83546  -9.48391  1.000 383.07006 ? 106 DC A N3    1 
ATOM 219 C C4    . DC B 2 2  ? -8.00847  -7.65278  -9.91138  1.000 376.03586 ? 106 DC A C4    1 
ATOM 220 N N4    . DC B 2 2  ? -7.27194  -8.73411  -10.18057 1.000 391.01036 ? 106 DC A N4    1 
ATOM 221 C C5    . DC B 2 2  ? -7.45165  -6.35205  -10.08038 1.000 352.82908 ? 106 DC A C5    1 
ATOM 222 C C6    . DC B 2 2  ? -8.22705  -5.30296  -9.79748  1.000 340.13599 ? 106 DC A C6    1 
ATOM 223 P P     . DA B 2 3  ? -11.73388 -1.08286  -6.48070  1.000 300.50650 ? 107 DA A P     1 
ATOM 224 O OP1   . DA B 2 3  ? -12.38138 0.20939   -6.81042  1.000 302.13561 ? 107 DA A OP1   1 
ATOM 225 O OP2   . DA B 2 3  ? -10.39546 -1.10658  -5.83496  1.000 292.75808 ? 107 DA A OP2   1 
ATOM 226 O "O5'" . DA B 2 3  ? -12.74614 -1.92946  -5.57471  1.000 304.74870 ? 107 DA A "O5'" 1 
ATOM 227 C "C5'" . DA B 2 3  ? -14.02028 -2.30246  -6.09183  1.000 310.34608 ? 107 DA A "C5'" 1 
ATOM 228 C "C4'" . DA B 2 3  ? -14.62873 -3.44330  -5.29111  1.000 330.74569 ? 107 DA A "C4'" 1 
ATOM 229 O "O4'" . DA B 2 3  ? -13.89401 -4.66361  -5.53913  1.000 343.05685 ? 107 DA A "O4'" 1 
ATOM 230 C "C3'" . DA B 2 3  ? -14.63156 -3.25951  -3.78015  1.000 339.73826 ? 107 DA A "C3'" 1 
ATOM 231 O "O3'" . DA B 2 3  ? -15.78028 -3.89233  -3.22591  1.000 352.01391 ? 107 DA A "O3'" 1 
ATOM 232 C "C2'" . DA B 2 3  ? -13.33433 -3.94256  -3.34134  1.000 349.97975 ? 107 DA A "C2'" 1 
ATOM 233 C "C1'" . DA B 2 3  ? -13.14776 -5.03762  -4.39257  1.000 355.74896 ? 107 DA A "C1'" 1 
ATOM 234 N N9    . DA B 2 3  ? -11.75961 -5.22321  -4.80495  1.000 353.46377 ? 107 DA A N9    1 
ATOM 235 C C8    . DA B 2 3  ? -10.85077 -4.24479  -5.09354  1.000 335.88750 ? 107 DA A C8    1 
ATOM 236 N N7    . DA B 2 3  ? -9.67522  -4.70096  -5.45350  1.000 337.72971 ? 107 DA A N7    1 
ATOM 237 C C5    . DA B 2 3  ? -9.82490  -6.07489  -5.40967  1.000 360.29116 ? 107 DA A C5    1 
ATOM 238 C C6    . DA B 2 3  ? -8.93856  -7.13388  -5.68493  1.000 374.67930 ? 107 DA A C6    1 
ATOM 239 N N6    . DA B 2 3  ? -7.67132  -6.95121  -6.07466  1.000 367.92401 ? 107 DA A N6    1 
ATOM 240 N N1    . DA B 2 3  ? -9.40461  -8.39179  -5.53828  1.000 396.00524 ? 107 DA A N1    1 
ATOM 241 C C2    . DA B 2 3  ? -10.67213 -8.57030  -5.14640  1.000 399.44143 ? 107 DA A C2    1 
ATOM 242 N N3    . DA B 2 3  ? -11.59776 -7.65578  -4.86105  1.000 388.03513 ? 107 DA A N3    1 
ATOM 243 C C4    . DA B 2 3  ? -11.10498 -6.41633  -5.01451  1.000 369.01721 ? 107 DA A C4    1 
ATOM 244 P P     . DG B 2 4  ? -16.06074 -3.84989  -1.64359  1.000 307.50503 ? 108 DG A P     1 
ATOM 245 O OP1   . DG B 2 4  ? -17.52867 -3.90870  -1.44040  1.000 309.00878 ? 108 DG A OP1   1 
ATOM 246 O OP2   . DG B 2 4  ? -15.27945 -2.73124  -1.06697  1.000 298.22019 ? 108 DG A OP2   1 
ATOM 247 O "O5'" . DG B 2 4  ? -15.41147 -5.21294  -1.11787  1.000 327.67262 ? 108 DG A "O5'" 1 
ATOM 248 C "C5'" . DG B 2 4  ? -15.74410 -6.44531  -1.75031  1.000 335.93831 ? 108 DG A "C5'" 1 
ATOM 249 C "C4'" . DG B 2 4  ? -14.82478 -7.56035  -1.28445  1.000 351.86273 ? 108 DG A "C4'" 1 
ATOM 250 O "O4'" . DG B 2 4  ? -13.55588 -7.47486  -1.98725  1.000 350.56758 ? 108 DG A "O4'" 1 
ATOM 251 C "C3'" . DG B 2 4  ? -14.48392 -7.53531  0.21512   1.000 358.98930 ? 108 DG A "C3'" 1 
ATOM 252 O "O3'" . DG B 2 4  ? -14.69048 -8.82610  0.79165   1.000 365.66658 ? 108 DG A "O3'" 1 
ATOM 253 C "C2'" . DG B 2 4  ? -13.00786 -7.14572  0.23196   1.000 358.37123 ? 108 DG A "C2'" 1 
ATOM 254 C "C1'" . DG B 2 4  ? -12.53365 -7.75481  -1.07075  1.000 359.57661 ? 108 DG A "C1'" 1 
ATOM 255 N N9    . DG B 2 4  ? -11.27842 -7.19116  -1.54603  1.000 353.78477 ? 108 DG A N9    1 
ATOM 256 C C8    . DG B 2 4  ? -10.96973 -5.86190  -1.70262  1.000 336.60834 ? 108 DG A C8    1 
ATOM 257 N N7    . DG B 2 4  ? -9.75384  -5.66027  -2.12853  1.000 330.24875 ? 108 DG A N7    1 
ATOM 258 C C5    . DG B 2 4  ? -9.22236  -6.93742  -2.25333  1.000 348.30987 ? 108 DG A C5    1 
ATOM 259 C C6    . DG B 2 4  ? -7.93680  -7.35502  -2.66972  1.000 351.17159 ? 108 DG A C6    1 
ATOM 260 O O6    . DG B 2 4  ? -6.98306  -6.65151  -3.02959  1.000 338.70258 ? 108 DG A O6    1 
ATOM 261 N N1    . DG B 2 4  ? -7.81469  -8.74478  -2.64962  1.000 359.09925 ? 108 DG A N1    1 
ATOM 262 C C2    . DG B 2 4  ? -8.81212  -9.61561  -2.27268  1.000 363.71750 ? 108 DG A C2    1 
ATOM 263 N N2    . DG B 2 4  ? -8.51428  -10.92246 -2.31145  1.000 364.64836 ? 108 DG A N2    1 
ATOM 264 N N3    . DG B 2 4  ? -10.01493 -9.23438  -1.87559  1.000 365.12752 ? 108 DG A N3    1 
ATOM 265 C C4    . DG B 2 4  ? -10.15074 -7.88783  -1.89891  1.000 358.83456 ? 108 DG A C4    1 
ATOM 266 P P     . DC B 2 5  ? -14.66869 -9.01575  2.38913   1.000 346.75225 ? 109 DC A P     1 
ATOM 267 O OP1   . DC B 2 5  ? -15.04246 -10.41654 2.68763   1.000 341.43724 ? 109 DC A OP1   1 
ATOM 268 O OP2   . DC B 2 5  ? -15.45017 -7.90520  2.97739   1.000 345.26306 ? 109 DC A OP2   1 
ATOM 269 O "O5'" . DC B 2 5  ? -13.13441 -8.79872  2.78081   1.000 347.03912 ? 109 DC A "O5'" 1 
ATOM 270 C "C5'" . DC B 2 5  ? -12.52624 -9.61493  3.76414   1.000 340.70998 ? 109 DC A "C5'" 1 
ATOM 271 C "C4'" . DC B 2 5  ? -11.75889 -10.75514 3.11912   1.000 336.97378 ? 109 DC A "C4'" 1 
ATOM 272 O "O4'" . DC B 2 5  ? -11.45818 -10.42404 1.73685   1.000 344.01090 ? 109 DC A "O4'" 1 
ATOM 273 C "C3'" . DC B 2 5  ? -10.41148 -11.05471 3.75146   1.000 331.23708 ? 109 DC A "C3'" 1 
ATOM 274 O "O3'" . DC B 2 5  ? -10.57427 -11.93941 4.89124   1.000 319.86405 ? 109 DC A "O3'" 1 
ATOM 275 C "C2'" . DC B 2 5  ? -9.65687  -11.69189 2.59349   1.000 331.92750 ? 109 DC A "C2'" 1 
ATOM 276 C "C1'" . DC B 2 5  ? -10.14776 -10.86064 1.41166   1.000 342.15274 ? 109 DC A "C1'" 1 
ATOM 277 N N1    . DC B 2 5  ? -9.30862  -9.65839  1.12882   1.000 344.98231 ? 109 DC A N1    1 
ATOM 278 C C2    . DC B 2 5  ? -7.97262  -9.81018  0.71905   1.000 342.35821 ? 109 DC A C2    1 
ATOM 279 O O2    . DC B 2 5  ? -7.49818  -10.94924 0.60637   1.000 339.21316 ? 109 DC A O2    1 
ATOM 280 N N3    . DC B 2 5  ? -7.23742  -8.69722  0.46549   1.000 339.13369 ? 109 DC A N3    1 
ATOM 281 C C4    . DC B 2 5  ? -7.78962  -7.48779  0.60300   1.000 336.33774 ? 109 DC A C4    1 
ATOM 282 N N4    . DC B 2 5  ? -7.03457  -6.41715  0.34142   1.000 328.43369 ? 109 DC A N4    1 
ATOM 283 C C5    . DC B 2 5  ? -9.14217  -7.32000  1.01778   1.000 339.85924 ? 109 DC A C5    1 
ATOM 284 C C6    . DC B 2 5  ? -9.85699  -8.41943  1.26311   1.000 345.51533 ? 109 DC A C6    1 
ATOM 285 P P     . DC B 2 6  ? -10.28037 -13.52290 4.80945   1.000 316.86678 ? 110 DC A P     1 
ATOM 286 O OP1   . DC B 2 6  ? -10.99191 -14.12098 3.65546   1.000 318.76274 ? 110 DC A OP1   1 
ATOM 287 O OP2   . DC B 2 6  ? -10.57196 -14.05151 6.15904   1.000 305.34613 ? 110 DC A OP2   1 
ATOM 288 O "O5'" . DC B 2 6  ? -8.69530  -13.63093 4.61735   1.000 317.59867 ? 110 DC A "O5'" 1 
ATOM 289 C "C5'" . DC B 2 6  ? -8.15121  -14.74517 3.93969   1.000 314.19682 ? 110 DC A "C5'" 1 
ATOM 290 C "C4'" . DC B 2 6  ? -6.66609  -14.56257 3.69273   1.000 317.07236 ? 110 DC A "C4'" 1 
ATOM 291 O "O4'" . DC B 2 6  ? -6.42499  -13.29181 3.04052   1.000 327.18214 ? 110 DC A "O4'" 1 
ATOM 292 C "C3'" . DC B 2 6  ? -5.79134  -14.57680 4.94759   1.000 311.41400 ? 110 DC A "C3'" 1 
ATOM 293 O "O3'" . DC B 2 6  ? -4.74196  -15.51123 4.77660   1.000 308.26551 ? 110 DC A "O3'" 1 
ATOM 294 C "C2'" . DC B 2 6  ? -5.26006  -13.14440 5.04289   1.000 319.57879 ? 110 DC A "C2'" 1 
ATOM 295 C "C1'" . DC B 2 6  ? -5.27371  -12.70483 3.59053   1.000 328.22717 ? 110 DC A "C1'" 1 
ATOM 296 N N1    . DC B 2 6  ? -5.38643  -11.23848 3.43381   1.000 334.92838 ? 110 DC A N1    1 
ATOM 297 C C2    . DC B 2 6  ? -4.26391  -10.47993 3.06981   1.000 335.47787 ? 110 DC A C2    1 
ATOM 298 O O2    . DC B 2 6  ? -3.18231  -11.05123 2.87815   1.000 332.61577 ? 110 DC A O2    1 
ATOM 299 N N3    . DC B 2 6  ? -4.40148  -9.13368  2.94357   1.000 334.41217 ? 110 DC A N3    1 
ATOM 300 C C4    . DC B 2 6  ? -5.58830  -8.55942  3.16426   1.000 338.13271 ? 110 DC A C4    1 
ATOM 301 N N4    . DC B 2 6  ? -5.68546  -7.23372  3.02816   1.000 334.10521 ? 110 DC A N4    1 
ATOM 302 C C5    . DC B 2 6  ? -6.73067  -9.31960  3.54098   1.000 341.53745 ? 110 DC A C5    1 
ATOM 303 C C6    . DC B 2 6  ? -6.58622  -10.64002 3.65852   1.000 337.18319 ? 110 DC A C6    1 
ATOM 304 P P     . DT B 2 7  ? -3.87335  -16.00700 6.03366   1.000 309.86984 ? 111 DT A P     1 
ATOM 305 O OP1   . DT B 2 7  ? -4.13101  -17.45615 6.20083   1.000 302.34894 ? 111 DT A OP1   1 
ATOM 306 O OP2   . DT B 2 7  ? -4.11091  -15.08395 7.16949   1.000 307.76142 ? 111 DT A OP2   1 
ATOM 307 O "O5'" . DT B 2 7  ? -2.36828  -15.82171 5.52889   1.000 315.52920 ? 111 DT A "O5'" 1 
ATOM 308 C "C5'" . DT B 2 7  ? -2.03527  -14.72982 4.67977   1.000 325.83931 ? 111 DT A "C5'" 1 
ATOM 309 C "C4'" . DT B 2 7  ? -0.61003  -14.28974 4.92493   1.000 325.74692 ? 111 DT A "C4'" 1 
ATOM 310 O "O4'" . DT B 2 7  ? -0.48201  -12.87484 4.62325   1.000 331.20102 ? 111 DT A "O4'" 1 
ATOM 311 C "C3'" . DT B 2 7  ? -0.14933  -14.43413 6.36805   1.000 316.34306 ? 111 DT A "C3'" 1 
ATOM 312 O "O3'" . DT B 2 7  ? 1.24901   -14.63741 6.40742   1.000 313.28150 ? 111 DT A "O3'" 1 
ATOM 313 C "C2'" . DT B 2 7  ? -0.52313  -13.08452 6.95019   1.000 317.03949 ? 111 DT A "C2'" 1 
ATOM 314 C "C1'" . DT B 2 7  ? -0.13395  -12.17392 5.80045   1.000 323.88144 ? 111 DT A "C1'" 1 
ATOM 315 N N1    . DT B 2 7  ? -0.85255  -10.89647 5.80431   1.000 325.84498 ? 111 DT A N1    1 
ATOM 316 C C2    . DT B 2 7  ? -0.16016  -9.73968  5.55797   1.000 319.02561 ? 111 DT A C2    1 
ATOM 317 O O2    . DT B 2 7  ? 1.03345   -9.71368  5.33170   1.000 312.27644 ? 111 DT A O2    1 
ATOM 318 N N3    . DT B 2 7  ? -0.91914  -8.60565  5.58375   1.000 317.49516 ? 111 DT A N3    1 
ATOM 319 C C4    . DT B 2 7  ? -2.27522  -8.51669  5.82852   1.000 325.18561 ? 111 DT A C4    1 
ATOM 320 O O4    . DT B 2 7  ? -2.87058  -7.44559  5.83048   1.000 322.93549 ? 111 DT A O4    1 
ATOM 321 C C5    . DT B 2 7  ? -2.94032  -9.77290  6.08034   1.000 332.51848 ? 111 DT A C5    1 
ATOM 322 C C7    . DT B 2 7  ? -4.41286  -9.80538  6.36205   1.000 336.95200 ? 111 DT A C7    1 
ATOM 323 C C6    . DT B 2 7  ? -2.20394  -10.88860 6.05609   1.000 330.85737 ? 111 DT A C6    1 
ATOM 324 P P     . DG B 2 8  ? 1.91987   -15.36319 7.67164   1.000 317.24414 ? 112 DG A P     1 
ATOM 325 O OP1   . DG B 2 8  ? 1.75984   -16.82032 7.47223   1.000 315.31873 ? 112 DG A OP1   1 
ATOM 326 O OP2   . DG B 2 8  ? 1.38490   -14.73025 8.89847   1.000 311.04029 ? 112 DG A OP2   1 
ATOM 327 O "O5'" . DG B 2 8  ? 3.47539   -15.00455 7.54277   1.000 316.87951 ? 112 DG A "O5'" 1 
ATOM 328 C "C5'" . DG B 2 8  ? 3.89103   -13.90566 6.73950   1.000 320.04794 ? 112 DG A "C5'" 1 
ATOM 329 C "C4'" . DG B 2 8  ? 4.62625   -12.87089 7.57196   1.000 313.27423 ? 112 DG A "C4'" 1 
ATOM 330 O "O4'" . DG B 2 8  ? 3.83564   -11.65629 7.63214   1.000 312.01360 ? 112 DG A "O4'" 1 
ATOM 331 C "C3'" . DG B 2 8  ? 4.87474   -13.26489 9.02674   1.000 308.09628 ? 112 DG A "C3'" 1 
ATOM 332 O "O3'" . DG B 2 8  ? 6.06310   -12.63660 9.49700   1.000 303.17734 ? 112 DG A "O3'" 1 
ATOM 333 C "C2'" . DG B 2 8  ? 3.64630   -12.69131 9.71442   1.000 306.25654 ? 112 DG A "C2'" 1 
ATOM 334 C "C1'" . DG B 2 8  ? 3.53965   -11.37111 8.97971   1.000 306.52127 ? 112 DG A "C1'" 1 
ATOM 335 N N9    . DG B 2 8  ? 2.23174   -10.73442 9.04805   1.000 309.22528 ? 112 DG A N9    1 
ATOM 336 C C8    . DG B 2 8  ? 1.01304   -11.31894 9.28970   1.000 314.30387 ? 112 DG A C8    1 
ATOM 337 N N7    . DG B 2 8  ? 0.02198   -10.46501 9.28617   1.000 316.99596 ? 112 DG A N7    1 
ATOM 338 C C5    . DG B 2 8  ? 0.63387   -9.24275  9.03270   1.000 310.95660 ? 112 DG A C5    1 
ATOM 339 C C6    . DG B 2 8  ? 0.08671   -7.94169  8.91120   1.000 306.09593 ? 112 DG A C6    1 
ATOM 340 O O6    . DG B 2 8  ? -1.09640  -7.58816  9.00539   1.000 311.84522 ? 112 DG A O6    1 
ATOM 341 N N1    . DG B 2 8  ? 1.07508   -6.99184  8.65081   1.000 287.63024 ? 112 DG A N1    1 
ATOM 342 C C2    . DG B 2 8  ? 2.41172   -7.27187  8.52720   1.000 279.37227 ? 112 DG A C2    1 
ATOM 343 N N2    . DG B 2 8  ? 3.22364   -6.24084  8.27538   1.000 255.11040 ? 112 DG A N2    1 
ATOM 344 N N3    . DG B 2 8  ? 2.92767   -8.47678  8.63833   1.000 290.45012 ? 112 DG A N3    1 
ATOM 345 C C4    . DG B 2 8  ? 1.98922   -9.40472  8.88881   1.000 304.46991 ? 112 DG A C4    1 
ATOM 346 P P     . DT B 2 9  ? 7.42851   -13.47411 9.62517   1.000 348.91945 ? 113 DT A P     1 
ATOM 347 O OP1   . DT B 2 9  ? 7.72688   -14.05543 8.29722   1.000 353.23977 ? 113 DT A OP1   1 
ATOM 348 O OP2   . DT B 2 9  ? 7.31075   -14.35972 10.80350  1.000 348.28664 ? 113 DT A OP2   1 
ATOM 349 O "O5'" . DT B 2 9  ? 8.53162   -12.36607 9.95950   1.000 340.79942 ? 113 DT A "O5'" 1 
ATOM 350 C "C5'" . DT B 2 9  ? 8.45780   -11.62716 11.17332  1.000 327.49054 ? 113 DT A "C5'" 1 
ATOM 351 C "C4'" . DT B 2 9  ? 8.60728   -10.14050 10.90677  1.000 303.52648 ? 113 DT A "C4'" 1 
ATOM 352 O "O4'" . DT B 2 9  ? 7.31809   -9.58027  10.54077  1.000 305.56684 ? 113 DT A "O4'" 1 
ATOM 353 C "C3'" . DT B 2 9  ? 9.11456   -9.31377  12.09370  1.000 272.57922 ? 113 DT A "C3'" 1 
ATOM 354 O "O3'" . DT B 2 9  ? 10.17402  -8.45037  11.66970  1.000 258.41764 ? 113 DT A "O3'" 1 
ATOM 355 C "C2'" . DT B 2 9  ? 7.87963   -8.52823  12.53668  1.000 261.41587 ? 113 DT A "C2'" 1 
ATOM 356 C "C1'" . DT B 2 9  ? 7.12406   -8.37124  11.22943  1.000 276.64053 ? 113 DT A "C1'" 1 
ATOM 357 N N1    . DT B 2 9  ? 5.65263   -8.15232  11.40803  1.000 283.82434 ? 113 DT A N1    1 
ATOM 358 C C2    . DT B 2 9  ? 5.14516   -6.87599  11.30481  1.000 264.67183 ? 113 DT A C2    1 
ATOM 359 O O2    . DT B 2 9  ? 5.83879   -5.89727  11.07106  1.000 243.40183 ? 113 DT A O2    1 
ATOM 360 N N3    . DT B 2 9  ? 3.78552   -6.78386  11.48874  1.000 275.95164 ? 113 DT A N3    1 
ATOM 361 C C4    . DT B 2 9  ? 2.90496   -7.81970  11.75772  1.000 301.50811 ? 113 DT A C4    1 
ATOM 362 O O4    . DT B 2 9  ? 1.70046   -7.64158  11.90542  1.000 309.59039 ? 113 DT A O4    1 
ATOM 363 C C5    . DT B 2 9  ? 3.50059   -9.12762  11.85127  1.000 315.66004 ? 113 DT A C5    1 
ATOM 364 C C7    . DT B 2 9  ? 2.64186   -10.31873 12.15239  1.000 332.78420 ? 113 DT A C7    1 
ATOM 365 C C6    . DT B 2 9  ? 4.83002   -9.23211  11.67389  1.000 307.83599 ? 113 DT A C6    1 
ATOM 366 P P     . DA B 2 10 ? 10.74356  -7.30121  12.64149  1.000 298.83587 ? 114 DA A P     1 
ATOM 367 O OP1   . DA B 2 10 ? 12.13546  -7.02395  12.21907  1.000 293.95123 ? 114 DA A OP1   1 
ATOM 368 O OP2   . DA B 2 10 ? 10.49032  -7.70523  14.04478  1.000 294.87880 ? 114 DA A OP2   1 
ATOM 369 O "O5'" . DA B 2 10 ? 9.83747   -6.02683  12.28551  1.000 286.20113 ? 114 DA A "O5'" 1 
ATOM 370 C "C5'" . DA B 2 10 ? 10.36261  -4.71338  12.42271  1.000 264.98969 ? 114 DA A "C5'" 1 
ATOM 371 C "C4'" . DA B 2 10 ? 9.74271   -3.99951  13.61126  1.000 252.24558 ? 114 DA A "C4'" 1 
ATOM 372 O "O4'" . DA B 2 10 ? 8.30854   -3.92341  13.44691  1.000 255.57889 ? 114 DA A "O4'" 1 
ATOM 373 C "C3'" . DA B 2 10 ? 9.93545   -4.67816  14.95190  1.000 254.48211 ? 114 DA A "C3'" 1 
ATOM 374 O "O3'" . DA B 2 10 ? 11.20629  -4.34157  15.49178  1.000 254.82685 ? 114 DA A "O3'" 1 
ATOM 375 C "C2'" . DA B 2 10 ? 8.79608   -4.07498  15.76987  1.000 249.05920 ? 114 DA A "C2'" 1 
ATOM 376 C "C1'" . DA B 2 10 ? 7.68554   -3.91559  14.72309  1.000 251.07792 ? 114 DA A "C1'" 1 
ATOM 377 N N9    . DA B 2 10 ? 6.69187   -4.98967  14.76984  1.000 267.94672 ? 114 DA A N9    1 
ATOM 378 C C8    . DA B 2 10 ? 6.94121   -6.33380  14.78700  1.000 283.90074 ? 114 DA A C8    1 
ATOM 379 N N7    . DA B 2 10 ? 5.86029   -7.07800  14.83220  1.000 298.31837 ? 114 DA A N7    1 
ATOM 380 C C5    . DA B 2 10 ? 4.82002   -6.15833  14.85458  1.000 291.95962 ? 114 DA A C5    1 
ATOM 381 C C6    . DA B 2 10 ? 3.41542   -6.31122  14.90286  1.000 302.18841 ? 114 DA A C6    1 
ATOM 382 N N6    . DA B 2 10 ? 2.80244   -7.50036  14.93981  1.000 324.04481 ? 114 DA A N6    1 
ATOM 383 N N1    . DA B 2 10 ? 2.66447   -5.19187  14.91199  1.000 293.85782 ? 114 DA A N1    1 
ATOM 384 C C2    . DA B 2 10 ? 3.27884   -3.99838  14.87469  1.000 274.92114 ? 114 DA A C2    1 
ATOM 385 N N3    . DA B 2 10 ? 4.58777   -3.72757  14.82597  1.000 263.10912 ? 114 DA A N3    1 
ATOM 386 C C4    . DA B 2 10 ? 5.31286   -4.86315  14.81838  1.000 273.18008 ? 114 DA A C4    1 
ATOM 387 P P     . DT C 3 1  ? -7.28747  -3.08903  17.09422  1.000 310.62645 ? 122 DT B P     1 
ATOM 388 O OP1   . DT C 3 1  ? -8.02920  -2.24548  18.05503  1.000 318.35203 ? 122 DT B OP1   1 
ATOM 389 O OP2   . DT C 3 1  ? -7.65154  -4.51095  16.91073  1.000 306.07079 ? 122 DT B OP2   1 
ATOM 390 O "O5'" . DT C 3 1  ? -5.74872  -3.03860  17.49107  1.000 309.15933 ? 122 DT B "O5'" 1 
ATOM 391 C "C5'" . DT C 3 1  ? -5.13534  -1.80045  17.74156  1.000 313.19518 ? 122 DT B "C5'" 1 
ATOM 392 C "C4'" . DT C 3 1  ? -4.16298  -1.44312  16.62961  1.000 310.18066 ? 122 DT B "C4'" 1 
ATOM 393 O "O4'" . DT C 3 1  ? -3.05918  -2.39636  16.59819  1.000 307.15364 ? 122 DT B "O4'" 1 
ATOM 394 C "C3'" . DT C 3 1  ? -4.74238  -1.45008  15.20517  1.000 306.39322 ? 122 DT B "C3'" 1 
ATOM 395 O "O3'" . DT C 3 1  ? -4.14185  -0.38716  14.45833  1.000 307.72676 ? 122 DT B "O3'" 1 
ATOM 396 C "C2'" . DT C 3 1  ? -4.26989  -2.80145  14.68661  1.000 299.94241 ? 122 DT B "C2'" 1 
ATOM 397 C "C1'" . DT C 3 1  ? -2.87447  -2.78660  15.25729  1.000 302.30485 ? 122 DT B "C1'" 1 
ATOM 398 N N1    . DT C 3 1  ? -2.17510  -4.08153  15.20223  1.000 297.25261 ? 122 DT B N1    1 
ATOM 399 C C2    . DT C 3 1  ? -0.81179  -4.07611  15.12428  1.000 297.56893 ? 122 DT B C2    1 
ATOM 400 O O2    . DT C 3 1  ? -0.15449  -3.05444  15.11390  1.000 301.97672 ? 122 DT B O2    1 
ATOM 401 N N3    . DT C 3 1  ? -0.23111  -5.30668  15.07138  1.000 292.05077 ? 122 DT B N3    1 
ATOM 402 C C4    . DT C 3 1  ? -0.87765  -6.52949  15.07926  1.000 286.08892 ? 122 DT B C4    1 
ATOM 403 O O4    . DT C 3 1  ? -0.26385  -7.58885  15.02743  1.000 282.73360 ? 122 DT B O4    1 
ATOM 404 C C5    . DT C 3 1  ? -2.32283  -6.46885  15.15201  1.000 286.87551 ? 122 DT B C5    1 
ATOM 405 C C7    . DT C 3 1  ? -3.13537  -7.73139  15.16545  1.000 283.49340 ? 122 DT B C7    1 
ATOM 406 C C6    . DT C 3 1  ? -2.89646  -5.25804  15.20411  1.000 291.85561 ? 122 DT B C6    1 
ATOM 407 P P     . DA C 3 2  ? -4.67573  0.02976   12.99579  1.000 304.95821 ? 123 DA B P     1 
ATOM 408 O OP1   . DA C 3 2  ? -5.72899  1.05022   13.21617  1.000 311.19316 ? 123 DA B OP1   1 
ATOM 409 O OP2   . DA C 3 2  ? -4.99813  -1.17853  12.20519  1.000 299.16024 ? 123 DA B OP2   1 
ATOM 410 O "O5'" . DA C 3 2  ? -3.38663  0.69850   12.31200  1.000 306.83095 ? 123 DA B "O5'" 1 
ATOM 411 C "C5'" . DA C 3 2  ? -2.41312  1.35105   13.12703  1.000 312.98519 ? 123 DA B "C5'" 1 
ATOM 412 C "C4'" . DA C 3 2  ? -1.13386  1.64600   12.35347  1.000 317.02789 ? 123 DA B "C4'" 1 
ATOM 413 O "O4'" . DA C 3 2  ? -0.28228  0.48071   12.32262  1.000 310.20318 ? 123 DA B "O4'" 1 
ATOM 414 C "C3'" . DA C 3 2  ? -1.31367  2.05406   10.90557  1.000 315.16082 ? 123 DA B "C3'" 1 
ATOM 415 O "O3'" . DA C 3 2  ? -0.27259  2.94530   10.54416  1.000 322.22101 ? 123 DA B "O3'" 1 
ATOM 416 C "C2'" . DA C 3 2  ? -1.22227  0.72426   10.14778  1.000 303.10263 ? 123 DA B "C2'" 1 
ATOM 417 C "C1'" . DA C 3 2  ? -0.36657  -0.15748  11.06401  1.000 301.79770 ? 123 DA B "C1'" 1 
ATOM 418 N N9    . DA C 3 2  ? -0.92039  -1.48812  11.28461  1.000 293.53005 ? 123 DA B N9    1 
ATOM 419 C C8    . DA C 3 2  ? -2.23858  -1.82009  11.40488  1.000 292.28630 ? 123 DA B C8    1 
ATOM 420 N N7    . DA C 3 2  ? -2.44857  -3.09395  11.62459  1.000 287.91754 ? 123 DA B N7    1 
ATOM 421 C C5    . DA C 3 2  ? -1.17706  -3.63738  11.65880  1.000 285.39251 ? 123 DA B C5    1 
ATOM 422 C C6    . DA C 3 2  ? -0.71518  -4.95104  11.85205  1.000 280.96405 ? 123 DA B C6    1 
ATOM 423 N N6    . DA C 3 2  ? -1.52826  -5.99427  12.05874  1.000 277.89522 ? 123 DA B N6    1 
ATOM 424 N N1    . DA C 3 2  ? 0.62112   -5.15284  11.82665  1.000 280.43061 ? 123 DA B N1    1 
ATOM 425 C C2    . DA C 3 2  ? 1.43207   -4.10730  11.62031  1.000 284.12483 ? 123 DA B C2    1 
ATOM 426 N N3    . DA C 3 2  ? 1.11430   -2.82938  11.42440  1.000 288.25355 ? 123 DA B N3    1 
ATOM 427 C C4    . DA C 3 2  ? -0.22083  -2.66016  11.45494  1.000 288.57935 ? 123 DA B C4    1 
ATOM 428 P P     . DC C 3 3  ? -0.08481  3.41487   9.02200   1.000 309.99940 ? 124 DC B P     1 
ATOM 429 O OP1   . DC C 3 3  ? 0.60267   4.72238   9.05605   1.000 316.03945 ? 124 DC B OP1   1 
ATOM 430 O OP2   . DC C 3 3  ? -1.39019  3.28829   8.33427   1.000 309.41250 ? 124 DC B OP2   1 
ATOM 431 O "O5'" . DC C 3 3  ? 0.93587   2.34273   8.43009   1.000 304.90296 ? 124 DC B "O5'" 1 
ATOM 432 C "C5'" . DC C 3 3  ? 2.12540   2.05324   9.13753   1.000 304.69343 ? 124 DC B "C5'" 1 
ATOM 433 C "C4'" . DC C 3 3  ? 2.88717   0.94052   8.45790   1.000 299.95962 ? 124 DC B "C4'" 1 
ATOM 434 O "O4'" . DC C 3 3  ? 2.32009   -0.33984  8.83547   1.000 294.37354 ? 124 DC B "O4'" 1 
ATOM 435 C "C3'" . DC C 3 3  ? 2.85428   0.98287   6.93020   1.000 299.26353 ? 124 DC B "C3'" 1 
ATOM 436 O "O3'" . DC C 3 3  ? 4.14191   0.67980   6.42904   1.000 299.20599 ? 124 DC B "O3'" 1 
ATOM 437 C "C2'" . DC C 3 3  ? 1.84295   -0.10833  6.57704   1.000 293.54434 ? 124 DC B "C2'" 1 
ATOM 438 C "C1'" . DC C 3 3  ? 2.12410   -1.11180  7.67676   1.000 290.01500 ? 124 DC B "C1'" 1 
ATOM 439 N N1    . DC C 3 3  ? 1.02087   -2.06855  7.93082   1.000 285.60865 ? 124 DC B N1    1 
ATOM 440 C C2    . DC C 3 3  ? 1.32765   -3.38778  8.23281   1.000 280.71208 ? 124 DC B C2    1 
ATOM 441 O O2    . DC C 3 3  ? 2.50706   -3.71782  8.27705   1.000 280.32620 ? 124 DC B O2    1 
ATOM 442 N N3    . DC C 3 3  ? 0.32657   -4.26310  8.47269   1.000 277.15762 ? 124 DC B N3    1 
ATOM 443 C C4    . DC C 3 3  ? -0.93580  -3.85541  8.41738   1.000 278.65807 ? 124 DC B C4    1 
ATOM 444 N N4    . DC C 3 3  ? -1.89604  -4.75366  8.66236   1.000 275.74133 ? 124 DC B N4    1 
ATOM 445 C C5    . DC C 3 3  ? -1.27241  -2.50469  8.11187   1.000 283.88543 ? 124 DC B C5    1 
ATOM 446 C C6    . DC C 3 3  ? -0.26923  -1.65343  7.87519   1.000 287.04257 ? 124 DC B C6    1 
ATOM 447 P P     . DA C 3 4  ? 4.66470   1.29463   5.02705   1.000 311.50118 ? 125 DA B P     1 
ATOM 448 O OP1   . DA C 3 4  ? 5.26197   2.62860   5.29456   1.000 319.78947 ? 125 DA B OP1   1 
ATOM 449 O OP2   . DA C 3 4  ? 3.59445   1.15459   4.00052   1.000 311.52882 ? 125 DA B OP2   1 
ATOM 450 O "O5'" . DA C 3 4  ? 5.83197   0.28775   4.63162   1.000 301.45446 ? 125 DA B "O5'" 1 
ATOM 451 C "C5'" . DA C 3 4  ? 5.98681   -0.94952  5.35146   1.000 294.86177 ? 125 DA B "C5'" 1 
ATOM 452 C "C4'" . DA C 3 4  ? 5.59516   -2.11781  4.47811   1.000 288.97171 ? 125 DA B "C4'" 1 
ATOM 453 O "O4'" . DA C 3 4  ? 4.30372   -2.63136  4.87867   1.000 284.68622 ? 125 DA B "O4'" 1 
ATOM 454 C "C3'" . DA C 3 4  ? 5.47557   -1.79012  2.98564   1.000 290.44058 ? 125 DA B "C3'" 1 
ATOM 455 O "O3'" . DA C 3 4  ? 6.28216   -2.69718  2.22426   1.000 288.25676 ? 125 DA B "O3'" 1 
ATOM 456 C "C2'" . DA C 3 4  ? 4.00707   -2.01063  2.66873   1.000 287.30549 ? 125 DA B "C2'" 1 
ATOM 457 C "C1'" . DA C 3 4  ? 3.62616   -3.03876  3.70852   1.000 281.97784 ? 125 DA B "C1'" 1 
ATOM 458 N N9    . DA C 3 4  ? 2.20107   -3.11205  4.01329   1.000 280.22386 ? 125 DA B N9    1 
ATOM 459 C C8    . DA C 3 4  ? 1.23426   -2.15148  3.84557   1.000 283.90121 ? 125 DA B C8    1 
ATOM 460 N N7    . DA C 3 4  ? 0.03633   -2.53879  4.20946   1.000 281.84670 ? 125 DA B N7    1 
ATOM 461 C C5    . DA C 3 4  ? 0.22517   -3.84525  4.63844   1.000 276.20290 ? 125 DA B C5    1 
ATOM 462 C C6    . DA C 3 4  ? -0.66021  -4.81261  5.14180   1.000 272.24298 ? 125 DA B C6    1 
ATOM 463 N N6    . DA C 3 4  ? -1.96737  -4.60393  5.31189   1.000 273.59921 ? 125 DA B N6    1 
ATOM 464 N N1    . DA C 3 4  ? -0.14916  -6.01697  5.47604   1.000 267.47738 ? 125 DA B N1    1 
ATOM 465 C C2    . DA C 3 4  ? 1.16127   -6.22648  5.30286   1.000 266.93969 ? 125 DA B C2    1 
ATOM 466 N N3    . DA C 3 4  ? 2.09175   -5.40027  4.83665   1.000 270.65177 ? 125 DA B N3    1 
ATOM 467 C C4    . DA C 3 4  ? 1.55210   -4.21125  4.51825   1.000 275.11619 ? 125 DA B C4    1 
ATOM 468 P P     . DC C 3 5  ? 7.46065   -2.15706  1.26920   1.000 268.60070 ? 126 DC B P     1 
ATOM 469 O OP1   . DC C 3 5  ? 7.90016   -3.27942  0.40386   1.000 284.49028 ? 126 DC B OP1   1 
ATOM 470 O OP2   . DC C 3 5  ? 8.45359   -1.45472  2.11793   1.000 278.02162 ? 126 DC B OP2   1 
ATOM 471 O "O5'" . DC C 3 5  ? 6.73209   -1.09707  0.32791   1.000 243.86207 ? 126 DC B "O5'" 1 
ATOM 472 C "C5'" . DC C 3 5  ? 5.99358   -1.51275  -0.83506  1.000 238.97496 ? 126 DC B "C5'" 1 
ATOM 473 C "C4'" . DC C 3 5  ? 6.17654   -0.51889  -1.95985  1.000 234.54057 ? 126 DC B "C4'" 1 
ATOM 474 O "O4'" . DC C 3 5  ? 5.88485   0.81543   -1.48346  1.000 217.69573 ? 126 DC B "O4'" 1 
ATOM 475 C "C3'" . DC C 3 5  ? 7.59042   -0.46314  -2.53480  1.000 267.79323 ? 126 DC B "C3'" 1 
ATOM 476 O "O3'" . DC C 3 5  ? 7.56236   -0.30659  -3.96491  1.000 265.50207 ? 126 DC B "O3'" 1 
ATOM 477 C "C2'" . DC C 3 5  ? 8.21591   0.73684   -1.84247  1.000 271.00841 ? 126 DC B "C2'" 1 
ATOM 478 C "C1'" . DC C 3 5  ? 7.03635   1.64443   -1.54004  1.000 237.13063 ? 126 DC B "C1'" 1 
ATOM 479 N N1    . DC C 3 5  ? 7.13882   2.35388   -0.25416  1.000 227.91231 ? 126 DC B N1    1 
ATOM 480 C C2    . DC C 3 5  ? 7.94676   3.49080   -0.17090  1.000 232.47298 ? 126 DC B C2    1 
ATOM 481 O O2    . DC C 3 5  ? 8.55804   3.86710   -1.18161  1.000 244.92052 ? 126 DC B O2    1 
ATOM 482 N N3    . DC C 3 5  ? 8.04021   4.15101   1.00587   1.000 222.31255 ? 126 DC B N3    1 
ATOM 483 C C4    . DC C 3 5  ? 7.36343   3.71393   2.07017   1.000 215.58096 ? 126 DC B C4    1 
ATOM 484 N N4    . DC C 3 5  ? 7.48570   4.39300   3.21261   1.000 213.65531 ? 126 DC B N4    1 
ATOM 485 C C5    . DC C 3 5  ? 6.53225   2.55864   2.01215   1.000 214.74605 ? 126 DC B C5    1 
ATOM 486 C C6    . DC C 3 5  ? 6.44740   1.91678   0.84053   1.000 216.99256 ? 126 DC B C6    1 
ATOM 487 P P     . DC C 3 6  ? 8.86353   -0.65887  -4.86440  1.000 247.79590 ? 127 DC B P     1 
ATOM 488 O OP1   . DC C 3 6  ? 8.41400   -0.79425  -6.26911  1.000 233.98035 ? 127 DC B OP1   1 
ATOM 489 O OP2   . DC C 3 6  ? 9.57218   -1.78533  -4.21653  1.000 272.47008 ? 127 DC B OP2   1 
ATOM 490 O "O5'" . DC C 3 6  ? 9.75675   0.66060   -4.70043  1.000 254.95813 ? 127 DC B "O5'" 1 
ATOM 491 C "C5'" . DC C 3 6  ? 10.71046  1.00813   -5.68732  1.000 265.32488 ? 127 DC B "C5'" 1 
ATOM 492 C "C4'" . DC C 3 6  ? 12.11119  1.02370   -5.10378  1.000 289.32806 ? 127 DC B "C4'" 1 
ATOM 493 O "O4'" . DC C 3 6  ? 12.06045  1.41941   -3.70687  1.000 282.88922 ? 127 DC B "O4'" 1 
ATOM 494 C "C3'" . DC C 3 6  ? 12.83256  -0.32178  -5.13750  1.000 303.00768 ? 127 DC B "C3'" 1 
ATOM 495 O "O3'" . DC C 3 6  ? 14.19499  -0.12610  -5.46809  1.000 300.02220 ? 127 DC B "O3'" 1 
ATOM 496 C "C2'" . DC C 3 6  ? 12.67474  -0.83359  -3.70865  1.000 304.97956 ? 127 DC B "C2'" 1 
ATOM 497 C "C1'" . DC C 3 6  ? 12.73841  0.46357   -2.91980  1.000 293.45540 ? 127 DC B "C1'" 1 
ATOM 498 N N1    . DC C 3 6  ? 12.07221  0.38954   -1.58111  1.000 283.85557 ? 127 DC B N1    1 
ATOM 499 C C2    . DC C 3 6  ? 12.21473  1.45016   -0.67343  1.000 273.24340 ? 127 DC B C2    1 
ATOM 500 O O2    . DC C 3 6  ? 12.89348  2.43189   -0.99773  1.000 272.01223 ? 127 DC B O2    1 
ATOM 501 N N3    . DC C 3 6  ? 11.60260  1.36647   0.53833   1.000 262.41646 ? 127 DC B N3    1 
ATOM 502 C C4    . DC C 3 6  ? 10.87918  0.28921   0.84874   1.000 261.01081 ? 127 DC B C4    1 
ATOM 503 N N4    . DC C 3 6  ? 10.29599  0.25134   2.05363   1.000 247.67116 ? 127 DC B N4    1 
ATOM 504 C C5    . DC C 3 6  ? 10.72841  -0.80127  -0.06032  1.000 271.70159 ? 127 DC B C5    1 
ATOM 505 C C6    . DC C 3 6  ? 11.33342  -0.70956  -1.25171  1.000 283.40042 ? 127 DC B C6    1 
ATOM 506 P P     . DG C 3 7  ? 14.65253  -0.04292  -7.00621  1.000 290.35588 ? 128 DG B P     1 
ATOM 507 O OP1   . DG C 3 7  ? 13.44293  0.16731   -7.83123  1.000 274.99318 ? 128 DG B OP1   1 
ATOM 508 O OP2   . DG C 3 7  ? 15.52637  -1.20814  -7.28105  1.000 303.83653 ? 128 DG B OP2   1 
ATOM 509 O "O5'" . DG C 3 7  ? 15.56683  1.26968   -7.05137  1.000 285.56921 ? 128 DG B "O5'" 1 
ATOM 510 C "C5'" . DG C 3 7  ? 15.19377  2.42542   -6.29977  1.000 276.63290 ? 128 DG B "C5'" 1 
ATOM 511 C "C4'" . DG C 3 7  ? 16.40985  3.26411   -5.93160  1.000 284.30236 ? 128 DG B "C4'" 1 
ATOM 512 O "O4'" . DG C 3 7  ? 16.62026  3.21031   -4.50695  1.000 287.09518 ? 128 DG B "O4'" 1 
ATOM 513 C "C3'" . DG C 3 7  ? 17.72747  2.80932   -6.53639  1.000 299.05992 ? 128 DG B "C3'" 1 
ATOM 514 O "O3'" . DG C 3 7  ? 18.61678  3.91258   -6.64521  1.000 302.75600 ? 128 DG B "O3'" 1 
ATOM 515 C "C2'" . DG C 3 7  ? 18.23321  1.77740   -5.52476  1.000 309.47251 ? 128 DG B "C2'" 1 
ATOM 516 C "C1'" . DG C 3 7  ? 17.61038  2.24367   -4.20145  1.000 301.64483 ? 128 DG B "C1'" 1 
ATOM 517 N N9    . DG C 3 7  ? 16.97549  1.16687   -3.44331  1.000 302.84126 ? 128 DG B N9    1 
ATOM 518 C C8    . DG C 3 7  ? 16.75141  -0.12058  -3.86690  1.000 313.33967 ? 128 DG B C8    1 
ATOM 519 N N7    . DG C 3 7  ? 16.15731  -0.86432  -2.97723  1.000 318.85903 ? 128 DG B N7    1 
ATOM 520 C C5    . DG C 3 7  ? 15.97215  -0.01500  -1.89151  1.000 312.15517 ? 128 DG B C5    1 
ATOM 521 C C6    . DG C 3 7  ? 15.37634  -0.26345  -0.63314  1.000 311.22787 ? 128 DG B C6    1 
ATOM 522 O O6    . DG C 3 7  ? 14.88264  -1.32035  -0.21911  1.000 316.25261 ? 128 DG B O6    1 
ATOM 523 N N1    . DG C 3 7  ? 15.38915  0.87022   0.18355   1.000 300.13266 ? 128 DG B N1    1 
ATOM 524 C C2    . DG C 3 7  ? 15.91249  2.08975   -0.17811  1.000 291.97553 ? 128 DG B C2    1 
ATOM 525 N N2    . DG C 3 7  ? 15.83556  3.06853   0.73992   1.000 283.10863 ? 128 DG B N2    1 
ATOM 526 N N3    . DG C 3 7  ? 16.47322  2.33611   -1.35803  1.000 291.82277 ? 128 DG B N3    1 
ATOM 527 C C4    . DG C 3 7  ? 16.46795  1.24030   -2.16236  1.000 301.99637 ? 128 DG B C4    1 
ATOM 528 O "O5'" . DT D 4 1  ? 2.03510   24.06916  -4.63177  1.000 371.87374 ? 104 DT C "O5'" 1 
ATOM 529 C "C5'" . DT D 4 1  ? 0.98768   23.90362  -5.58463  1.000 356.90779 ? 104 DT C "C5'" 1 
ATOM 530 C "C4'" . DT D 4 1  ? -0.36607  23.85074  -4.89801  1.000 353.32913 ? 104 DT C "C4'" 1 
ATOM 531 O "O4'" . DT D 4 1  ? -1.34569  23.32954  -5.81808  1.000 335.71977 ? 104 DT C "O4'" 1 
ATOM 532 C "C3'" . DT D 4 1  ? -0.42093  22.93980  -3.68831  1.000 352.42555 ? 104 DT C "C3'" 1 
ATOM 533 O "O3'" . DT D 4 1  ? -0.11165  23.69253  -2.52310  1.000 370.44383 ? 104 DT C "O3'" 1 
ATOM 534 C "C2'" . DT D 4 1  ? -1.87400  22.44665  -3.66789  1.000 340.73283 ? 104 DT C "C2'" 1 
ATOM 535 C "C1'" . DT D 4 1  ? -2.34366  22.61465  -5.11843  1.000 329.25699 ? 104 DT C "C1'" 1 
ATOM 536 N N1    . DT D 4 1  ? -2.61645  21.32390  -5.86962  1.000 310.66773 ? 104 DT C N1    1 
ATOM 537 C C2    . DT D 4 1  ? -3.58159  20.44332  -5.41711  1.000 303.87182 ? 104 DT C C2    1 
ATOM 538 O O2    . DT D 4 1  ? -4.23578  20.62516  -4.40707  1.000 310.98525 ? 104 DT C O2    1 
ATOM 539 N N3    . DT D 4 1  ? -3.74449  19.32292  -6.20268  1.000 289.72559 ? 104 DT C N3    1 
ATOM 540 C C4    . DT D 4 1  ? -3.06350  19.00740  -7.36496  1.000 280.84160 ? 104 DT C C4    1 
ATOM 541 O O4    . DT D 4 1  ? -3.27972  17.98025  -8.00064  1.000 269.60234 ? 104 DT C O4    1 
ATOM 542 C C5    . DT D 4 1  ? -2.08258  19.97562  -7.78453  1.000 287.25031 ? 104 DT C C5    1 
ATOM 543 C C7    . DT D 4 1  ? -1.28113  19.74322  -9.03063  1.000 279.40985 ? 104 DT C C7    1 
ATOM 544 C C6    . DT D 4 1  ? -1.91117  21.07047  -7.02897  1.000 302.40142 ? 104 DT C C6    1 
ATOM 545 P P     . DG D 4 2  ? 1.14880   23.30149  -1.60542  1.000 370.91892 ? 105 DG C P     1 
ATOM 546 O OP1   . DG D 4 2  ? 1.84883   24.55447  -1.25231  1.000 392.00120 ? 105 DG C OP1   1 
ATOM 547 O OP2   . DG D 4 2  ? 1.90146   22.21503  -2.27427  1.000 358.12925 ? 105 DG C OP2   1 
ATOM 548 O "O5'" . DG D 4 2  ? 0.47346   22.70617  -0.28807  1.000 369.81012 ? 105 DG C "O5'" 1 
ATOM 549 C "C5'" . DG D 4 2  ? -0.73802  23.27434  0.20672   1.000 373.12921 ? 105 DG C "C5'" 1 
ATOM 550 C "C4'" . DG D 4 2  ? -1.69875  22.18594  0.65117   1.000 361.72398 ? 105 DG C "C4'" 1 
ATOM 551 O "O4'" . DG D 4 2  ? -2.10559  21.40300  -0.50452  1.000 344.67785 ? 105 DG C "O4'" 1 
ATOM 552 C "C3'" . DG D 4 2  ? -1.11500  21.18864  1.65660   1.000 361.79641 ? 105 DG C "C3'" 1 
ATOM 553 O "O3'" . DG D 4 2  ? -2.08002  20.85198  2.65121   1.000 363.03492 ? 105 DG C "O3'" 1 
ATOM 554 C "C2'" . DG D 4 2  ? -0.76311  19.98546  0.79032   1.000 345.66517 ? 105 DG C "C2'" 1 
ATOM 555 C "C1'" . DG D 4 2  ? -1.85825  20.03483  -0.26137  1.000 335.58083 ? 105 DG C "C1'" 1 
ATOM 556 N N9    . DG D 4 2  ? -1.47466  19.38933  -1.51258  1.000 322.23085 ? 105 DG C N9    1 
ATOM 557 C C8    . DG D 4 2  ? -0.48281  19.78273  -2.37995  1.000 322.18040 ? 105 DG C C8    1 
ATOM 558 N N7    . DG D 4 2  ? -0.35915  19.00163  -3.41725  1.000 308.32226 ? 105 DG C N7    1 
ATOM 559 C C5    . DG D 4 2  ? -1.32120  18.01807  -3.21818  1.000 299.59653 ? 105 DG C C5    1 
ATOM 560 C C6    . DG D 4 2  ? -1.65795  16.89534  -4.01267  1.000 285.47475 ? 105 DG C C6    1 
ATOM 561 O O6    . DG D 4 2  ? -1.15439  16.53685  -5.08564  1.000 276.20033 ? 105 DG C O6    1 
ATOM 562 N N1    . DG D 4 2  ? -2.69331  16.15329  -3.44548  1.000 283.99309 ? 105 DG C N1    1 
ATOM 563 C C2    . DG D 4 2  ? -3.32324  16.46124  -2.26364  1.000 293.82029 ? 105 DG C C2    1 
ATOM 564 N N2    . DG D 4 2  ? -4.30087  15.63053  -1.87198  1.000 292.23066 ? 105 DG C N2    1 
ATOM 565 N N3    . DG D 4 2  ? -3.01718  17.50955  -1.51106  1.000 305.73416 ? 105 DG C N3    1 
ATOM 566 C C4    . DG D 4 2  ? -2.01207  18.24069  -2.04789  1.000 308.32381 ? 105 DG C C4    1 
ATOM 567 P P     . DA D 4 3  ? -1.64148  19.99343  3.94101   1.000 350.96372 ? 106 DA C P     1 
ATOM 568 O OP1   . DA D 4 3  ? -2.41485  20.48978  5.10142   1.000 361.93880 ? 106 DA C OP1   1 
ATOM 569 O OP2   . DA D 4 3  ? -0.16124  19.98774  3.99726   1.000 354.16676 ? 106 DA C OP2   1 
ATOM 570 O "O5'" . DA D 4 3  ? -2.11903  18.50506  3.59480   1.000 335.61219 ? 106 DA C "O5'" 1 
ATOM 571 C "C5'" . DA D 4 3  ? -3.48875  18.24748  3.30227   1.000 330.33973 ? 106 DA C "C5'" 1 
ATOM 572 C "C4'" . DA D 4 3  ? -3.72063  16.77143  3.01667   1.000 318.85662 ? 106 DA C "C4'" 1 
ATOM 573 O "O4'" . DA D 4 3  ? -3.30499  16.45874  1.66355   1.000 307.88384 ? 106 DA C "O4'" 1 
ATOM 574 C "C3'" . DA D 4 3  ? -2.96868  15.80092  3.93221   1.000 319.07762 ? 106 DA C "C3'" 1 
ATOM 575 O "O3'" . DA D 4 3  ? -3.85555  14.78925  4.38094   1.000 317.02956 ? 106 DA C "O3'" 1 
ATOM 576 C "C2'" . DA D 4 3  ? -1.87401  15.22698  3.02903   1.000 309.74649 ? 106 DA C "C2'" 1 
ATOM 577 C "C1'" . DA D 4 3  ? -2.54512  15.27226  1.66894   1.000 301.33280 ? 106 DA C "C1'" 1 
ATOM 578 N N9    . DA D 4 3  ? -1.60909  15.32590  0.54930   1.000 294.10838 ? 106 DA C N9    1 
ATOM 579 C C8    . DA D 4 3  ? -0.64366  16.26938  0.32773   1.000 298.99003 ? 106 DA C C8    1 
ATOM 580 N N7    . DA D 4 3  ? 0.04754   16.07247  -0.76961  1.000 290.85738 ? 106 DA C N7    1 
ATOM 581 C C5    . DA D 4 3  ? -0.50685  14.92375  -1.31027  1.000 279.47144 ? 106 DA C C5    1 
ATOM 582 C C6    . DA D 4 3  ? -0.21909  14.19216  -2.47989  1.000 267.47311 ? 106 DA C C6    1 
ATOM 583 N N6    . DA D 4 3  ? 0.74457   14.53472  -3.33987  1.000 263.95054 ? 106 DA C N6    1 
ATOM 584 N N1    . DA D 4 3  ? -0.96166  13.09116  -2.73010  1.000 260.83400 ? 106 DA C N1    1 
ATOM 585 C C2    . DA D 4 3  ? -1.92600  12.75286  -1.86261  1.000 266.13164 ? 106 DA C C2    1 
ATOM 586 N N3    . DA D 4 3  ? -2.28852  13.36268  -0.73267  1.000 276.20573 ? 106 DA C N3    1 
ATOM 587 C C4    . DA D 4 3  ? -1.53143  14.45140  -0.51226  1.000 282.22121 ? 106 DA C C4    1 
ATOM 588 P P     . DT D 4 4  ? -3.36479  13.69258  5.44514   1.000 291.83534 ? 107 DT C P     1 
ATOM 589 O OP1   . DT D 4 4  ? -4.48123  13.47719  6.39136   1.000 297.45664 ? 107 DT C OP1   1 
ATOM 590 O OP2   . DT D 4 4  ? -2.03584  14.09883  5.95288   1.000 295.15761 ? 107 DT C OP2   1 
ATOM 591 O "O5'" . DT D 4 4  ? -3.18850  12.36642  4.57364   1.000 281.52886 ? 107 DT C "O5'" 1 
ATOM 592 C "C5'" . DT D 4 4  ? -4.33269  11.74439  4.01565   1.000 278.74412 ? 107 DT C "C5'" 1 
ATOM 593 C "C4'" . DT D 4 4  ? -3.94388  10.52902  3.19850   1.000 270.74409 ? 107 DT C "C4'" 1 
ATOM 594 O "O4'" . DT D 4 4  ? -3.14359  10.94213  2.07039   1.000 263.05857 ? 107 DT C "O4'" 1 
ATOM 595 C "C3'" . DT D 4 4  ? -3.12371  9.47280   3.94817   1.000 271.63209 ? 107 DT C "C3'" 1 
ATOM 596 O "O3'" . DT D 4 4  ? -3.80658  8.22145   3.91103   1.000 272.87247 ? 107 DT C "O3'" 1 
ATOM 597 C "C2'" . DT D 4 4  ? -1.79104  9.42269   3.18771   1.000 264.21440 ? 107 DT C "C2'" 1 
ATOM 598 C "C1'" . DT D 4 4  ? -2.17260  9.96494   1.81950   1.000 258.05562 ? 107 DT C "C1'" 1 
ATOM 599 N N1    . DT D 4 4  ? -1.04295  10.61499  1.10021   1.000 252.50815 ? 107 DT C N1    1 
ATOM 600 C C2    . DT D 4 4  ? -0.57913  10.06992  -0.08075  1.000 243.43310 ? 107 DT C C2    1 
ATOM 601 O O2    . DT D 4 4  ? -1.04361  9.06130   -0.58224  1.000 240.11289 ? 107 DT C O2    1 
ATOM 602 N N3    . DT D 4 4  ? 0.46042   10.75590  -0.65463  1.000 239.69439 ? 107 DT C N3    1 
ATOM 603 C C4    . DT D 4 4  ? 1.06453   11.90590  -0.17866  1.000 245.69105 ? 107 DT C C4    1 
ATOM 604 O O4    . DT D 4 4  ? 1.99313   12.45045  -0.76289  1.000 244.08129 ? 107 DT C O4    1 
ATOM 605 C C5    . DT D 4 4  ? 0.52718   12.42037  1.05644   1.000 256.16498 ? 107 DT C C5    1 
ATOM 606 C C7    . DT D 4 4  ? 1.10235   13.65976  1.66779   1.000 265.98958 ? 107 DT C C7    1 
ATOM 607 C C6    . DT D 4 4  ? -0.48851  11.76030  1.62698   1.000 258.11834 ? 107 DT C C6    1 
ATOM 608 P P     . DG D 4 5  ? -3.16132  6.90659   4.57565   1.000 281.76255 ? 108 DG C P     1 
ATOM 609 O OP1   . DG D 4 5  ? -4.27505  6.11638   5.14777   1.000 288.69793 ? 108 DG C OP1   1 
ATOM 610 O OP2   . DG D 4 5  ? -2.03544  7.30956   5.44963   1.000 282.69651 ? 108 DG C OP2   1 
ATOM 611 O "O5'" . DG D 4 5  ? -2.58124  6.10188   3.31892   1.000 274.17807 ? 108 DG C "O5'" 1 
ATOM 612 C "C5'" . DG D 4 5  ? -3.45533  5.74597   2.24615   1.000 272.08924 ? 108 DG C "C5'" 1 
ATOM 613 C "C4'" . DG D 4 5  ? -2.71235  5.00706   1.14259   1.000 265.26475 ? 108 DG C "C4'" 1 
ATOM 614 O "O4'" . DG D 4 5  ? -1.77932  5.90529   0.48979   1.000 256.48467 ? 108 DG C "O4'" 1 
ATOM 615 C "C3'" . DG D 4 5  ? -1.90669  3.79364   1.59434   1.000 267.60144 ? 108 DG C "C3'" 1 
ATOM 616 O "O3'" . DG D 4 5  ? -2.09318  2.73073   0.66948   1.000 266.96134 ? 108 DG C "O3'" 1 
ATOM 617 C "C2'" . DG D 4 5  ? -0.46225  4.30497   1.60610   1.000 260.74806 ? 108 DG C "C2'" 1 
ATOM 618 C "C1'" . DG D 4 5  ? -0.47634  5.36164   0.50565   1.000 252.81564 ? 108 DG C "C1'" 1 
ATOM 619 N N9    . DG D 4 5  ? 0.46525   6.46981   0.72131   1.000 249.80518 ? 108 DG C N9    1 
ATOM 620 C C8    . DG D 4 5  ? 0.50548   7.32213   1.79665   1.000 255.91070 ? 108 DG C C8    1 
ATOM 621 N N7    . DG D 4 5  ? 1.44183   8.23003   1.71250   1.000 254.08811 ? 108 DG C N7    1 
ATOM 622 C C5    . DG D 4 5  ? 2.05424   7.97645   0.49170   1.000 245.17305 ? 108 DG C C5    1 
ATOM 623 C C6    . DG D 4 5  ? 3.13571   8.64125   -0.14295  1.000 240.58545 ? 108 DG C C6    1 
ATOM 624 O O6    . DG D 4 5  ? 3.78559   9.61618   0.26430   1.000 244.98459 ? 108 DG C O6    1 
ATOM 625 N N1    . DG D 4 5  ? 3.44407   8.06205   -1.37560  1.000 231.98910 ? 108 DG C N1    1 
ATOM 626 C C2    . DG D 4 5  ? 2.78923   6.97837   -1.91630  1.000 228.67859 ? 108 DG C C2    1 
ATOM 627 N N2    . DG D 4 5  ? 3.21940   6.55678   -3.11723  1.000 221.36919 ? 108 DG C N2    1 
ATOM 628 N N3    . DG D 4 5  ? 1.77405   6.35207   -1.33199  1.000 234.10976 ? 108 DG C N3    1 
ATOM 629 C C4    . DG D 4 5  ? 1.46228   6.90051   -0.13573  1.000 241.89824 ? 108 DG C C4    1 
ATOM 630 P P     . DT D 4 6  ? -1.81045  1.20955   1.10199   1.000 271.78601 ? 109 DT C P     1 
ATOM 631 O OP1   . DT D 4 6  ? -2.96464  0.37465   0.69717   1.000 279.26302 ? 109 DT C OP1   1 
ATOM 632 O OP2   . DT D 4 6  ? -1.36951  1.21856   2.51502   1.000 276.02645 ? 109 DT C OP2   1 
ATOM 633 O "O5'" . DT D 4 6  ? -0.56897  0.81122   0.18754   1.000 263.50759 ? 109 DT C "O5'" 1 
ATOM 634 C "C5'" . DT D 4 6  ? -0.42874  1.41606   -1.09845  1.000 253.15017 ? 109 DT C "C5'" 1 
ATOM 635 C "C4'" . DT D 4 6  ? 1.01870   1.38743   -1.55804  1.000 243.76515 ? 109 DT C "C4'" 1 
ATOM 636 O "O4'" . DT D 4 6  ? 1.64842   2.66289   -1.28410  1.000 238.16749 ? 109 DT C "O4'" 1 
ATOM 637 C "C3'" . DT D 4 6  ? 1.89242   0.32004   -0.88150  1.000 247.35813 ? 109 DT C "C3'" 1 
ATOM 638 O "O3'" . DT D 4 6  ? 2.43935   -0.57074  -1.86426  1.000 243.47875 ? 109 DT C "O3'" 1 
ATOM 639 C "C2'" . DT D 4 6  ? 2.99244   1.13456   -0.17118  1.000 242.77183 ? 109 DT C "C2'" 1 
ATOM 640 C "C1'" . DT D 4 6  ? 2.99671   2.43314   -0.96750  1.000 234.87138 ? 109 DT C "C1'" 1 
ATOM 641 N N1    . DT D 4 6  ? 3.52985   3.63731   -0.21411  1.000 234.93529 ? 109 DT C N1    1 
ATOM 642 C C2    . DT D 4 6  ? 4.54372   4.40095   -0.76913  1.000 229.21222 ? 109 DT C C2    1 
ATOM 643 O O2    . DT D 4 6  ? 5.05264   4.15406   -1.84406  1.000 227.24846 ? 109 DT C O2    1 
ATOM 644 N N3    . DT D 4 6  ? 4.94063   5.47387   -0.00486  1.000 231.39038 ? 109 DT C N3    1 
ATOM 645 C C4    . DT D 4 6  ? 4.43563   5.85036   1.22169   1.000 239.73423 ? 109 DT C C4    1 
ATOM 646 O O4    . DT D 4 6  ? 4.85167   6.82835   1.83394   1.000 243.40461 ? 109 DT C O4    1 
ATOM 647 C C5    . DT D 4 6  ? 3.37893   5.01049   1.73858   1.000 245.35381 ? 109 DT C C5    1 
ATOM 648 C C7    . DT D 4 6  ? 2.75719   5.31879   3.06666   1.000 254.44766 ? 109 DT C C7    1 
ATOM 649 C C6    . DT D 4 6  ? 2.98179   3.96253   1.00421   1.000 243.26641 ? 109 DT C C6    1 
ATOM 650 P P     . DG D 4 7  ? 1.55073   -1.75641  -2.49419  1.000 247.78385 ? 110 DG C P     1 
ATOM 651 O OP1   . DG D 4 7  ? 1.97622   -1.92272  -3.89912  1.000 239.59491 ? 110 DG C OP1   1 
ATOM 652 O OP2   . DG D 4 7  ? 0.12340   -1.54066  -2.17371  1.000 256.56323 ? 110 DG C OP2   1 
ATOM 653 O "O5'" . DG D 4 7  ? 2.02325   -3.06112  -1.71498  1.000 254.87364 ? 110 DG C "O5'" 1 
ATOM 654 C "C5'" . DG D 4 7  ? 3.29088   -3.62166  -1.98823  1.000 252.47036 ? 110 DG C "C5'" 1 
ATOM 655 C "C4'" . DG D 4 7  ? 3.54731   -4.82681  -1.10258  1.000 260.70720 ? 110 DG C "C4'" 1 
ATOM 656 O "O4'" . DG D 4 7  ? 3.06819   -4.55311  0.24002   1.000 267.53106 ? 110 DG C "O4'" 1 
ATOM 657 C "C3'" . DG D 4 7  ? 2.83383   -6.09494  -1.53501  1.000 271.23176 ? 110 DG C "C3'" 1 
ATOM 658 O "O3'" . DG D 4 7  ? 3.64709   -6.81271  -2.46483  1.000 266.25450 ? 110 DG C "O3'" 1 
ATOM 659 C "C2'" . DG D 4 7  ? 2.69035   -6.85123  -0.21731  1.000 282.05383 ? 110 DG C "C2'" 1 
ATOM 660 C "C1'" . DG D 4 7  ? 2.47581   -5.71705  0.78963   1.000 280.47644 ? 110 DG C "C1'" 1 
ATOM 661 N N9    . DG D 4 7  ? 1.07024   -5.42925  1.08958   1.000 288.64538 ? 110 DG C N9    1 
ATOM 662 C C8    . DG D 4 7  ? 0.46224   -4.19382  1.09157   1.000 284.68283 ? 110 DG C C8    1 
ATOM 663 N N7    . DG D 4 7  ? -0.80260  -4.23479  1.40446   1.000 293.49313 ? 110 DG C N7    1 
ATOM 664 C C5    . DG D 4 7  ? -1.05158  -5.58498  1.62600   1.000 304.14133 ? 110 DG C C5    1 
ATOM 665 C C6    . DG D 4 7  ? -2.24728  -6.23318  1.99602   1.000 316.16015 ? 110 DG C C6    1 
ATOM 666 O O6    . DG D 4 7  ? -3.35443  -5.72324  2.20328   1.000 319.23006 ? 110 DG C O6    1 
ATOM 667 N N1    . DG D 4 7  ? -2.07177  -7.61645  2.12034   1.000 324.68907 ? 110 DG C N1    1 
ATOM 668 C C2    . DG D 4 7  ? -0.88389  -8.27956  1.91006   1.000 321.72016 ? 110 DG C C2    1 
ATOM 669 N N2    . DG D 4 7  ? -0.90078  -9.61362  2.07084   1.000 331.06764 ? 110 DG C N2    1 
ATOM 670 N N3    . DG D 4 7  ? 0.24474   -7.67740  1.56476   1.000 309.87671 ? 110 DG C N3    1 
ATOM 671 C C4    . DG D 4 7  ? 0.08812   -6.33298  1.44049   1.000 301.65010 ? 110 DG C C4    1 
ATOM 672 P P     . DG D 4 8  ? 2.98927   -7.52159  -3.74807  1.000 255.76344 ? 111 DG C P     1 
ATOM 673 O OP1   . DG D 4 8  ? 3.68192   -6.98562  -4.94295  1.000 241.50173 ? 111 DG C OP1   1 
ATOM 674 O OP2   . DG D 4 8  ? 1.52193   -7.38125  -3.65715  1.000 265.78767 ? 111 DG C OP2   1 
ATOM 675 O "O5'" . DG D 4 8  ? 3.35753   -9.07077  -3.55549  1.000 265.06777 ? 111 DG C "O5'" 1 
ATOM 676 C "C5'" . DG D 4 8  ? 3.49901   -9.62022  -2.24497  1.000 273.11630 ? 111 DG C "C5'" 1 
ATOM 677 C "C4'" . DG D 4 8  ? 2.53131   -10.77001 -2.04186  1.000 289.51084 ? 111 DG C "C4'" 1 
ATOM 678 O "O4'" . DG D 4 8  ? 1.45191   -10.35151 -1.16643  1.000 297.18871 ? 111 DG C "O4'" 1 
ATOM 679 C "C3'" . DG D 4 8  ? 1.88690   -11.27656 -3.32642  1.000 293.93839 ? 111 DG C "C3'" 1 
ATOM 680 O "O3'" . DG D 4 8  ? 1.93693   -12.68348 -3.38286  1.000 303.95403 ? 111 DG C "O3'" 1 
ATOM 681 C "C2'" . DG D 4 8  ? 0.45000   -10.76548 -3.25719  1.000 300.87903 ? 111 DG C "C2'" 1 
ATOM 682 C "C1'" . DG D 4 8  ? 0.19894   -10.61222 -1.76333  1.000 305.83987 ? 111 DG C "C1'" 1 
ATOM 683 N N9    . DG D 4 8  ? -0.69180  -9.49046  -1.47015  1.000 304.31935 ? 111 DG C N9    1 
ATOM 684 C C8    . DG D 4 8  ? -0.40607  -8.15806  -1.62701  1.000 292.20722 ? 111 DG C C8    1 
ATOM 685 N N7    . DG D 4 8  ? -1.38982  -7.36869  -1.30853  1.000 293.76287 ? 111 DG C N7    1 
ATOM 686 C C5    . DG D 4 8  ? -2.40270  -8.23016  -0.91911  1.000 307.19155 ? 111 DG C C5    1 
ATOM 687 C C6    . DG D 4 8  ? -3.70771  -7.93942  -0.46633  1.000 313.87928 ? 111 DG C C6    1 
ATOM 688 O O6    . DG D 4 8  ? -4.23354  -6.82638  -0.31769  1.000 309.40102 ? 111 DG C O6    1 
ATOM 689 N N1    . DG D 4 8  ? -4.42088  -9.10026  -0.16949  1.000 326.70801 ? 111 DG C N1    1 
ATOM 690 C C2    . DG D 4 8  ? -3.92411  -10.37946 -0.29720  1.000 332.68666 ? 111 DG C C2    1 
ATOM 691 N N2    . DG D 4 8  ? -4.75951  -11.37575 0.03159   1.000 345.00482 ? 111 DG C N2    1 
ATOM 692 N N3    . DG D 4 8  ? -2.69825  -10.66463 -0.72540  1.000 327.07059 ? 111 DG C N3    1 
ATOM 693 C C4    . DG D 4 8  ? -1.99375  -9.54377  -1.01099  1.000 314.06189 ? 111 DG C C4    1 
ATOM 694 P P     . DC D 4 9  ? 1.42759   -13.44495 -4.70128  1.000 302.83568 ? 112 DC C P     1 
ATOM 695 O OP1   . DC D 4 9  ? 2.18899   -14.70862 -4.79924  1.000 306.83131 ? 112 DC C OP1   1 
ATOM 696 O OP2   . DC D 4 9  ? 1.45628   -12.48862 -5.82936  1.000 291.49920 ? 112 DC C OP2   1 
ATOM 697 O "O5'" . DC D 4 9  ? -0.10245  -13.76992 -4.37707  1.000 317.34821 ? 112 DC C "O5'" 1 
ATOM 698 C "C5'" . DC D 4 9  ? -0.47336  -14.19403 -3.06743  1.000 326.09728 ? 112 DC C "C5'" 1 
ATOM 699 C "C4'" . DC D 4 9  ? -1.93277  -14.61053 -3.02128  1.000 338.44708 ? 112 DC C "C4'" 1 
ATOM 700 O "O4'" . DC D 4 9  ? -2.74850  -13.50159 -2.56384  1.000 335.60571 ? 112 DC C "O4'" 1 
ATOM 701 C "C3'" . DC D 4 9  ? -2.52189  -15.03660 -4.36036  1.000 342.66055 ? 112 DC C "C3'" 1 
ATOM 702 O "O3'" . DC D 4 9  ? -3.45564  -16.07821 -4.16002  1.000 355.82311 ? 112 DC C "O3'" 1 
ATOM 703 C "C2'" . DC D 4 9  ? -3.20259  -13.76484 -4.84897  1.000 335.40585 ? 112 DC C "C2'" 1 
ATOM 704 C "C1'" . DC D 4 9  ? -3.71862  -13.18484 -3.54233  1.000 336.48185 ? 112 DC C "C1'" 1 
ATOM 705 N N1    . DC D 4 9  ? -3.87039  -11.71467 -3.56531  1.000 325.69834 ? 112 DC C N1    1 
ATOM 706 C C2    . DC D 4 9  ? -5.05779  -11.13865 -3.11208  1.000 328.73867 ? 112 DC C C2    1 
ATOM 707 O O2    . DC D 4 9  ? -5.96273  -11.87553 -2.70517  1.000 340.00468 ? 112 DC C O2    1 
ATOM 708 N N3    . DC D 4 9  ? -5.17753  -9.78734  -3.12387  1.000 318.80744 ? 112 DC C N3    1 
ATOM 709 C C4    . DC D 4 9  ? -4.16965  -9.03267  -3.56780  1.000 306.41982 ? 112 DC C C4    1 
ATOM 710 N N4    . DC D 4 9  ? -4.32847  -7.70493  -3.56456  1.000 297.08431 ? 112 DC C N4    1 
ATOM 711 C C5    . DC D 4 9  ? -2.95166  -9.60797  -4.03666  1.000 302.38786 ? 112 DC C C5    1 
ATOM 712 C C6    . DC D 4 9  ? -2.84754  -10.93839 -4.01243  1.000 312.48123 ? 112 DC C C6    1 
ATOM 713 P P     . DT D 4 10 ? -3.66921  -17.18874 -5.29722  1.000 371.49515 ? 113 DT C P     1 
ATOM 714 O OP1   . DT D 4 10 ? -4.50027  -18.26675 -4.71765  1.000 383.19855 ? 113 DT C OP1   1 
ATOM 715 O OP2   . DT D 4 10 ? -2.33719  -17.51694 -5.85256  1.000 366.11053 ? 113 DT C OP2   1 
ATOM 716 O "O5'" . DT D 4 10 ? -4.47357  -16.41097 -6.43947  1.000 368.27586 ? 113 DT C "O5'" 1 
ATOM 717 C "C5'" . DT D 4 10 ? -5.57847  -17.02488 -7.08148  1.000 377.40341 ? 113 DT C "C5'" 1 
ATOM 718 C "C4'" . DT D 4 10 ? -6.83293  -16.88674 -6.23858  1.000 382.62946 ? 113 DT C "C4'" 1 
ATOM 719 O "O4'" . DT D 4 10 ? -6.80885  -15.61316 -5.53474  1.000 374.32454 ? 113 DT C "O4'" 1 
ATOM 720 C "C3'" . DT D 4 10 ? -8.13506  -16.90897 -7.03036  1.000 382.79358 ? 113 DT C "C3'" 1 
ATOM 721 O "O3'" . DT D 4 10 ? -9.14998  -17.57301 -6.29637  1.000 388.63406 ? 113 DT C "O3'" 1 
ATOM 722 C "C2'" . DT D 4 10 ? -8.44590  -15.43176 -7.19356  1.000 372.46578 ? 113 DT C "C2'" 1 
ATOM 723 C "C1'" . DT D 4 10 ? -7.94944  -14.85875 -5.87924  1.000 370.23059 ? 113 DT C "C1'" 1 
ATOM 724 N N1    . DT D 4 10 ? -7.56503  -13.42338 -5.98706  1.000 356.65302 ? 113 DT C N1    1 
ATOM 725 C C2    . DT D 4 10 ? -8.45452  -12.45859 -5.57515  1.000 351.95050 ? 113 DT C C2    1 
ATOM 726 O O2    . DT D 4 10 ? -9.54977  -12.71619 -5.10765  1.000 357.53816 ? 113 DT C O2    1 
ATOM 727 N N3    . DT D 4 10 ? -8.01059  -11.17133 -5.72433  1.000 339.55437 ? 113 DT C N3    1 
ATOM 728 C C4    . DT D 4 10 ? -6.79430  -10.76086 -6.23980  1.000 330.88979 ? 113 DT C C4    1 
ATOM 729 O O4    . DT D 4 10 ? -6.48556  -9.57660  -6.33383  1.000 319.61064 ? 113 DT C O4    1 
ATOM 730 C C5    . DT D 4 10 ? -5.91196  -11.82272 -6.65907  1.000 335.31330 ? 113 DT C C5    1 
ATOM 731 C C7    . DT D 4 10 ? -4.56694  -11.49849 -7.23516  1.000 324.78076 ? 113 DT C C7    1 
ATOM 732 C C6    . DT D 4 10 ? -6.33677  -13.08850 -6.51835  1.000 348.15018 ? 113 DT C C6    1 
ATOM 733 P P     . DG D 4 11 ? -10.22376 -18.49311 -7.05947  1.000 393.53312 ? 114 DG C P     1 
ATOM 734 O OP1   . DG D 4 11 ? -11.12558 -19.07477 -6.04240  1.000 398.68223 ? 114 DG C OP1   1 
ATOM 735 O OP2   . DG D 4 11 ? -9.48676  -19.37204 -7.99318  1.000 396.95808 ? 114 DG C OP2   1 
ATOM 736 O "O5'" . DG D 4 11 ? -11.06290 -17.46336 -7.94006  1.000 384.42544 ? 114 DG C "O5'" 1 
ATOM 737 C "C5'" . DG D 4 11 ? -12.34012 -17.83285 -8.42842  1.000 383.51218 ? 114 DG C "C5'" 1 
ATOM 738 C "C4'" . DG D 4 11 ? -13.41959 -17.00345 -7.76576  1.000 378.37497 ? 114 DG C "C4'" 1 
ATOM 739 O "O4'" . DG D 4 11 ? -12.86064 -15.72948 -7.36406  1.000 372.15231 ? 114 DG C "O4'" 1 
ATOM 740 C "C3'" . DG D 4 11 ? -14.56577 -16.63049 -8.67299  1.000 370.53980 ? 114 DG C "C3'" 1 
ATOM 741 O "O3'" . DG D 4 11 ? -15.66896 -16.19931 -7.89173  1.000 368.22862 ? 114 DG C "O3'" 1 
ATOM 742 C "C2'" . DG D 4 11 ? -13.94847 -15.47567 -9.44742  1.000 361.06342 ? 114 DG C "C2'" 1 
ATOM 743 C "C1'" . DG D 4 11 ? -13.16277 -14.75165 -8.34792  1.000 361.41972 ? 114 DG C "C1'" 1 
ATOM 744 N N9    . DG D 4 11 ? -11.90601 -14.16835 -8.81264  1.000 357.27300 ? 114 DG C N9    1 
ATOM 745 C C8    . DG D 4 11 ? -10.81999 -14.85216 -9.29417  1.000 362.10018 ? 114 DG C C8    1 
ATOM 746 N N7    . DG D 4 11 ? -9.82575  -14.08300 -9.63396  1.000 355.02768 ? 114 DG C N7    1 
ATOM 747 C C5    . DG D 4 11 ? -10.27605 -12.80146 -9.36076  1.000 345.24562 ? 114 DG C C5    1 
ATOM 748 C C6    . DG D 4 11 ? -9.62528  -11.55928 -9.53479  1.000 334.03348 ? 114 DG C C6    1 
ATOM 749 O O6    . DG D 4 11 ? -8.48552  -11.35318 -9.97238  1.000 329.25461 ? 114 DG C O6    1 
ATOM 750 N N1    . DG D 4 11 ? -10.43151 -10.49072 -9.14241  1.000 327.48774 ? 114 DG C N1    1 
ATOM 751 C C2    . DG D 4 11 ? -11.70910 -10.61279 -8.64484  1.000 330.55414 ? 114 DG C C2    1 
ATOM 752 N N2    . DG D 4 11 ? -12.33174 -9.46807  -8.31863  1.000 323.60347 ? 114 DG C N2    1 
ATOM 753 N N3    . DG D 4 11 ? -12.33471 -11.77867 -8.47626  1.000 339.74307 ? 114 DG C N3    1 
ATOM 754 C C4    . DG D 4 11 ? -11.55698 -12.82807 -8.85452  1.000 346.96386 ? 114 DG C C4    1 
ATOM 755 P P     . DC D 4 12 ? -17.13886 -16.12901 -8.53277  1.000 373.72798 ? 115 DC C P     1 
ATOM 756 O OP1   . DC D 4 12 ? -18.02986 -16.95902 -7.69221  1.000 380.47446 ? 115 DC C OP1   1 
ATOM 757 O OP2   . DC D 4 12 ? -17.01711 -16.42961 -9.97696  1.000 371.08425 ? 115 DC C OP2   1 
ATOM 758 O "O5'" . DC D 4 12 ? -17.55600 -14.59010 -8.37010  1.000 363.44837 ? 115 DC C "O5'" 1 
ATOM 759 C "C5'" . DC D 4 12 ? -16.55072 -13.57992 -8.28206  1.000 358.77750 ? 115 DC C "C5'" 1 
ATOM 760 C "C4'" . DC D 4 12 ? -16.58907 -12.66073 -9.49248  1.000 348.64350 ? 115 DC C "C4'" 1 
ATOM 761 O "O4'" . DC D 4 12 ? -15.32509 -11.97792 -9.63439  1.000 345.34718 ? 115 DC C "O4'" 1 
ATOM 762 C "C3'" . DC D 4 12 ? -16.76315 -13.35180 -10.82775 1.000 348.39689 ? 115 DC C "C3'" 1 
ATOM 763 O "O3'" . DC D 4 12 ? -18.13274 -13.66095 -11.04654 1.000 347.54560 ? 115 DC C "O3'" 1 
ATOM 764 C "C2'" . DC D 4 12 ? -16.27042 -12.27719 -11.79751 1.000 338.61357 ? 115 DC C "C2'" 1 
ATOM 765 C "C1'" . DC D 4 12 ? -15.20266 -11.53470 -10.97599 1.000 338.16766 ? 115 DC C "C1'" 1 
ATOM 766 N N1    . DC D 4 12 ? -13.80826 -11.78005 -11.45910 1.000 339.83957 ? 115 DC C N1    1 
ATOM 767 C C2    . DC D 4 12 ? -12.97220 -10.69633 -11.74862 1.000 332.33462 ? 115 DC C C2    1 
ATOM 768 O O2    . DC D 4 12 ? -13.40251 -9.55051  -11.57972 1.000 325.22628 ? 115 DC C O2    1 
ATOM 769 N N3    . DC D 4 12 ? -11.71197 -10.94059 -12.20053 1.000 332.96193 ? 115 DC C N3    1 
ATOM 770 C C4    . DC D 4 12 ? -11.29830 -12.19909 -12.36586 1.000 341.52417 ? 115 DC C C4    1 
ATOM 771 N N4    . DC D 4 12 ? -10.05228 -12.40130 -12.81081 1.000 341.41722 ? 115 DC C N4    1 
ATOM 772 C C5    . DC D 4 12 ? -12.14067 -13.31006 -12.08023 1.000 350.21559 ? 115 DC C C5    1 
ATOM 773 C C6    . DC D 4 12 ? -13.37536 -13.05499 -11.64134 1.000 348.47043 ? 115 DC C C6    1 
# 
loop_
_atom_site_anisotrop.id 
_atom_site_anisotrop.type_symbol 
_atom_site_anisotrop.pdbx_label_atom_id 
_atom_site_anisotrop.pdbx_label_alt_id 
_atom_site_anisotrop.pdbx_label_comp_id 
_atom_site_anisotrop.pdbx_label_asym_id 
_atom_site_anisotrop.pdbx_label_seq_id 
_atom_site_anisotrop.pdbx_PDB_ins_code 
_atom_site_anisotrop.U[1][1] 
_atom_site_anisotrop.U[2][2] 
_atom_site_anisotrop.U[3][3] 
_atom_site_anisotrop.U[1][2] 
_atom_site_anisotrop.U[1][3] 
_atom_site_anisotrop.U[2][3] 
_atom_site_anisotrop.pdbx_auth_seq_id 
_atom_site_anisotrop.pdbx_auth_comp_id 
_atom_site_anisotrop.pdbx_auth_asym_id 
_atom_site_anisotrop.pdbx_auth_atom_id 
1   P P     . DC A 1  ? 2.66271 4.27471 3.21285 -0.53113 -0.83225 1.08129  115 DC E P     
2   O OP1   . DC A 1  ? 2.56702 4.27086 3.05417 -0.55173 -0.81939 1.12729  115 DC E OP1   
3   O OP2   . DC A 1  ? 2.66005 4.16428 3.30187 -0.57186 -0.87488 1.09886  115 DC E OP2   
4   O "O5'" . DC A 1  ? 2.79949 4.31183 3.37901 -0.45619 -0.76725 1.01760  115 DC E "O5'" 
5   C "C5'" . DC A 1  ? 2.84577 4.23191 3.48533 -0.44004 -0.72604 1.02043  115 DC E "C5'" 
6   C "C4'" . DC A 1  ? 2.93004 4.28882 3.53671 -0.36565 -0.65627 0.97325  115 DC E "C4'" 
7   O "O4'" . DC A 1  ? 2.93750 4.19104 3.57966 -0.34770 -0.61307 0.98664  115 DC E "O4'" 
8   C "C3'" . DC A 1  ? 2.87313 4.38067 3.36324 -0.34158 -0.64018 0.97062  115 DC E "C3'" 
9   O "O3'" . DC A 1  ? 2.97704 4.45868 3.43135 -0.26598 -0.58786 0.91219  115 DC E "O3'" 
10  C "C2'" . DC A 1  ? 2.78513 4.29926 3.26138 -0.35943 -0.62614 1.01569  115 DC E "C2'" 
11  C "C1'" . DC A 1  ? 2.87706 4.21101 3.43403 -0.32984 -0.58729 1.00049  115 DC E "C1'" 
12  N N1    . DC A 1  ? 2.80386 4.08406 3.38437 -0.35938 -0.59400 1.04824  115 DC E N1    
13  C C2    . DC A 1  ? 2.86516 3.99848 3.49290 -0.31816 -0.54769 1.03880  115 DC E C2    
14  O O2    . DC A 1  ? 2.97675 4.02889 3.63188 -0.26231 -0.49845 0.99412  115 DC E O2    
15  N N3    . DC A 1  ? 2.79517 3.87566 3.43370 -0.33929 -0.55911 1.08027  115 DC E N3    
16  C C4    . DC A 1  ? 2.67564 3.83926 3.28421 -0.40430 -0.61595 1.12928  115 DC E C4    
17  N N4    . DC A 1  ? 2.61556 3.71244 3.23112 -0.42239 -0.63155 1.16662  115 DC E N4    
18  C C5    . DC A 1  ? 2.60900 3.92456 3.17533 -0.45210 -0.65992 1.14371  115 DC E C5    
19  C C6    . DC A 1  ? 2.67365 4.04464 3.22532 -0.42465 -0.64599 1.10218  115 DC E C6    
20  P P     . DG A 2  ? 2.57601 4.04450 3.02641 -0.23269 -0.59874 0.85366  116 DG E P     
21  O OP1   . DG A 2  ? 2.52852 4.04092 3.00683 -0.28959 -0.66850 0.87311  116 DG E OP1   
22  O OP2   . DG A 2  ? 2.59824 4.15426 2.93818 -0.16873 -0.56702 0.81629  116 DG E OP2   
23  O "O5'" . DG A 2  ? 2.71232 3.99253 3.26062 -0.20165 -0.55934 0.81837  116 DG E "O5'" 
24  C "C5'" . DG A 2  ? 2.83947 4.06085 3.36652 -0.13629 -0.52193 0.75694  116 DG E "C5'" 
25  C "C4'" . DG A 2  ? 2.89555 4.01077 3.42959 -0.08465 -0.44696 0.74658  116 DG E "C4'" 
26  O "O4'" . DG A 2  ? 2.79624 3.93202 3.32664 -0.10669 -0.43521 0.79838  116 DG E "O4'" 
27  C "C3'" . DG A 2  ? 2.94879 4.09539 3.37200 -0.00850 -0.40157 0.70364  116 DG E "C3'" 
28  O "O3'" . DG A 2  ? 3.03332 4.03637 3.48654 0.04110  -0.33658 0.68247  116 DG E "O3'" 
29  C "C2'" . DG A 2  ? 2.82447 4.10849 3.16505 -0.01581 -0.40101 0.74231  116 DG E "C2'" 
30  C "C1'" . DG A 2  ? 2.77527 3.97965 3.20041 -0.05681 -0.39580 0.79028  116 DG E "C1'" 
31  N N9    . DG A 2  ? 2.63318 3.95064 3.02411 -0.10117 -0.42299 0.84354  116 DG E N9    
32  C C8    . DG A 2  ? 2.52458 4.01385 2.84957 -0.13430 -0.46551 0.86557  116 DG E C8    
33  N N7    . DG A 2  ? 2.43680 3.99148 2.75322 -0.17814 -0.48382 0.91775  116 DG E N7    
34  C C5    . DG A 2  ? 2.43641 3.84922 2.80966 -0.16824 -0.45422 0.92718  116 DG E C5    
35  C C6    . DG A 2  ? 2.39075 3.78563 2.77672 -0.19807 -0.46193 0.97314  116 DG E C6    
36  O O6    . DG A 2  ? 2.37855 3.88197 2.73389 -0.24731 -0.49883 1.01711  116 DG E O6    
37  N N1    . DG A 2  ? 2.42110 3.64967 2.86076 -0.16442 -0.42246 0.96571  116 DG E N1    
38  C C2    . DG A 2  ? 2.54772 3.64971 3.03161 -0.11408 -0.37726 0.92409  116 DG E C2    
39  N N2    . DG A 2  ? 2.57912 3.53536 3.11175 -0.08493 -0.33824 0.92875  116 DG E N2    
40  N N3    . DG A 2  ? 2.63050 3.74523 3.11028 -0.09293 -0.37170 0.88181  116 DG E N3    
41  C C4    . DG A 2  ? 2.57305 3.84353 2.99277 -0.11976 -0.41341 0.88389  116 DG E C4    
42  P P     . DG A 3  ? 3.13678 4.06147 3.54716 0.11344  -0.29900 0.61685  117 DG E P     
43  O OP1   . DG A 3  ? 3.20069 4.05870 3.69490 0.08621  -0.33791 0.59006  117 DG E OP1   
44  O OP2   . DG A 3  ? 3.12156 4.17165 3.38637 0.16400  -0.29302 0.59482  117 DG E OP2   
45  O "O5'" . DG A 3  ? 3.16948 3.94232 3.61643 0.15713  -0.22093 0.61843  117 DG E "O5'" 
46  C "C5'" . DG A 3  ? 3.13905 3.81113 3.70994 0.11941  -0.20972 0.65562  117 DG E "C5'" 
47  C "C4'" . DG A 3  ? 3.08607 3.72526 3.63027 0.14944  -0.15716 0.68648  117 DG E "C4'" 
48  O "O4'" . DG A 3  ? 2.99091 3.76563 3.48454 0.11350  -0.19613 0.72532  117 DG E "O4'" 
49  C "C3'" . DG A 3  ? 3.12282 3.72158 3.56626 0.23690  -0.08991 0.65381  117 DG E "C3'" 
50  O "O3'" . DG A 3  ? 3.09040 3.56156 3.57108 0.26927  -0.02806 0.67329  117 DG E "O3'" 
51  C "C2'" . DG A 3  ? 3.07367 3.83812 3.39718 0.24546  -0.11133 0.66149  117 DG E "C2'" 
52  C "C1'" . DG A 3  ? 2.97654 3.80327 3.35773 0.16939  -0.15982 0.71805  117 DG E "C1'" 
53  N N9    . DG A 3  ? 2.89456 3.90415 3.20492 0.13605  -0.21045 0.73546  117 DG E N9    
54  C C8    . DG A 3  ? 2.89695 4.02681 3.15205 0.12961  -0.24744 0.71330  117 DG E C8    
55  N N7    . DG A 3  ? 2.78201 4.07384 2.98495 0.09579  -0.28476 0.74372  117 DG E N7    
56  C C5    . DG A 3  ? 2.70740 3.97900 2.93456 0.07477  -0.27694 0.78644  117 DG E C5    
57  C C6    . DG A 3  ? 2.56724 3.96467 2.76567 0.03120  -0.30871 0.83297  117 DG E C6    
58  O O6    . DG A 3  ? 2.46969 4.03402 2.61873 0.00006  -0.34596 0.85011  117 DG E O6    
59  N N1    . DG A 3  ? 2.53573 3.84713 2.76855 0.02603  -0.29404 0.86230  117 DG E N1    
60  C C2    . DG A 3  ? 2.61920 3.75167 2.90438 0.06348  -0.24892 0.85057  117 DG E C2    
61  N N2    . DG A 3  ? 2.56675 3.63732 2.86850 0.06018  -0.24256 0.88211  117 DG E N2    
62  N N3    . DG A 3  ? 2.73630 3.75734 3.05452 0.10249  -0.21293 0.81175  117 DG E N3    
63  C C4    . DG A 3  ? 2.77892 3.87592 3.06722 0.10305  -0.23205 0.78043  117 DG E C4    
64  P P     . DA A 4  ? 3.44553 3.81909 3.84576 0.36526  0.05425  0.64289  118 DA E P     
65  O OP1   . DA A 4  ? 3.44979 3.65191 3.94829 0.37842  0.10270  0.63815  118 DA E OP1   
66  O OP2   . DA A 4  ? 3.49665 3.96114 3.76972 0.40906  0.04747  0.59911  118 DA E OP2   
67  O "O5'" . DA A 4  ? 3.36577 3.74811 3.72345 0.38875  0.07966  0.67898  118 DA E "O5'" 
68  C "C5'" . DA A 4  ? 3.30153 3.65904 3.74678 0.33882  0.06029  0.72851  118 DA E "C5'" 
69  C "C4'" . DA A 4  ? 3.23754 3.65562 3.61009 0.35250  0.05565  0.75499  118 DA E "C4'" 
70  O "O4'" . DA A 4  ? 3.21411 3.80728 3.54604 0.29721  -0.01443 0.76596  118 DA E "O4'" 
71  C "C3'" . DA A 4  ? 3.24323 3.63566 3.50074 0.44522  0.11545  0.72864  118 DA E "C3'" 
72  O "O3'" . DA A 4  ? 3.17873 3.49539 3.43061 0.47640  0.14454  0.75657  118 DA E "O3'" 
73  C "C2'" . DA A 4  ? 3.25154 3.82586 3.40787 0.43989  0.07397  0.71420  118 DA E "C2'" 
74  C "C1'" . DA A 4  ? 3.19776 3.87981 3.41360 0.34242  -0.00363 0.75492  118 DA E "C1'" 
75  N N9    . DA A 4  ? 3.18617 4.04462 3.35090 0.30880  -0.05425 0.74558  118 DA E N9    
76  C C8    . DA A 4  ? 3.24926 4.14774 3.39885 0.31162  -0.06448 0.71027  118 DA E C8    
77  N N7    . DA A 4  ? 3.19930 4.27163 3.29488 0.28301  -0.11095 0.71281  118 DA E N7    
78  C C5    . DA A 4  ? 3.08812 4.24183 3.17088 0.25239  -0.13299 0.75474  118 DA E C5    
79  C C6    . DA A 4  ? 2.96604 4.30740 3.00564 0.20905  -0.18028 0.78254  118 DA E C6    
80  N N6    . DA A 4  ? 2.93398 4.42470 2.92831 0.19512  -0.21012 0.77238  118 DA E N6    
81  N N1    . DA A 4  ? 2.86733 4.23625 2.91182 0.18143  -0.19634 0.82278  118 DA E N1    
82  C C2    . DA A 4  ? 2.89641 4.11199 2.97673 0.20380  -0.16730 0.83136  118 DA E C2    
83  N N3    . DA A 4  ? 2.99710 4.03573 3.11580 0.24954  -0.11764 0.80980  118 DA E N3    
84  C C4    . DA A 4  ? 3.08735 4.10614 3.20986 0.26836  -0.10215 0.77288  118 DA E C4    
85  P P     . DC A 5  ? 3.27693 3.50382 3.43138 0.58483  0.22168  0.73399  119 DC E P     
86  O OP1   . DC A 5  ? 3.21208 3.27717 3.42528 0.61362  0.27077  0.76076  119 DC E OP1   
87  O OP2   . DC A 5  ? 3.34147 3.56811 3.43299 0.63342  0.25383  0.68516  119 DC E OP2   
88  O "O5'" . DC A 5  ? 3.25097 3.60490 3.31013 0.59299  0.18698  0.74145  119 DC E "O5'" 
89  C "C5'" . DC A 5  ? 3.19436 3.61680 3.29472 0.52134  0.12276  0.78380  119 DC E "C5'" 
90  C "C4'" . DC A 5  ? 3.15681 3.74245 3.17092 0.51411  0.08030  0.78318  119 DC E "C4'" 
91  O "O4'" . DC A 5  ? 3.15583 3.90215 3.17135 0.45335  0.03029  0.77799  119 DC E "O4'" 
92  C "C3'" . DC A 5  ? 3.18450 3.77676 3.08022 0.61250  0.12877  0.74574  119 DC E "C3'" 
93  O "O3'" . DC A 5  ? 3.11769 3.76345 2.96649 0.61928  0.10208  0.76253  119 DC E "O3'" 
94  C "C2'" . DC A 5  ? 3.21772 3.95805 3.06294 0.60748  0.11310  0.71430  119 DC E "C2'" 
95  C "C1'" . DC A 5  ? 3.15412 4.02396 3.06536 0.49778  0.03530  0.75058  119 DC E "C1'" 
96  N N1    . DC A 5  ? 3.17537 4.17441 3.07122 0.47074  0.01045  0.73067  119 DC E N1    
97  C C2    . DC A 5  ? 3.08157 4.28169 2.94647 0.42255  -0.04383 0.74692  119 DC E C2    
98  O O2    . DC A 5  ? 2.98621 4.24907 2.84557 0.39619  -0.07282 0.77802  119 DC E O2    
99  N N3    . DC A 5  ? 3.08719 4.40623 2.92862 0.40720  -0.06385 0.72916  119 DC E N3    
100 C C4    . DC A 5  ? 3.19667 4.43170 3.04314 0.43722  -0.03766 0.69261  119 DC E C4    
101 N N4    . DC A 5  ? 3.19947 4.55032 3.01321 0.42708  -0.06294 0.67327  119 DC E N4    
102 C C5    . DC A 5  ? 3.29222 4.32022 3.17738 0.47969  0.01494  0.67558  119 DC E C5    
103 C C6    . DC A 5  ? 3.26966 4.19066 3.17863 0.49580  0.04043  0.69737  119 DC E C6    
104 P P     . DA A 6  ? 3.23258 3.84300 2.96779 0.72952  0.15090  0.73183  120 DA E P     
105 O OP1   . DA A 6  ? 3.21415 3.63861 2.96304 0.77824  0.19084  0.74623  120 DA E OP1   
106 O OP2   . DA A 6  ? 3.29371 3.93386 2.95673 0.79258  0.19456  0.68426  120 DA E OP2   
107 O "O5'" . DA A 6  ? 3.15618 3.93939 2.85158 0.69451  0.08555  0.74610  120 DA E "O5'" 
108 C "C5'" . DA A 6  ? 3.07607 3.92031 2.84218 0.59341  0.01237  0.79302  120 DA E "C5'" 
109 C "C4'" . DA A 6  ? 2.99748 4.06431 2.73785 0.53987  -0.04684 0.80145  120 DA E "C4'" 
110 O "O4'" . DA A 6  ? 3.00239 4.18411 2.76172 0.49667  -0.05645 0.79498  120 DA E "O4'" 
111 C "C3'" . DA A 6  ? 2.98991 4.14211 2.62907 0.61757  -0.02880 0.76810  120 DA E "C3'" 
112 O "O3'" . DA A 6  ? 2.88520 4.18950 2.52559 0.56012  -0.09517 0.79509  120 DA E "O3'" 
113 C "C2'" . DA A 6  ? 3.02921 4.27873 2.62517 0.64794  0.00128  0.73161  120 DA E "C2'" 
114 C "C1'" . DA A 6  ? 2.98989 4.31948 2.66631 0.54258  -0.04470 0.76267  120 DA E "C1'" 
115 N N9    . DA A 6  ? 3.06154 4.39990 2.72499 0.56380  -0.01445 0.73107  120 DA E N9    
116 C C8    . DA A 6  ? 3.17812 4.34821 2.84633 0.61649  0.04147  0.70264  120 DA E C8    
117 N N7    . DA A 6  ? 3.22696 4.44071 2.87732 0.62474  0.05093  0.67466  120 DA E N7    
118 C C5    . DA A 6  ? 3.13044 4.56084 2.75901 0.57895  0.00131  0.68655  120 DA E C5    
119 C C6    . DA A 6  ? 3.11441 4.68731 2.71012 0.56990  -0.01541 0.66950  120 DA E C6    
120 N N6    . DA A 6  ? 3.21813 4.72226 2.79492 0.60714  0.01143  0.63106  120 DA E N6    
121 N N1    . DA A 6  ? 2.97991 4.76737 2.56171 0.52244  -0.06180 0.69442  120 DA E N1    
122 C C2    . DA A 6  ? 2.87674 4.72689 2.48232 0.48003  -0.09319 0.73332  120 DA E C2    
123 N N3    . DA A 6  ? 2.89197 4.61429 2.52595 0.48334  -0.08802 0.74873  120 DA E N3    
124 C C4    . DA A 6  ? 3.02057 4.53408 2.66191 0.53744  -0.03785 0.72358  120 DA E C4    
125 P P     . DT A 7  ? 3.06128 4.37934 2.62992 0.62512  -0.09960 0.77941  121 DT E P     
126 O OP1   . DT A 7  ? 2.99768 4.30493 2.61581 0.55129  -0.16881 0.82389  121 DT E OP1   
127 O OP2   . DT A 7  ? 3.15839 4.30989 2.65767 0.74882  -0.02289 0.73667  121 DT E OP2   
128 O "O5'" . DT A 7  ? 2.99332 4.55549 2.51455 0.62543  -0.11619 0.76319  121 DT E "O5'" 
129 C "C5'" . DT A 7  ? 3.03035 4.65525 2.50603 0.67349  -0.07032 0.72677  121 DT E "C5'" 
130 C "C4'" . DT A 7  ? 2.92825 4.78627 2.42843 0.59581  -0.11297 0.74752  121 DT E "C4'" 
131 O "O4'" . DT A 7  ? 2.97882 4.81274 2.49832 0.58111  -0.09107 0.73964  121 DT E "O4'" 
132 C "C3'" . DT A 7  ? 2.87082 4.92496 2.29486 0.64954  -0.10680 0.71893  121 DT E "C3'" 
133 O "O3'" . DT A 7  ? 2.74258 5.02169 2.20856 0.55858  -0.16820 0.76045  121 DT E "O3'" 
134 C "C2'" . DT A 7  ? 2.93802 4.99268 2.30933 0.70927  -0.05604 0.67786  121 DT E "C2'" 
135 C "C1'" . DT A 7  ? 2.96199 4.94644 2.41424 0.62664  -0.07164 0.70693  121 DT E "C1'" 
136 N N1    . DT A 7  ? 3.09045 4.94277 2.51333 0.68676  -0.01752 0.66634  121 DT E N1    
137 C C2    . DT A 7  ? 3.08442 5.04882 2.47703 0.69057  -0.01566 0.64761  121 DT E C2    
138 O O2    . DT A 7  ? 2.96738 5.14243 2.35644 0.64800  -0.05224 0.66586  121 DT E O2    
139 N N3    . DT A 7  ? 3.21814 5.03633 2.58487 0.74636  0.02995  0.60821  121 DT E N3    
140 C C4    . DT A 7  ? 3.34007 4.92408 2.71444 0.79449  0.07774  0.59056  121 DT E C4    
141 O O4    . DT A 7  ? 3.44351 4.90913 2.80001 0.83689  0.11538  0.55784  121 DT E O4    
142 C C5    . DT A 7  ? 3.32548 4.81173 2.72981 0.79209  0.07919  0.61467  121 DT E C5    
143 C C7    . DT A 7  ? 3.42289 4.66393 2.83548 0.84697  0.13436  0.60322  121 DT E C7    
144 C C6    . DT A 7  ? 3.21008 4.83000 2.63298 0.74127  0.02976  0.64837  121 DT E C6    
145 P P     . DC A 8  ? 2.94864 5.46550 2.35878 0.59621  -0.17609 0.74454  122 DC E P     
146 O OP1   . DC A 8  ? 2.81903 5.51026 2.30047 0.48474  -0.24716 0.80218  122 DC E OP1   
147 O OP2   . DC A 8  ? 3.02259 5.44377 2.35065 0.71640  -0.13534 0.69346  122 DC E OP2   
148 O "O5'" . DC A 8  ? 2.93612 5.58048 2.30004 0.62726  -0.14482 0.72042  122 DC E "O5'" 
149 C "C5'" . DC A 8  ? 2.89997 5.58306 2.31645 0.54586  -0.16408 0.75198  122 DC E "C5'" 
150 C "C4'" . DC A 8  ? 2.87314 5.71002 2.22628 0.59072  -0.14052 0.72468  122 DC E "C4'" 
151 O "O4'" . DC A 8  ? 3.01121 5.67237 2.31846 0.66084  -0.09149 0.67736  122 DC E "O4'" 
152 C "C3'" . DC A 8  ? 2.82287 5.82957 2.09418 0.67552  -0.12184 0.69146  122 DC E "C3'" 
153 O "O3'" . DC A 8  ? 2.74719 5.97796 1.99667 0.66384  -0.12952 0.69970  122 DC E "O3'" 
154 C "C2'" . DC A 8  ? 2.96708 5.78620 2.14666 0.80414  -0.05828 0.62309  122 DC E "C2'" 
155 C "C1'" . DC A 8  ? 3.04835 5.74085 2.24665 0.78141  -0.04564 0.61923  122 DC E "C1'" 
156 N N1    . DC A 8  ? 3.21884 5.65224 2.37735 0.86089  0.00789  0.57349  122 DC E N1    
157 C C2    . DC A 8  ? 3.30491 5.68352 2.40423 0.91815  0.04064  0.53135  122 DC E C2    
158 O O2    . DC A 8  ? 3.23202 5.78012 2.30362 0.91023  0.02412  0.52934  122 DC E O2    
159 N N3    . DC A 8  ? 3.46641 5.60672 2.53874 0.98186  0.08888  0.49515  122 DC E N3    
160 C C4    . DC A 8  ? 3.53019 5.49897 2.63024 0.99313  0.10872  0.50217  122 DC E C4    
161 N N4    . DC A 8  ? 3.64917 5.39132 2.72455 1.05553  0.16110  0.47132  122 DC E N4    
162 C C5    . DC A 8  ? 3.44122 5.46070 2.59344 0.94234  0.07478  0.54211  122 DC E C5    
163 C C6    . DC A 8  ? 3.29183 5.54045 2.47320 0.87494  0.02279  0.57572  122 DC E C6    
164 P P     . DA A 9  ? 2.90238 6.39002 2.15083 0.67648  -0.13322 0.69465  123 DA E P     
165 O OP1   . DA A 9  ? 2.79627 6.45088 2.14744 0.54880  -0.17445 0.75546  123 DA E OP1   
166 O OP2   . DA A 9  ? 2.93118 6.37877 2.15703 0.73251  -0.12779 0.67196  123 DA E OP2   
167 O "O5'" . DA A 9  ? 2.90791 6.42932 2.08453 0.77813  -0.08090 0.62642  123 DA E "O5'" 
168 C "C5'" . DA A 9  ? 2.93425 6.43352 2.08950 0.77078  -0.07603 0.62357  123 DA E "C5'" 
169 C "C4'" . DA A 9  ? 2.98919 6.43824 2.05222 0.89516  -0.02773 0.54676  123 DA E "C4'" 
170 O "O4'" . DA A 9  ? 3.16195 6.37430 2.13550 0.96662  -0.00134 0.51775  123 DA E "O4'" 
171 C "C3'" . DA A 9  ? 2.97142 6.51599 2.02472 0.97608  -0.00130 0.49905  123 DA E "C3'" 
172 O "O3'" . DA A 9  ? 2.97548 6.59124 1.99970 1.03978  0.01926  0.45448  123 DA E "O3'" 
173 C "C2'" . DA A 9  ? 3.05488 6.39363 2.02913 1.06724  0.02797  0.45917  123 DA E "C2'" 
174 C "C1'" . DA A 9  ? 3.19524 6.34123 2.10333 1.08177  0.04074  0.45463  123 DA E "C1'" 
175 N N9    . DA A 9  ? 3.33636 6.26556 2.18516 1.12576  0.06375  0.45108  123 DA E N9    
176 C C8    . DA A 9  ? 3.34459 6.20946 2.25127 1.08492  0.04938  0.48175  123 DA E C8    
177 N N7    . DA A 9  ? 3.48166 6.09084 2.37636 1.12835  0.08459  0.45843  123 DA E N7    
178 C C5    . DA A 9  ? 3.57034 6.07453 2.39204 1.19815  0.12360  0.41286  123 DA E C5    
179 C C6    . DA A 9  ? 3.71824 5.96255 2.49952 1.26397  0.17333  0.37541  123 DA E C6    
180 N N6    . DA A 9  ? 3.79835 5.84171 2.60659 1.27460  0.19767  0.38032  123 DA E N6    
181 N N1    . DA A 9  ? 3.77424 5.97184 2.48463 1.31974  0.19672  0.33411  123 DA E N1    
182 C C2    . DA A 9  ? 3.68806 6.08702 2.36285 1.31691  0.17195  0.32875  123 DA E C2    
183 N N3    . DA A 9  ? 3.53792 6.19621 2.24300 1.26253  0.13034  0.36366  123 DA E N3    
184 C C4    . DA A 9  ? 3.48608 6.18442 2.26944 1.20071  0.10808  0.40633  123 DA E C4    
185 O "O5'" . DG B 1  ? 3.10880 6.69414 2.95188 -1.24550 -0.88210 -0.65677 105 DG A "O5'" 
186 C "C5'" . DG B 1  ? 3.02284 6.54198 2.85653 -1.15570 -0.88807 -0.60644 105 DG A "C5'" 
187 C "C4'" . DG B 1  ? 2.96618 6.50798 2.89869 -1.09570 -0.91602 -0.60797 105 DG A "C4'" 
188 O "O4'" . DG B 1  ? 2.93270 6.64348 3.00014 -1.17240 -0.82037 -0.74814 105 DG A "O4'" 
189 C "C3'" . DG B 1  ? 2.88149 6.34636 2.80085 -0.99519 -0.92923 -0.54398 105 DG A "C3'" 
190 O "O3'" . DG B 1  ? 2.87561 6.26636 2.82165 -0.91468 -1.01160 -0.47650 105 DG A "O3'" 
191 C "C2'" . DG B 1  ? 2.80145 6.40678 2.83347 -1.03422 -0.81464 -0.66591 105 DG A "C2'" 
192 C "C1'" . DG B 1  ? 2.83073 6.57597 2.97779 -1.12974 -0.77097 -0.78621 105 DG A "C1'" 
193 N N9    . DG B 1  ? 2.86242 6.58074 3.08355 -1.17268 -0.58117 -0.89852 105 DG A N9    
194 C C8    . DG B 1  ? 2.90862 6.60985 3.08011 -1.21640 -0.48960 -0.93127 105 DG A C8    
195 N N7    . DG B 1  ? 3.04388 6.70968 3.29958 -1.24550 -0.31359 -1.03516 105 DG A N7    
196 C C5    . DG B 1  ? 3.08691 6.74811 3.45020 -1.22427 -0.28710 -1.07759 105 DG A C5    
197 C C6    . DG B 1  ? 3.28273 6.90514 3.75554 -1.24491 -0.11882 -1.19061 105 DG A C6    
198 O O6    . DG B 1  ? 3.47212 7.04684 3.96571 -1.28438 0.04713  -1.27403 105 DG A O6    
199 N N1    . DG B 1  ? 3.23824 6.87776 3.79863 -1.21623 -0.15164 -1.20488 105 DG A N1    
200 C C2    . DG B 1  ? 3.04534 6.73157 3.59577 -1.16768 -0.32453 -1.11674 105 DG A C2    
201 N N2    . DG B 1  ? 3.03374 6.73550 3.68781 -1.14352 -0.32757 -1.14887 105 DG A N2    
202 N N3    . DG B 1  ? 2.90616 6.61820 3.34963 -1.14499 -0.47956 -1.00677 105 DG A N3    
203 C C4    . DG B 1  ? 2.93291 6.63115 3.28366 -1.17792 -0.45135 -0.99507 105 DG A C4    
204 P P     . DC B 2  ? 2.80224 6.08979 2.73144 -0.80241 -1.03824 -0.39233 106 DC A P     
205 O OP1   . DC B 2  ? 2.85784 5.97505 2.72206 -0.72879 -1.14047 -0.28200 106 DC A OP1   
206 O OP2   . DC B 2  ? 2.76205 6.02982 2.62068 -0.79126 -0.98423 -0.37713 106 DC A OP2   
207 O "O5'" . DC B 2  ? 2.72686 6.13887 2.82399 -0.79962 -0.98687 -0.48289 106 DC A "O5'" 
208 C "C5'" . DC B 2  ? 2.74639 6.27222 2.95514 -0.84521 -1.00712 -0.55195 106 DC A "C5'" 
209 C "C4'" . DC B 2  ? 2.72610 6.18116 3.08302 -0.79440 -0.89131 -0.61431 106 DC A "C4'" 
210 O "O4'" . DC B 2  ? 2.75502 6.21282 3.17766 -0.85121 -0.72306 -0.73302 106 DC A "O4'" 
211 C "C3'" . DC B 2  ? 2.70599 5.93920 3.04834 -0.66833 -0.84803 -0.53318 106 DC A "C3'" 
212 O "O3'" . DC B 2  ? 2.76521 5.95522 3.22738 -0.61814 -0.82939 -0.55411 106 DC A "O3'" 
213 C "C2'" . DC B 2  ? 2.95269 6.07741 3.29749 -0.66343 -0.67801 -0.58405 106 DC A "C2'" 
214 C "C1'" . DC B 2  ? 3.01146 6.26540 3.45959 -0.76299 -0.58864 -0.72673 106 DC A "C1'" 
215 N N1    . DC B 2  ? 3.19727 6.42191 3.63167 -0.80658 -0.44327 -0.79604 106 DC A N1    
216 C C2    . DC B 2  ? 3.43985 6.62655 3.97617 -0.83224 -0.27313 -0.91425 106 DC A C2    
217 O O2    . DC B 2  ? 3.47794 6.66206 4.11462 -0.82194 -0.24767 -0.96345 106 DC A O2    
218 N N3    . DC B 2  ? 3.62816 6.77905 4.14771 -0.86873 -0.13640 -0.97382 106 DC A N3    
219 C C4    . DC B 2  ? 3.56887 6.73189 3.98689 -0.87895 -0.16836 -0.92171 106 DC A C4    
220 N N4    . DC B 2  ? 3.77193 6.89917 4.18552 -0.91088 -0.02684 -0.98329 106 DC A N4    
221 C C5    . DC B 2  ? 3.29465 6.50328 3.60796 -0.85784 -0.34203 -0.80651 106 DC A C5    
222 C C6    . DC B 2  ? 3.12356 6.35615 3.44390 -0.82257 -0.47244 -0.74667 106 DC A C6    
223 P P     . DA B 3  ? 2.65574 5.66239 3.09975 -0.49741 -0.86325 -0.44603 107 DA A P     
224 O OP1   . DA B 3  ? 2.64953 5.74862 3.08162 -0.48941 -1.02940 -0.38138 107 DA A OP1   
225 O OP2   . DA B 3  ? 2.64846 5.49973 2.97527 -0.44489 -0.82233 -0.36848 107 DA A OP2   
226 O "O5'" . DA B 3  ? 2.69094 5.60383 3.28429 -0.46328 -0.72828 -0.53008 107 DA A "O5'" 
227 C "C5'" . DA B 3  ? 2.66896 5.72555 3.39723 -0.52023 -0.71600 -0.63689 107 DA A "C5'" 
228 C "C4'" . DA B 3  ? 2.92739 5.87276 3.76667 -0.50541 -0.54405 -0.73664 107 DA A "C4'" 
229 O "O4'" . DA B 3  ? 3.10453 6.01327 3.91680 -0.54913 -0.40470 -0.80595 107 DA A "O4'" 
230 C "C3'" . DA B 3  ? 3.11862 5.83013 3.95975 -0.39965 -0.49321 -0.67649 107 DA A "C3'" 
231 O "O3'" . DA B 3  ? 3.24249 5.91541 4.21702 -0.39797 -0.39301 -0.77488 107 DA A "O3'" 
232 C "C2'" . DA B 3  ? 3.33238 5.88815 4.07709 -0.37234 -0.39017 -0.64845 107 DA A "C2'" 
233 C "C1'" . DA B 3  ? 3.35855 6.03616 4.12213 -0.46744 -0.30564 -0.75966 107 DA A "C1'" 
234 N N9    . DA B 3  ? 3.37119 6.03889 4.01993 -0.47856 -0.29831 -0.71587 107 DA A N9    
235 C C8    . DA B 3  ? 3.17721 5.87740 3.70759 -0.46387 -0.42695 -0.60487 107 DA A C8    
236 N N7    . DA B 3  ? 3.22954 5.92228 3.68038 -0.48244 -0.38363 -0.59653 107 DA A N7    
237 C C5    . DA B 3  ? 3.50652 6.15402 4.02888 -0.50795 -0.21377 -0.70623 107 DA A C5    
238 C C6    . DA B 3  ? 3.70802 6.32304 4.20504 -0.53177 -0.08919 -0.75309 107 DA A C6    
239 N N6    . DA B 3  ? 3.64869 6.28543 4.04532 -0.53433 -0.12365 -0.69434 107 DA A N6    
240 N N1    . DA B 3  ? 3.97096 6.52694 4.54850 -0.55310 0.07739  -0.86529 107 DA A N1    
241 C C2    . DA B 3  ? 3.98783 6.52635 4.66277 -0.55570 0.11394  -0.93039 107 DA A C2    
242 N N3    . DA B 3  ? 3.81641 6.39302 4.53414 -0.53512 0.00535  -0.89894 107 DA A N3    
243 C C4    . DA B 3  ? 3.58487 6.21336 4.22275 -0.50899 -0.15782 -0.78232 107 DA A C4    
244 P P     . DG B 4  ? 2.75058 5.18183 3.75138 -0.30467 -0.32066 -0.74231 108 DG A P     
245 O OP1   . DG B 4  ? 2.70273 5.18718 3.85102 -0.31666 -0.30213 -0.82914 108 DG A OP1   
246 O OP2   . DG B 4  ? 2.70566 5.03025 3.59510 -0.23025 -0.42156 -0.59007 108 DG A OP2   
247 O "O5'" . DG B 4  ? 3.07171 5.33501 4.04334 -0.30067 -0.13523 -0.79884 108 DG A "O5'" 
248 C "C5'" . DG B 4  ? 3.13136 5.46997 4.16280 -0.37931 -0.01346 -0.93796 108 DG A "C5'" 
249 C "C4'" . DG B 4  ? 3.41281 5.57502 4.38135 -0.35960 0.14351  -0.95617 108 DG A "C4'" 
250 O "O4'" . DG B 4  ? 3.41192 5.63168 4.27638 -0.37318 0.09946  -0.89493 108 DG A "O4'" 
251 C "C3'" . DG B 4  ? 3.60558 5.50243 4.53194 -0.25914 0.20266  -0.88377 108 DG A "C3'" 
252 O "O3'" . DG B 4  ? 3.73227 5.47415 4.68724 -0.25948 0.38879  -0.97946 108 DG A "O3'" 
253 C "C2'" . DG B 4  ? 3.65675 5.50756 4.45216 -0.21464 0.14828  -0.75993 108 DG A "C2'" 
254 C "C1'" . DG B 4  ? 3.62204 5.63618 4.40405 -0.29574 0.16842  -0.82321 108 DG A "C1'" 
255 N N9    . DG B 4  ? 3.56724 5.63610 4.23888 -0.28660 0.07572  -0.72342 108 DG A N9    
256 C C8    . DG B 4  ? 3.34839 5.48670 3.95450 -0.26718 -0.09246 -0.61175 108 DG A C8    
257 N N7    . DG B 4  ? 3.29103 5.46294 3.79397 -0.26843 -0.13557 -0.54665 108 DG A N7    
258 C C5    . DG B 4  ? 3.53337 5.65729 4.04353 -0.28438 0.01268  -0.61679 108 DG A C5    
259 C C6    . DG B 4  ? 3.59118 5.72620 4.02554 -0.29027 0.04648  -0.59538 108 DG A C6    
260 O O6    . DG B 4  ? 3.44409 5.64131 3.78375 -0.28791 -0.05325 -0.51147 108 DG A O6    
261 N N1    . DG B 4  ? 3.70168 5.76450 4.17794 -0.30153 0.22034  -0.68754 108 DG A N1    
262 C C2    . DG B 4  ? 3.75630 5.74007 4.32324 -0.31136 0.34702  -0.78991 108 DG A C2    
263 N N2    . DG B 4  ? 3.78891 5.69470 4.37135 -0.32191 0.51526  -0.86899 108 DG A N2    
264 N N3    . DG B 4  ? 3.75340 5.73077 4.38902 -0.31091 0.31583  -0.81522 108 DG A N3    
265 C C4    . DG B 4  ? 3.65729 5.71120 4.26559 -0.29537 0.14530  -0.72431 108 DG A C4    
266 P P     . DC B 5  ? 3.59540 5.05298 4.52663 -0.17154 0.47734  -0.93940 109 DC A P     
267 O OP1   . DC B 5  ? 3.55802 4.89322 4.52182 -0.19515 0.66927  -1.06428 109 DC A OP1   
268 O OP2   . DC B 5  ? 3.56386 5.01459 4.53997 -0.13886 0.37215  -0.88817 109 DC A OP2   
269 O "O5'" . DC B 5  ? 3.67941 5.02712 4.47938 -0.10174 0.45295  -0.80432 109 DC A "O5'" 
270 C "C5'" . DC B 5  ? 3.69505 4.81065 4.43973 -0.04248 0.58478  -0.78787 109 DC A "C5'" 
271 C "C4'" . DC B 5  ? 3.65300 4.78280 4.36767 -0.06827 0.69567  -0.84262 109 DC A "C4'" 
272 O "O4'" . DC B 5  ? 3.66101 5.03312 4.37672 -0.13545 0.60263  -0.85126 109 DC A "O4'" 
273 C "C3'" . DC B 5  ? 3.66542 4.64155 4.27852 0.01027  0.74037  -0.74625 109 DC A "C3'" 
274 O "O3'" . DC B 5  ? 3.60731 4.33409 4.21198 0.06060  0.89066  -0.77389 109 DC A "O3'" 
275 C "C2'" . DC B 5  ? 3.63562 4.74302 4.23309 -0.03694 0.77603  -0.78767 109 DC A "C2'" 
276 C "C1'" . DC B 5  ? 3.66579 5.02993 4.30453 -0.11861 0.63623  -0.80967 109 DC A "C1'" 
277 N N1    . DC B 5  ? 3.69222 5.15905 4.25648 -0.09765 0.46835  -0.68173 109 DC A N1    
278 C C2    . DC B 5  ? 3.67413 5.17325 4.16066 -0.08507 0.46432  -0.62774 109 DC A C2    
279 O O2    . DC B 5  ? 3.65401 5.09312 4.14141 -0.08515 0.60131  -0.68282 109 DC A O2    
280 N N3    . DC B 5  ? 3.62790 5.21961 4.03801 -0.07332 0.31403  -0.51822 109 DC A N3    
281 C C4    . DC B 5  ? 3.57786 5.21835 3.98311 -0.07138 0.17625  -0.46042 109 DC A C4    
282 N N4    . DC B 5  ? 3.48149 5.20121 3.79629 -0.06353 0.03752  -0.35545 109 DC A N4    
283 C C5    . DC B 5  ? 3.60475 5.21225 4.09610 -0.07781 0.17883  -0.51002 109 DC A C5    
284 C C6    . DC B 5  ? 3.67666 5.20387 4.24748 -0.09244 0.32431  -0.62172 109 DC A C6    
285 P P     . DC B 6  ? 3.60999 4.22272 4.20679 0.05595  1.08749  -0.86721 110 DC A P     
286 O OP1   . DC B 6  ? 3.55706 4.32713 4.22734 -0.04629 1.14202  -1.01019 110 DC A OP1   
287 O OP2   . DC B 6  ? 3.56102 3.90512 4.13561 0.11523  1.20012  -0.86904 110 DC A OP2   
288 O "O5'" . DC B 6  ? 3.64535 4.26424 4.15771 0.10900  1.07438  -0.76822 110 DC A "O5'" 
289 C "C5'" . DC B 6  ? 3.59902 4.23110 4.10793 0.08711  1.19597  -0.83570 110 DC A "C5'" 
290 C "C4'" . DC B 6  ? 3.64138 4.32369 4.08223 0.13548  1.14585  -0.73072 110 DC A "C4'" 
291 O "O4'" . DC B 6  ? 3.70490 4.59331 4.13322 0.10424  0.95998  -0.66137 110 DC A "O4'" 
292 C "C3'" . DC B 6  ? 3.66032 4.14629 4.02570 0.25089  1.16500  -0.61028 110 DC A "C3'" 
293 O "O3'" . DC B 6  ? 3.64590 4.08547 3.98131 0.29112  1.26870  -0.60500 110 DC A "O3'" 
294 C "C2'" . DC B 6  ? 3.74349 4.33839 4.06065 0.27273  0.97589  -0.47784 110 DC A "C2'" 
295 C "C1'" . DC B 6  ? 3.75740 4.60943 4.10430 0.18269  0.88478  -0.52124 110 DC A "C1'" 
296 N N1    . DC B 6  ? 3.80695 4.78907 4.12974 0.16503  0.69831  -0.44148 110 DC A N1    
297 C C2    . DC B 6  ? 3.80081 4.89619 4.04962 0.17811  0.58393  -0.34132 110 DC A C2    
298 O O2    . DC B 6  ? 3.77504 4.87246 3.99040 0.20555  0.63773  -0.32189 110 DC A O2    
299 N N3    . DC B 6  ? 3.76521 4.96183 3.97910 0.16037  0.42058  -0.27012 110 DC A N3    
300 C C4    . DC B 6  ? 3.79876 4.98955 4.05919 0.13724  0.37045  -0.29281 110 DC A C4    
301 N N4    . DC B 6  ? 3.73057 5.01234 3.95156 0.12497  0.21404  -0.21832 110 DC A N4    
302 C C5    . DC B 6  ? 3.84707 4.93526 4.19452 0.12568  0.48267  -0.39513 110 DC A C5    
303 C C6    . DC B 6  ? 3.81838 4.80419 4.18885 0.13675  0.64409  -0.46805 110 DC A C6    
304 P P     . DT B 7  ? 3.76498 3.97654 4.03211 0.41268  1.34514  -0.50974 111 DT A P     
305 O OP1   . DT B 7  ? 3.72246 3.76143 4.00399 0.42359  1.54594  -0.60801 111 DT A OP1   
306 O OP2   . DT B 7  ? 3.78324 3.89933 4.01096 0.45898  1.25164  -0.41160 111 DT A OP2   
307 O "O5'" . DT B 7  ? 3.80784 4.14617 4.03466 0.45007  1.28725  -0.42072 111 DT A "O5'" 
308 C "C5'" . DT B 7  ? 3.86298 4.43394 4.08348 0.39835  1.12513  -0.37968 111 DT A "C5'" 
309 C "C4'" . DT B 7  ? 3.87097 4.48290 4.02303 0.46928  1.05281  -0.24872 111 DT A "C4'" 
310 O "O4'" . DT B 7  ? 3.89828 4.67279 4.01307 0.43386  0.86860  -0.17626 111 DT A "O4'" 
311 C "C3'" . DT B 7  ? 3.83856 4.24626 3.93479 0.58041  1.08850  -0.14638 111 DT A "C3'" 
312 O "O3'" . DT B 7  ? 3.80225 4.24230 3.85872 0.64838  1.09188  -0.06516 111 DT A "O3'" 
313 C "C2'" . DT B 7  ? 3.85556 4.28018 3.91032 0.57367  0.93903  -0.06266 111 DT A "C2'" 
314 C "C1'" . DT B 7  ? 3.86180 4.53616 3.90806 0.50684  0.80148  -0.05038 111 DT A "C1'" 
315 N N1    . DT B 7  ? 3.86840 4.61199 3.90024 0.45916  0.66036  -0.02156 111 DT A N1    
316 C C2    . DT B 7  ? 3.76009 4.63946 3.72197 0.44960  0.51248  0.07193  111 DT A C2    
317 O O2    . DT B 7  ? 3.66536 4.62131 3.57841 0.47502  0.48977  0.12916  111 DT A O2    
318 N N3    . DT B 7  ? 3.73075 4.65244 3.68017 0.40873  0.39483  0.09409  111 DT A N3    
319 C C4    . DT B 7  ? 3.83010 4.68442 3.84105 0.37995  0.40757  0.03281  111 DT A C4    
320 O O4    . DT B 7  ? 3.78956 4.69053 3.78999 0.35010  0.29667  0.06156  111 DT A O4    
321 C C5    . DT B 7  ? 3.94158 4.66473 4.02789 0.38760  0.56463  -0.06938 111 DT A C5    
322 C C7    . DT B 7  ? 3.99787 4.64773 4.15705 0.35403  0.59547  -0.15015 111 DT A C7    
323 C C6    . DT B 7  ? 3.93849 4.60718 4.02540 0.42525  0.68355  -0.09096 111 DT A C6    
324 P P     . DG B 8  ? 3.93741 4.16476 3.95166 0.77123  1.18830  0.01442  112 DG A P     
325 O OP1   . DG B 8  ? 3.93782 4.04496 3.99790 0.78726  1.37312  -0.08476 112 DG A OP1   
326 O OP2   . DG B 8  ? 3.92202 4.00718 3.88891 0.79995  1.13735  0.08467  112 DG A OP2   
327 O "O5'" . DG B 8  ? 3.90307 4.26389 3.87301 0.82597  1.11451  0.12532  112 DG A "O5'" 
328 C "C5'" . DG B 8  ? 3.87393 4.46361 3.82282 0.76526  0.96386  0.15687  112 DG A "C5'" 
329 C "C4'" . DG B 8  ? 3.81066 4.42039 3.67195 0.81444  0.83994  0.30351  112 DG A "C4'" 
330 O "O4'" . DG B 8  ? 3.79157 4.44182 3.62171 0.75013  0.71391  0.32056  112 DG A "O4'" 
331 C "C3'" . DG B 8  ? 3.82823 4.22973 3.64830 0.91839  0.90002  0.38994  112 DG A "C3'" 
332 O "O3'" . DG B 8  ? 3.76535 4.24156 3.51245 0.97134  0.81218  0.52099  112 DG A "O3'" 
333 C "C2'" . DG B 8  ? 3.85087 4.12906 3.65643 0.88404  0.86660  0.38346  112 DG A "C2'" 
334 C "C1'" . DG B 8  ? 3.79599 4.27183 3.57860 0.80175  0.70859  0.39766  112 DG A "C1'" 
335 N N9    . DG B 8  ? 3.83669 4.27576 3.63671 0.73780  0.66173  0.35416  112 DG A N9    
336 C C8    . DG B 8  ? 3.92766 4.22590 3.78855 0.71910  0.75249  0.26156  112 DG A C8    
337 N N7    . DG B 8  ? 3.95248 4.26793 3.82399 0.66176  0.67459  0.24370  112 DG A N7    
338 C C5    . DG B 8  ? 3.84841 4.31280 3.65373 0.64304  0.52567  0.33348  112 DG A C5    
339 C C6    . DG B 8  ? 3.77078 4.30970 3.54977 0.59029  0.39368  0.36366  112 DG A C6    
340 O O6    . DG B 8  ? 3.84301 4.34041 3.66528 0.55167  0.37731  0.31658  112 DG A O6    
341 N N1    . DG B 8  ? 3.52054 4.19613 3.21196 0.58544  0.27459  0.45829  112 DG A N1    
342 C C2    . DG B 8  ? 3.40854 4.15317 3.05316 0.62474  0.28077  0.51235  112 DG A C2    
343 N N2    . DG B 8  ? 3.08651 3.96515 2.64137 0.60660  0.15994  0.59480  112 DG A N2    
344 N N3    . DG B 8  ? 3.55594 4.24244 3.23739 0.67880  0.39986  0.48641  112 DG A N3    
345 C C4    . DG B 8  ? 3.75650 4.29775 3.51421 0.68573  0.51804  0.39870  112 DG A C4    
346 P P     . DT B 9  ? 4.33764 4.83126 4.08846 1.06823  0.88237  0.57327  113 DT A P     
347 O OP1   . DT B 9  ? 4.32225 4.95543 4.14383 1.02939  0.93221  0.47698  113 DT A OP1   
348 O OP2   . DT B 9  ? 4.41186 4.66623 4.15522 1.16150  0.99608  0.60549  113 DT A OP2   
349 O "O5'" . DT B 9  ? 4.21599 4.85320 3.87964 1.08662  0.74067  0.70770  113 DT A "O5'" 
350 C "C5'" . DT B 9  ? 4.10738 4.64897 3.68681 1.11232  0.67457  0.81522  113 DT A "C5'" 
351 C "C4'" . DT B 9  ? 3.77578 4.47694 3.27991 1.03932  0.51345  0.86799  113 DT A "C4'" 
352 O "O4'" . DT B 9  ? 3.80470 4.48043 3.32502 0.95224  0.47488  0.79638  113 DT A "O4'" 
353 C "C3'" . DT B 9  ? 3.43209 4.09626 2.82842 1.07305  0.43566  1.00787  113 DT A "C3'" 
354 O "O3'" . DT B 9  ? 3.20464 4.07953 2.53453 1.04935  0.32577  1.07131  113 DT A "O3'" 
355 C "C2'" . DT B 9  ? 3.33834 3.88938 2.70489 1.01272  0.38969  0.99941  113 DT A "C2'" 
356 C "C1'" . DT B 9  ? 3.47450 4.13120 2.90539 0.92666  0.36782  0.88143  113 DT A "C1'" 
357 N N1    . DT B 9  ? 3.59651 4.12782 3.05971 0.87779  0.37621  0.81934  113 DT A N1    
358 C C2    . DT B 9  ? 3.35291 3.93744 2.76597 0.81002  0.25953  0.84263  113 DT A C2    
359 O O2    . DT B 9  ? 3.06544 3.78618 2.39655 0.78338  0.15070  0.91124  113 DT A O2    
360 N N3    . DT B 9  ? 3.51836 3.98803 2.97851 0.77428  0.27846  0.78055  113 DT A N3    
361 C C4    . DT B 9  ? 3.86634 4.17905 3.41056 0.79230  0.40095  0.69424  113 DT A C4    
362 O O4    . DT B 9  ? 3.98293 4.21187 3.56823 0.75443  0.40904  0.63787  113 DT A O4    
363 C C5    . DT B 9  ? 4.05397 4.30692 3.63276 0.85909  0.52255  0.67291  113 DT A C5    
364 C C7    . DT B 9  ? 4.30786 4.37690 3.95953 0.87964  0.66824  0.57901  113 DT A C7    
365 C C6    . DT B 9  ? 3.93087 4.29393 3.47156 0.90174  0.50423  0.73806  113 DT A C6    
366 P P     . DA B 10 ? 3.75397 4.64825 2.95218 1.05026  0.22009  1.20989  114 DA A P     
367 O OP1   . DA B 10 ? 3.63545 4.74110 2.79227 1.06090  0.16302  1.26192  114 DA A OP1   
368 O OP2   . DA B 10 ? 3.78213 4.46286 2.95906 1.11677  0.28125  1.27479  114 DA A OP2   
369 O "O5'" . DA B 10 ? 3.60310 4.52162 2.74962 0.94557  0.11632  1.18906  114 DA A "O5'" 
370 C "C5'" . DA B 10 ? 3.34026 4.36472 2.36343 0.89923  -0.00526 1.27483  114 DA A "C5'" 
371 C "C4'" . DA B 10 ? 3.25144 4.08670 2.24603 0.85569  -0.02738 1.29339  114 DA A "C4'" 
372 O "O4'" . DA B 10 ? 3.31995 4.06537 2.32552 0.84605  -0.01528 1.26790  114 DA A "O4'" 
373 C "C3'" . DA B 10 ? 3.33204 4.00089 2.33621 0.92284  0.04824  1.34134  114 DA A "C3'" 
374 O "O3'" . DA B 10 ? 3.32169 4.03589 2.32468 0.88552  0.01136  1.34228  114 DA A "O3'" 
375 C "C2'" . DA B 10 ? 3.33000 3.81332 2.31979 0.86869  0.03718  1.32790  114 DA A "C2'" 
376 C "C1'" . DA B 10 ? 3.33910 3.87281 2.32791 0.86499  0.02346  1.30694  114 DA A "C1'" 
377 N N9    . DA B 10 ? 3.56615 3.94943 2.66517 0.89441  0.13361  1.21732  114 DA A N9    
378 C C8    . DA B 10 ? 3.76184 4.08929 2.93580 0.96296  0.24527  1.17677  114 DA A C8    
379 N N7    . DA B 10 ? 3.96550 4.14528 3.22396 0.96413  0.33583  1.08458  114 DA A N7    
380 C C5    . DA B 10 ? 3.89949 4.04522 3.14843 0.89427  0.27577  1.06337  114 DA A C5    
381 C C6    . DA B 10 ? 4.04751 4.06740 3.36688 0.85985  0.32021  0.97362  114 DA A C6    
382 N N6    . DA B 10 ? 4.33742 4.23239 3.74242 0.88573  0.44346  0.88201  114 DA A N6    
383 N N1    . DA B 10 ? 3.94709 3.97458 3.24357 0.79733  0.23665  0.97975  114 DA A N1    
384 C C2    . DA B 10 ? 3.70285 3.84244 2.90046 0.76858  0.12074  1.07013  114 DA A C2    
385 N N3    . DA B 10 ? 3.54073 3.80144 2.65478 0.78862  0.07105  1.15565  114 DA A N3    
386 C C4    . DA B 10 ? 3.65495 3.91888 2.80576 0.85344  0.15187  1.14697  114 DA A C4    
387 P P     . DT C 1  ? 2.07650 7.17912 2.54677 -0.72398 0.26491  -1.47016 122 DT B P     
388 O OP1   . DT C 1  ? 2.17590 7.32030 2.59972 -0.84965 0.27780  -1.73070 122 DT B OP1   
389 O OP2   . DT C 1  ? 2.06878 7.09061 2.46990 -0.73339 0.26994  -1.46058 122 DT B OP2   
390 O "O5'" . DT C 1  ? 2.06023 7.11709 2.56931 -0.83548 0.27393  -1.09214 122 DT B "O5'" 
391 C "C5'" . DT C 1  ? 2.06069 7.16084 2.67846 -0.86849 0.23537  -1.01323 122 DT B "C5'" 
392 C "C4'" . DT C 1  ? 1.96668 7.06970 2.74907 -0.66789 0.24134  -0.74924 122 DT B "C4'" 
393 O "O4'" . DT C 1  ? 1.97088 6.95505 2.74451 -0.71818 0.26550  -0.41004 122 DT B "O4'" 
394 C "C3'" . DT C 1  ? 1.92344 6.99645 2.72166 -0.34653 0.27382  -0.85088 122 DT B "C3'" 
395 O "O3'" . DT C 1  ? 1.99448 6.87271 2.82502 -0.15876 0.23800  -0.71527 122 DT B "O3'" 
396 C "C2'" . DT C 1  ? 1.89789 6.85458 2.64397 -0.30038 0.32750  -0.63120 122 DT B "C2'" 
397 C "C1'" . DT C 1  ? 1.91272 6.84205 2.73143 -0.46121 0.31963  -0.29466 122 DT B "C1'" 
398 N N1    . DT C 1  ? 1.91403 6.69730 2.68292 -0.50185 0.34729  -0.05122 122 DT B N1    
399 C C2    . DT C 1  ? 1.92095 6.60365 2.78166 -0.51914 0.34554  0.28744  122 DT B C2    
400 O O2    . DT C 1  ? 1.92688 6.63919 2.90767 -0.51386 0.32552  0.40814  122 DT B O2    
401 N N3    . DT C 1  ? 1.91837 6.44498 2.73325 -0.54134 0.35913  0.47310  122 DT B N3    
402 C C4    . DT C 1  ? 1.90014 6.37795 2.59199 -0.55059 0.37666  0.36447  122 DT B C4    
403 O O4    . DT C 1  ? 1.91262 6.24708 2.58289 -0.56325 0.38013  0.53786  122 DT B O4    
404 C C5    . DT C 1  ? 1.90245 6.49368 2.50383 -0.53951 0.38132  0.02077  122 DT B C5    
405 C C7    . DT C 1  ? 1.91888 6.45404 2.39854 -0.55408 0.39327  -0.11778 122 DT B C7    
406 C C6    . DT C 1  ? 1.90593 6.63498 2.54828 -0.51248 0.36526  -0.17404 122 DT B C6    
407 P P     . DA C 2  ? 2.02318 6.74965 2.81419 0.19391  0.23856  -0.81904 123 DA B P     
408 O OP1   . DA C 2  ? 2.09326 6.86279 2.86789 0.22951  0.17304  -1.15709 123 DA B OP1   
409 O OP2   . DA C 2  ? 1.95625 6.70079 2.70968 0.32425  0.30483  -0.81470 123 DA B OP2   
410 O "O5'" . DA C 2  ? 2.11852 6.60042 2.93925 0.32039  0.23859  -0.48778 123 DA B "O5'" 
411 C "C5'" . DA C 2  ? 2.18082 6.63893 3.07225 0.13548  0.20543  -0.30054 123 DA B "C5'" 
412 C "C4'" . DA C 2  ? 2.29035 6.52610 3.22917 0.26022  0.23539  0.03892  123 DA B "C4'" 
413 O "O4'" . DA C 2  ? 2.17599 6.43598 3.17433 0.19023  0.29854  0.31028  123 DA B "O4'" 
414 C "C3'" . DA C 2  ? 2.36743 6.37788 3.22937 0.58639  0.25906  0.02892  123 DA B "C3'" 
415 O "O3'" . DA C 2  ? 2.51490 6.31386 3.41417 0.64904  0.26239  0.25835  123 DA B "O3'" 
416 C "C2'" . DA C 2  ? 2.22406 6.22776 3.06470 0.68962  0.34121  0.14556  123 DA B "C2'" 
417 C "C1'" . DA C 2  ? 2.12474 6.26985 3.07235 0.43147  0.36800  0.36776  123 DA B "C1'" 
418 N N9    . DA C 2  ? 1.97130 6.28970 2.89180 0.35753  0.40558  0.28668  123 DA B N9    
419 C C8    . DA C 2  ? 1.93408 6.39426 2.77721 0.36812  0.39395  -0.03501 123 DA B C8    
420 N N7    . DA C 2  ? 1.83762 6.43233 2.66961 0.27887  0.44271  -0.03487 123 DA B N7    
421 C C5    . DA C 2  ? 1.80828 6.32747 2.70786 0.20711  0.47874  0.31287  123 DA B C5    
422 C C6    . DA C 2  ? 1.80530 6.20936 2.66069 0.10175  0.49358  0.47104  123 DA B C6    
423 N N6    . DA C 2  ? 1.80947 6.19944 2.54984 0.04550  0.48826  0.30635  123 DA B N6    
424 N N1    . DA C 2  ? 1.81331 6.09005 2.75172 0.06296  0.50397  0.79586  123 DA B N1    
425 C C2    . DA C 2  ? 1.82254 6.08770 2.88521 0.11331  0.50981  0.96610  123 DA B C2    
426 N N3    . DA C 2  ? 1.86149 6.14840 2.94243 0.20721  0.48837  0.85083  123 DA B N3    
427 C C4    . DA C 2  ? 1.87243 6.24602 2.84625 0.25364  0.46051  0.51256  123 DA B C4    
428 P P     . DC C 3  ? 2.49350 5.98670 3.29837 0.97146  0.30300  0.33937  124 DC B P     
429 O OP1   . DC C 3  ? 2.61995 5.94021 3.44789 0.97792  0.27615  0.44224  124 DC B OP1   
430 O OP2   . DC C 3  ? 2.53344 6.01864 3.20419 1.17232  0.28087  0.04834  124 DC B OP2   
431 O "O5'" . DC C 3  ? 2.43420 5.85538 3.29535 1.00461  0.40584  0.66286  124 DC B "O5'" 
432 C "C5'" . DC C 3  ? 2.35669 5.84299 3.37729 0.79575  0.42845  0.93677  124 DC B "C5'" 
433 C "C4'" . DC C 3  ? 2.30120 5.72592 3.36998 0.86038  0.52824  1.19689  124 DC B "C4'" 
434 O "O4'" . DC C 3  ? 2.16276 5.80029 3.22181 0.76809  0.53848  1.11194  124 DC B "O4'" 
435 C "C3'" . DC C 3  ? 2.42285 5.57806 3.36973 1.16681  0.60212  1.24215  124 DC B "C3'" 
436 O "O3'" . DC C 3  ? 2.43655 5.44689 3.48503 1.19324  0.69513  1.57480  124 DC B "O3'" 
437 C "C2'" . DC C 3  ? 2.34820 5.61152 3.19363 1.24864  0.61847  1.06852  124 DC B "C2'" 
438 C "C1'" . DC C 3  ? 2.17214 5.69968 3.14744 0.98245  0.61722  1.14482  124 DC B "C1'" 
439 N N1    . DC C 3  ? 2.07287 5.80065 2.97831 0.94589  0.60694  0.91702  124 DC B N1    
440 C C2    . DC C 3  ? 1.94721 5.80835 2.91022 0.82630  0.65709  1.04477  124 DC B C2    
441 O O2    . DC C 3  ? 1.95088 5.69971 3.00052 0.75117  0.68260  1.32864  124 DC B O2    
442 N N3    . DC C 3  ? 1.91749 5.84501 2.76823 0.76789  0.62821  0.82096  124 DC B N3    
443 C C4    . DC C 3  ? 1.93898 5.94611 2.70265 0.84413  0.58693  0.49863  124 DC B C4    
444 N N4    . DC C 3  ? 1.92231 5.96345 2.59116 0.77046  0.56038  0.29003  124 DC B N4    
445 C C5    . DC C 3  ? 2.02525 5.98801 2.77308 0.98816  0.54686  0.36605  124 DC B C5    
446 C C6    . DC C 3  ? 2.11168 5.88888 2.90574 1.02688  0.54944  0.58317  124 DC B C6    
447 P P     . DA C 4  ? 2.74474 5.38989 3.70099 1.45814  0.77887  1.71416  125 DA B P     
448 O OP1   . DA C 4  ? 2.87321 5.39567 3.88167 1.41497  0.74873  1.77489  125 DA B OP1   
449 O OP2   . DA C 4  ? 2.86294 5.37977 3.59395 1.70909  0.78382  1.51166  125 DA B OP2   
450 O "O5'" . DA C 4  ? 2.58707 5.18750 3.67933 1.44396  0.89761  2.04120  125 DA B "O5'" 
451 C "C5'" . DA C 4  ? 2.37580 5.23138 3.59622 1.26357  0.89976  2.11197  125 DA B "C5'" 
452 C "C4'" . DA C 4  ? 2.38618 5.13960 3.45383 1.38979  0.95727  2.09279  125 DA B "C4'" 
453 O "O4'" . DA C 4  ? 2.30417 5.24976 3.26285 1.35687  0.88631  1.80932  125 DA B "O4'" 
454 C "C3'" . DA C 4  ? 2.62184 4.97917 3.43440 1.61368  1.03226  2.06043  125 DA B "C3'" 
455 O "O3'" . DA C 4  ? 2.65902 4.84145 3.45197 1.58267  1.16411  2.21458  125 DA B "O3'" 
456 C "C2'" . DA C 4  ? 2.65415 5.01861 3.24354 1.72078  0.95783  1.74914  125 DA B "C2'" 
457 C "C1'" . DA C 4  ? 2.43719 5.13428 3.14241 1.54340  0.90599  1.68867  125 DA B "C1'" 
458 N N9    . DA C 4  ? 2.39282 5.25497 2.99943 1.55262  0.82326  1.35593  125 DA B N9    
459 C C8    . DA C 4  ? 2.47640 5.32655 2.98401 1.67692  0.75918  1.09780  125 DA B C8    
460 N N7    . DA C 4  ? 2.41747 5.42711 2.86430 1.63437  0.69073  0.81598  125 DA B N7    
461 C C5    . DA C 4  ? 2.29133 5.41524 2.78788 1.47427  0.71564  0.89809  125 DA B C5    
462 C C6    . DA C 4  ? 2.20179 5.47592 2.66628 1.35314  0.67498  0.70757  125 DA B C6    
463 N N6    . DA C 4  ? 2.21563 5.57129 2.60860 1.36567  0.60339  0.38472  125 DA B N6    
464 N N1    . DA C 4  ? 2.11706 5.41983 2.62603 1.21066  0.70209  0.85773  125 DA B N1    
465 C C2    . DA C 4  ? 2.12147 5.31079 2.71024 1.19264  0.75418  1.17069  125 DA B C2    
466 N N3    . DA C 4  ? 2.19667 5.24834 2.83852 1.28772  0.80188  1.37607  125 DA B N3    
467 C C4    . DA C 4  ? 2.27938 5.30665 2.86713 1.42788  0.78707  1.22698  125 DA B C4    
468 P P     . DC C 5  ? 3.94721 4.21266 2.04574 0.04774  -0.46815 0.02800  126 DC B P     
469 O OP1   . DC C 5  ? 4.21474 4.36963 2.22497 0.24464  -0.43513 0.02950  126 DC B OP1   
470 O OP2   . DC C 5  ? 3.90539 4.39046 2.26771 0.02814  -0.54717 0.10115  126 DC B OP2   
471 O "O5'" . DC C 5  ? 3.53387 3.98931 1.74248 -0.01372 -0.33527 -0.01055 126 DC B "O5'" 
472 C "C5'" . DC C 5  ? 3.55181 3.91759 1.61056 0.04244  -0.22857 -0.07257 126 DC B "C5'" 
473 C "C4'" . DC C 5  ? 3.31067 3.97641 1.62440 0.10057  -0.10381 -0.05898 126 DC B "C4'" 
474 O "O4'" . DC C 5  ? 2.98519 3.83334 1.45292 -0.05165 -0.09641 -0.05122 126 DC B "O4'" 
475 C "C3'" . DC C 5  ? 3.56108 4.45596 2.15787 0.28390  -0.08062 0.01729  126 DC B "C3'" 
476 O "O3'" . DC C 5  ? 3.46462 4.48362 2.13962 0.39911  0.05220  0.00335  126 DC B "O3'" 
477 C "C2'" . DC C 5  ? 3.41981 4.57552 2.30176 0.20189  -0.11383 0.07497  126 DC B "C2'" 
478 C "C1'" . DC C 5  ? 3.01790 4.16522 1.82677 0.00728  -0.08534 0.02585  126 DC B "C1'" 
479 N N1    . DC C 5  ? 2.85474 4.05802 1.74688 -0.14679 -0.17559 0.05302  126 DC B N1    
480 C C2    . DC C 5  ? 2.70447 4.21017 1.91827 -0.15872 -0.15469 0.11153  126 DC B C2    
481 O O2    . DC C 5  ? 2.72443 4.43925 2.14218 -0.03953 -0.05955 0.13923  126 DC B O2    
482 N N3    . DC C 5  ? 2.53236 4.09205 1.82246 -0.30354 -0.23538 0.13417  126 DC B N3    
483 C C4    . DC C 5  ? 2.60258 3.92688 1.66165 -0.43029 -0.33502 0.10255  126 DC B C4    
484 N N4    . DC C 5  ? 2.52894 3.91661 1.67237 -0.57105 -0.41241 0.12627  126 DC B N4    
485 C C5    . DC C 5  ? 2.80776 3.81753 1.53407 -0.42265 -0.35658 0.04278  126 DC B C5    
486 C C6    . DC C 5  ? 2.87654 3.83739 1.53080 -0.28146 -0.27442 0.01892  126 DC B C6    
487 P P     . DC C 6  ? 3.11659 4.29876 1.99977 0.62348  0.09583  0.06081  127 DC B P     
488 O OP1   . DC C 6  ? 2.95563 4.14703 1.78754 0.71496  0.22543  0.01987  127 DC B OP1   
489 O OP2   . DC C 6  ? 3.51297 4.53275 2.30690 0.71051  -0.01438 0.09019  127 DC B OP2   
490 O "O5'" . DC C 6  ? 2.96620 4.50049 2.22055 0.60172  0.11194  0.12743  127 DC B "O5'" 
491 C "C5'" . DC C 6  ? 2.92500 4.71398 2.44217 0.74928  0.19878  0.17047  127 DC B "C5'" 
492 C "C4'" . DC C 6  ? 3.09103 5.05322 2.84890 0.82082  0.12220  0.24249  127 DC B "C4'" 
493 O "O4'" . DC C 6  ? 3.01352 4.95836 2.77662 0.66565  0.00983  0.25711  127 DC B "O4'" 
494 C "C3'" . DC C 6  ? 3.33572 5.16660 3.01060 0.99133  0.05926  0.26011  127 DC B "C3'" 
495 O "O3'" . DC C 6  ? 3.10828 5.20898 3.08223 1.12868  0.07329  0.31929  127 DC B "O3'" 
496 C "C2'" . DC C 6  ? 3.48589 5.11117 2.99078 0.89581  -0.09007 0.26127  127 DC B "C2'" 
497 C "C1'" . DC C 6  ? 3.20490 5.03612 2.90895 0.73364  -0.11431 0.28493  127 DC B "C1'" 
498 N N1    . DC C 6  ? 3.21233 4.84560 2.72729 0.56373  -0.22816 0.26626  127 DC B N1    
499 C C2    . DC C 6  ? 2.96716 4.76545 2.64939 0.41616  -0.27288 0.29124  127 DC B C2    
500 O O2    . DC C 6  ? 2.75037 4.85295 2.73191 0.42674  -0.21477 0.32723  127 DC B O2    
501 N N3    . DC C 6  ? 2.95052 4.56439 2.45572 0.26219  -0.37571 0.27335  127 DC B N3    
502 C C4    . DC C 6  ? 3.15510 4.43285 2.32926 0.25042  -0.42998 0.23173  127 DC B C4    
503 N N4    . DC C 6  ? 3.10064 4.20328 2.10645 0.09319  -0.52801 0.21432  127 DC B N4    
504 C C5    . DC C 6  ? 3.40869 4.50994 2.40478 0.39627  -0.38306 0.20446  127 DC B C5    
505 C C6    . DC C 6  ? 3.43434 4.72313 2.61046 0.54986  -0.28422 0.22325  127 DC B C6    
506 P P     . DG C 7  ? 2.87725 5.15100 3.00395 1.29162  0.21382  0.32523  128 DG B P     
507 O OP1   . DG C 7  ? 2.77447 4.94013 2.73389 1.23710  0.31953  0.26771  128 DG B OP1   
508 O OP2   . DG C 7  ? 3.07113 5.29056 3.18271 1.48911  0.17728  0.34729  128 DG B OP2   
509 O "O5'" . DG C 7  ? 2.56193 5.21799 3.07042 1.26800  0.25999  0.37489  128 DG B "O5'" 
510 C "C5'" . DG C 7  ? 2.38886 5.14171 2.98022 1.07730  0.24629  0.37764  128 DG B "C5'" 
511 C "C4'" . DG C 7  ? 2.26128 5.34097 3.19994 1.07539  0.23328  0.43313  128 DG B "C4'" 
512 O "O4'" . DG C 7  ? 2.31186 5.35517 3.24127 0.97799  0.09039  0.45079  128 DG B "O4'" 
513 C "C3'" . DG C 7  ? 2.31858 5.58268 3.46165 1.27348  0.25100  0.47028  128 DG B "C3'" 
514 O "O3'" . DG C 7  ? 2.13820 5.74587 3.61928 1.25373  0.30551  0.50580  128 DG B "O3'" 
515 C "C2'" . DG C 7  ? 2.52221 5.66019 3.57614 1.32699  0.09482  0.48758  128 DG B "C2'" 
516 C "C1'" . DG C 7  ? 2.48487 5.52865 3.44761 1.12320  -0.00147 0.48034  128 DG B "C1'" 
517 N N9    . DG C 7  ? 2.72054 5.42360 3.36244 1.10337  -0.11406 0.45730  128 DG B N9    
518 C C8    . DG C 7  ? 3.01812 5.46743 3.41992 1.23255  -0.12603 0.43652  128 DG B C8    
519 N N7    . DG C 7  ? 3.27796 5.43337 3.40386 1.17095  -0.23080 0.41671  128 DG B N7    
520 C C5    . DG C 7  ? 3.14795 5.37261 3.33991 0.99073  -0.29530 0.42552  128 DG B C5    
521 C C6    . DG C 7  ? 3.28053 5.28202 3.26268 0.85386  -0.41288 0.41195  128 DG B C6    
522 O O6    . DG C 7  ? 3.55029 5.23327 3.23260 0.86435  -0.48315 0.38851  128 DG B O6    
523 N N1    . DG C 7  ? 3.02799 5.20229 3.17339 0.68846  -0.44323 0.42722  128 DG B N1    
524 C C2    . DG C 7  ? 2.70544 5.21791 3.17039 0.65757  -0.36562 0.45154  128 DG B C2    
525 N N2    . DG C 7  ? 2.51852 5.14565 3.09266 0.48656  -0.40678 0.46173  128 DG B N2    
526 N N3    . DG C 7  ? 2.57083 5.28828 3.22883 0.78261  -0.25186 0.46391  128 DG B N3    
527 C C4    . DG C 7  ? 2.80186 5.36220 3.31042 0.94673  -0.22456 0.45019  128 DG B C4    
528 O "O5'" . DT D 1  ? 3.95050 5.12270 5.05631 1.06770  -0.23466 -0.07794 104 DT C "O5'" 
529 C "C5'" . DT D 1  ? 3.77611 4.96425 4.82051 1.13015  -0.20891 -0.01455 104 DT C "C5'" 
530 C "C4'" . DT D 1  ? 3.74768 4.96961 4.70761 1.16299  -0.22663 -0.03358 104 DT C "C4'" 
531 O "O4'" . DT D 1  ? 3.52360 4.80793 4.42429 1.21820  -0.21558 0.01938  104 DT C "O4'" 
532 C "C3'" . DT D 1  ? 3.72512 5.01775 4.64769 1.12365  -0.29187 -0.08422 104 DT C "C3'" 
533 O "O3'" . DT D 1  ? 3.96084 5.20534 4.90899 1.09247  -0.30131 -0.14941 104 DT C "O3'" 
534 C "C2'" . DT D 1  ? 3.58508 4.94671 4.41452 1.16300  -0.29891 -0.07264 104 DT C "C2'" 
535 C "C1'" . DT D 1  ? 3.43874 4.80655 4.26497 1.22122  -0.25304 -0.00682 104 DT C "C1'" 
536 N N1    . DT D 1  ? 3.18302 4.64767 3.97328 1.22750  -0.27050 0.03061  104 DT C N1    
537 C C2    . DT D 1  ? 3.09341 4.64510 3.80724 1.22353  -0.29826 0.01162  104 DT C C2    
538 O O2    . DT D 1  ? 3.19435 4.75576 3.86591 1.21553  -0.31191 -0.03313 104 DT C O2    
539 N N3    . DT D 1  ? 2.89762 4.52505 3.58559 1.22507  -0.30605 0.04410  104 DT C N3    
540 C C4    . DT D 1  ? 2.76969 4.40071 3.50030 1.23532  -0.29283 0.09305  104 DT C C4    
541 O O4    . DT D 1  ? 2.61259 4.31511 3.31595 1.23577  -0.30097 0.11496  104 DT C O4    
542 C C5    . DT D 1  ? 2.85383 4.39781 3.66255 1.24148  -0.26452 0.11307  104 DT C C5    
543 C C7    . DT D 1  ? 2.73750 4.28251 3.59629 1.25040  -0.24506 0.16458  104 DT C C7    
544 C C6    . DT D 1  ? 3.06437 4.52739 3.89812 1.23478  -0.25283 0.08086  104 DT C C6    
545 P P     . DG D 2  ? 3.94435 5.20765 4.94123 1.02952  -0.34986 -0.20516 105 DG C P     
546 O OP1   . DG D 2  ? 4.21123 5.39451 5.28853 1.00252  -0.31956 -0.25082 105 DG C OP1   
547 O OP2   . DG D 2  ? 3.75934 5.07628 4.77166 1.01757  -0.37359 -0.17092 105 DG C OP2   
548 O "O5'" . DG D 2  ? 3.94022 5.25738 4.85350 1.02052  -0.40252 -0.25057 105 DG C "O5'" 
549 C "C5'" . DG D 2  ? 4.00416 5.31085 4.86221 1.04757  -0.38751 -0.26802 105 DG C "C5'" 
550 C "C4'" . DG D 2  ? 3.86838 5.25369 4.62180 1.05273  -0.42179 -0.26507 105 DG C "C4'" 
551 O "O4'" . DG D 2  ? 3.64781 5.07519 4.37319 1.07751  -0.40832 -0.20187 105 DG C "O4'" 
552 C "C3'" . DG D 2  ? 3.86979 5.29263 4.58420 1.01117  -0.48196 -0.29870 105 DG C "C3'" 
553 O "O3'" . DG D 2  ? 3.90524 5.36330 4.52513 1.00742  -0.50235 -0.32925 105 DG C "O3'" 
554 C "C2'" . DG D 2  ? 3.66007 5.11678 4.35684 1.01054  -0.49485 -0.24570 105 DG C "C2'" 
555 C "C1'" . DG D 2  ? 3.53362 5.01079 4.20614 1.04972  -0.45182 -0.19655 105 DG C "C1'" 
556 N N9    . DG D 2  ? 3.35101 4.84609 4.04621 1.06054  -0.44130 -0.13949 105 DG C N9    
557 C C8    . DG D 2  ? 3.33168 4.79361 4.11610 1.06376  -0.42149 -0.11295 105 DG C C8    
558 N N7    . DG D 2  ? 3.14557 4.64132 3.92795 1.07514  -0.41694 -0.06387 105 DG C N7    
559 C C5    . DG D 2  ? 3.04860 4.59950 3.73521 1.07643  -0.43397 -0.06007 105 DG C C5    
560 C C6    . DG D 2  ? 2.86690 4.47076 3.50908 1.08273  -0.43528 -0.02221 105 DG C C6    
561 O O6    . DG D 2  ? 2.73233 4.34951 3.41252 1.09420  -0.42515 0.01868  105 DG C O6    
562 N N1    . DG D 2  ? 2.86741 4.51242 3.41059 1.07029  -0.44677 -0.03974 105 DG C N1    
563 C C2    . DG D 2  ? 3.01040 4.65069 3.50274 1.05620  -0.45664 -0.08534 105 DG C C2    
564 N N2    . DG D 2  ? 3.00774 4.69281 3.40287 1.03830  -0.46046 -0.09833 105 DG C N2    
565 N N3    . DG D 2  ? 3.16244 4.75815 3.69591 1.05568  -0.45941 -0.11989 105 DG C N3    
566 C C4    . DG D 2  ? 3.17769 4.72845 3.80877 1.06528  -0.44738 -0.10581 105 DG C C4    
567 P P     . DA D 3  ? 3.76716 5.24736 4.32051 0.97216  -0.56116 -0.37027 106 DA C P     
568 O OP1   . DA D 3  ? 3.91975 5.40837 4.42390 0.96821  -0.56611 -0.42344 106 DA C OP1   
569 O OP2   . DA D 3  ? 3.78836 5.25264 4.41572 0.95396  -0.58816 -0.38591 106 DA C OP2   
570 O "O5'" . DA D 3  ? 3.59419 5.11092 4.04662 0.96859  -0.57421 -0.32558 106 DA C "O5'" 
571 C "C5'" . DA D 3  ? 3.53737 5.09213 3.92191 0.97996  -0.54588 -0.30749 106 DA C "C5'" 
572 C "C4'" . DA D 3  ? 3.41444 4.99242 3.70824 0.96351  -0.55726 -0.27317 106 DA C "C4'" 
573 O "O4'" . DA D 3  ? 3.25627 4.83789 3.60401 0.97991  -0.54134 -0.22057 106 DA C "O4'" 
574 C "C3'" . DA D 3  ? 3.45173 5.00037 3.67140 0.93617  -0.60626 -0.28650 106 DA C "C3'" 
575 O "O3'" . DA D 3  ? 3.46617 5.02575 3.55376 0.91301  -0.60515 -0.28452 106 DA C "O3'" 
576 C "C2'" . DA D 3  ? 3.32300 4.85458 3.59137 0.94381  -0.61972 -0.24644 106 DA C "C2'" 
577 C "C1'" . DA D 3  ? 3.19383 4.75767 3.49778 0.96180  -0.57432 -0.20199 106 DA C "C1'" 
578 N N9    . DA D 3  ? 3.07367 4.63091 3.47019 0.97857  -0.56911 -0.16538 106 DA C N9    
579 C C8    . DA D 3  ? 3.10501 4.64088 3.61437 0.98756  -0.56700 -0.17368 106 DA C C8    
580 N N7    . DA D 3  ? 2.97986 4.51927 3.55213 0.99847  -0.55764 -0.13517 106 DA C N7    
581 C C5    . DA D 3  ? 2.85213 4.41731 3.34921 1.00017  -0.55611 -0.09968 106 DA C C5    
582 C C6    . DA D 3  ? 2.68875 4.27323 3.20078 1.01091  -0.54794 -0.05361 106 DA C C6    
583 N N6    . DA D 3  ? 2.61162 4.19505 3.22225 1.02354  -0.53978 -0.03188 106 DA C N6    
584 N N1    . DA D 3  ? 2.62764 4.23396 3.04890 1.00407  -0.54508 -0.03467 106 DA C N1    
585 C C2    . DA D 3  ? 2.72766 4.33539 3.04873 0.98375  -0.54685 -0.05957 106 DA C C2    
586 N N3    . DA D 3  ? 2.86826 4.46283 3.16347 0.97318  -0.55435 -0.10072 106 DA C N3    
587 C C4    . DA D 3  ? 2.92023 4.49409 3.30880 0.98479  -0.56079 -0.11898 106 DA C C4    
588 P P     . DT D 4  ? 3.20362 4.71619 3.16860 0.88981  -0.64851 -0.29426 107 DT C P     
589 O OP1   . DT D 4  ? 3.30918 4.83299 3.15981 0.86352  -0.63640 -0.32221 107 DT C OP1   
590 O OP2   . DT D 4  ? 3.23371 4.72226 3.25868 0.90354  -0.69216 -0.31797 107 DT C OP2   
591 O "O5'" . DT D 4  ? 3.09867 4.58823 3.00992 0.88428  -0.64553 -0.24224 107 DT C "O5'" 
592 C "C5'" . DT D 4  ? 3.07483 4.59168 2.92450 0.86432  -0.60493 -0.22265 107 DT C "C5'" 
593 C "C4'" . DT D 4  ? 2.99745 4.48211 2.80748 0.86008  -0.60594 -0.17841 107 DT C "C4'" 
594 O "O4'" . DT D 4  ? 2.85014 4.35517 2.78972 0.89246  -0.60786 -0.15081 107 DT C "O4'" 
595 C "C3'" . DT D 4  ? 3.07539 4.47183 2.77356 0.85435  -0.64695 -0.17183 107 DT C "C3'" 
596 O "O3'" . DT D 4  ? 3.15066 4.50549 2.71176 0.82027  -0.62339 -0.15412 107 DT C "O3'" 
597 C "C2'" . DT D 4  ? 2.95394 4.34028 2.74472 0.88909  -0.67637 -0.14667 107 DT C "C2'" 
598 C "C1'" . DT D 4  ? 2.81386 4.26824 2.72284 0.89843  -0.63667 -0.12420 107 DT C "C1'" 
599 N N1    . DT D 4  ? 2.69089 4.16359 2.73968 0.93024  -0.65137 -0.11279 107 DT C N1    
600 C C2    . DT D 4  ? 2.55954 4.04066 2.64916 0.94382  -0.64536 -0.07375 107 DT C C2    
601 O O2    . DT D 4  ? 2.54433 4.01669 2.56217 0.93223  -0.62993 -0.04910 107 DT C O2    
602 N N3    . DT D 4  ? 2.46241 3.96371 2.68116 0.96754  -0.65480 -0.06875 107 DT C N3    
603 C C4    . DT D 4  ? 2.50542 4.01456 2.81516 0.97380  -0.66600 -0.10122 107 DT C C4    
604 O O4    . DT D 4  ? 2.44179 3.96760 2.86459 0.98653  -0.66675 -0.09799 107 DT C O4    
605 C C5    . DT D 4  ? 2.65774 4.15535 2.92001 0.95983  -0.67305 -0.14346 107 DT C C5    
606 C C7    . DT D 4  ? 2.74964 4.25328 3.10345 0.96152  -0.68305 -0.18792 107 DT C C7    
607 C C6    . DT D 4  ? 2.72973 4.21238 2.86522 0.94121  -0.66677 -0.14572 107 DT C C6    
608 P P     . DG D 5  ? 3.35457 4.59144 2.75968 0.81676  -0.65377 -0.13724 108 DG C P     
609 O OP1   . DG D 5  ? 3.50971 4.70325 2.75624 0.76511  -0.61645 -0.14372 108 DG C OP1   
610 O OP2   . DG D 5  ? 3.37044 4.58111 2.78963 0.85347  -0.71086 -0.15539 108 DG C OP2   
611 O "O5'" . DG D 5  ? 3.25523 4.47244 2.68984 0.83230  -0.65259 -0.09445 108 DG C "O5'" 
612 C "C5'" . DG D 5  ? 3.20868 4.46991 2.65955 0.80564  -0.60259 -0.07868 108 DG C "C5'" 
613 C "C4'" . DG D 5  ? 3.11942 4.35889 2.60054 0.82706  -0.61009 -0.04143 108 DG C "C4'" 
614 O "O4'" . DG D 5  ? 2.93358 4.23404 2.57764 0.87219  -0.63500 -0.03410 108 DG C "O4'" 
615 C "C3'" . DG D 5  ? 3.23566 4.34814 2.58384 0.83814  -0.64187 -0.02242 108 DG C "C3'" 
616 O "O3'" . DG D 5  ? 3.25345 4.33297 2.55689 0.82263  -0.61471 0.00374  108 DG C "O3'" 
617 C "C2'" . DG D 5  ? 3.11166 4.23689 2.55868 0.89594  -0.69937 -0.02087 108 DG C "C2'" 
618 C "C1'" . DG D 5  ? 2.90944 4.15222 2.54418 0.90643  -0.68094 -0.01878 108 DG C "C1'" 
619 N N9    . DG D 5  ? 2.81348 4.10286 2.57512 0.93931  -0.71543 -0.03774 108 DG C N9    
620 C C8    . DG D 5  ? 2.88404 4.18292 2.65649 0.93924  -0.73404 -0.07481 108 DG C C8    
621 N N7    . DG D 5  ? 2.80239 4.14682 2.70498 0.96413  -0.75796 -0.09194 108 DG C N7    
622 C C5    . DG D 5  ? 2.65474 4.02315 2.63755 0.98218  -0.75390 -0.06140 108 DG C C5    
623 C C6    . DG D 5  ? 2.53045 3.95016 2.66053 1.00509  -0.76662 -0.06463 108 DG C C6    
624 O O6    . DG D 5  ? 2.54432 3.99654 2.76744 1.01050  -0.78272 -0.09911 108 DG C O6    
625 N N1    . DG D 5  ? 2.40473 3.83882 2.57098 1.01752  -0.75486 -0.02702 108 DG C N1    
626 C C2    . DG D 5  ? 2.40414 3.80658 2.47802 1.00896  -0.73464 0.00582  108 DG C C2    
627 N N2    . DG D 5  ? 2.28481 3.71285 2.41337 1.02449  -0.72627 0.03583  108 DG C N2    
628 N N3    . DG D 5  ? 2.53518 3.88679 2.47314 0.98239  -0.71955 0.00538  108 DG C N3    
629 C C4    . DG D 5  ? 2.65174 3.98896 2.55033 0.97024  -0.72989 -0.02743 108 DG C C4    
630 P P     . DT D 6  ? 3.43201 4.35176 2.54286 0.81550  -0.62039 0.02358  109 DT C P     
631 O OP1   . DT D 6  ? 3.56454 4.45971 2.58647 0.75200  -0.55725 0.02319  109 DT C OP1   
632 O OP2   . DT D 6  ? 3.54931 4.38584 2.55260 0.83442  -0.65898 0.01320  109 DT C OP2   
633 O "O5'" . DT D 6  ? 3.30778 4.21834 2.48598 0.87007  -0.65632 0.05138  109 DT C "O5'" 
634 C "C5'" . DT D 6  ? 3.07765 4.10973 2.43118 0.88393  -0.64684 0.05869  109 DT C "C5'" 
635 C "C4'" . DT D 6  ? 2.93092 3.96768 2.36336 0.94479  -0.69688 0.07405  109 DT C "C4'" 
636 O "O4'" . DT D 6  ? 2.78751 3.90683 2.35492 0.97271  -0.72786 0.05533  109 DT C "O4'" 
637 C "C3'" . DT D 6  ? 3.06864 3.97249 2.35735 0.98019  -0.73970 0.08385  109 DT C "C3'" 
638 O "O3'" . DT D 6  ? 3.02919 3.90503 2.31686 1.00385  -0.74276 0.10805  109 DT C "O3'" 
639 C "C2'" . DT D 6  ? 2.97328 3.91703 2.33391 1.02984  -0.79965 0.06290  109 DT C "C2'" 
640 C "C1'" . DT D 6  ? 2.75576 3.84444 2.32385 1.02398  -0.78522 0.05328  109 DT C "C1'" 
641 N N1    . DT D 6  ? 2.70533 3.85530 2.36584 1.03984  -0.81701 0.01922  109 DT C N1    
642 C C2    . DT D 6  ? 2.54947 3.78686 2.37269 1.06814  -0.83857 0.00915  109 DT C C2    
643 O O2    . DT D 6  ? 2.48906 3.76030 2.38504 1.08463  -0.83530 0.02935  109 DT C O2    
644 N N3    . DT D 6  ? 2.53650 3.82150 2.43378 1.07235  -0.86088 -0.02961 109 DT C N3    
645 C C4    . DT D 6  ? 2.67396 3.93329 2.50156 1.05668  -0.86724 -0.05774 109 DT C C4    
646 O O4    . DT D 6  ? 2.67817 3.98658 2.58352 1.06057  -0.88688 -0.09711 109 DT C O4    
647 C C5    . DT D 6  ? 2.83171 4.00309 2.48754 1.03077  -0.84530 -0.04176 109 DT C C5    
648 C C7    . DT D 6  ? 2.98745 4.12873 2.55167 1.01128  -0.84791 -0.07010 109 DT C C7    
649 C C6    . DT D 6  ? 2.84715 3.96684 2.42902 1.02084  -0.81946 -0.00522 109 DT C C6    
650 P P     . DG D 7  ? 3.14539 3.94632 2.32295 0.95828  -0.68830 0.12465  110 DG C P     
651 O OP1   . DG D 7  ? 2.98000 3.85193 2.27159 0.97829  -0.68416 0.13958  110 DG C OP1   
652 O OP2   . DG D 7  ? 3.26590 4.08297 2.39937 0.88810  -0.63297 0.10816  110 DG C OP2   
653 O "O5'" . DG D 7  ? 3.36840 3.97991 2.33573 0.98234  -0.71031 0.13868  110 DG C "O5'" 
654 C "C5'" . DG D 7  ? 3.35408 3.92316 2.31548 1.05295  -0.75987 0.15298  110 DG C "C5'" 
655 C "C4'" . DG D 7  ? 3.60205 3.97141 2.33223 1.07889  -0.77452 0.16743  110 DG C "C4'" 
656 O "O4'" . DG D 7  ? 3.74466 4.05594 2.36437 1.05886  -0.77368 0.15670  110 DG C "O4'" 
657 C "C3'" . DG D 7  ? 3.82946 4.06200 2.41412 1.03414  -0.71797 0.18468  110 DG C "C3'" 
658 O "O3'" . DG D 7  ? 3.76708 3.97747 2.37190 1.08268  -0.73705 0.19958  110 DG C "O3'" 
659 C "C2'" . DG D 7  ? 4.11387 4.14759 2.45529 1.03741  -0.71713 0.19483  110 DG C "C2'" 
660 C "C1'" . DG D 7  ? 4.05018 4.16819 2.43846 1.02913  -0.73623 0.17352  110 DG C "C1'" 
661 N N9    . DG D 7  ? 4.15736 4.29189 2.51796 0.93649  -0.67152 0.15840  110 DG C N9    
662 C C8    . DG D 7  ? 4.00203 4.30093 2.51369 0.89995  -0.65989 0.13202  110 DG C C8    
663 N N7    . DG D 7  ? 4.14014 4.42651 2.58474 0.82080  -0.59945 0.11772  110 DG C N7    
664 C C5    . DG D 7  ? 4.40840 4.50402 2.64357 0.79489  -0.56400 0.13585  110 DG C C5    
665 C C6    . DG D 7  ? 4.64268 4.64359 2.72638 0.70661  -0.48999 0.12671  110 DG C C6    
666 O O6    . DG D 7  ? 4.64329 4.73009 2.75590 0.63597  -0.44441 0.09715  110 DG C O6    
667 N N1    . DG D 7  ? 4.89173 4.67519 2.76980 0.70454  -0.46729 0.15250  110 DG C N1    
668 C C2    . DG D 7  ? 4.90716 4.58368 2.73307 0.78843  -0.51598 0.18364  110 DG C C2    
669 N N2    . DG D 7  ? 5.17367 4.62332 2.78207 0.77885  -0.48205 0.20687  110 DG C N2    
670 N N3    . DG D 7  ? 4.67219 4.45552 2.64619 0.87537  -0.58998 0.18857  110 DG C N3    
671 C C4    . DG D 7  ? 4.43171 4.42227 2.60735 0.86851  -0.60773 0.16346  110 DG C C4    
672 P P     . DG D 8  ? 3.62793 3.83919 2.25073 1.03087  -0.67712 0.20379  111 DG C P     
673 O OP1   . DG D 8  ? 3.32312 3.70034 2.15250 1.06843  -0.70248 0.20258  111 DG C OP1   
674 O OP2   . DG D 8  ? 3.75817 3.98618 2.35437 0.93338  -0.60626 0.18801  111 DG C OP2   
675 O "O5'" . DG D 8  ? 3.89607 3.87639 2.29891 1.05995  -0.67495 0.22443  111 DG C "O5'" 
676 C "C5'" . DG D 8  ? 4.13298 3.92396 2.32023 1.08453  -0.68907 0.23745  111 DG C "C5'" 
677 C "C4'" . DG D 8  ? 4.47823 4.06818 2.45368 1.01333  -0.61462 0.24535  111 DG C "C4'" 
678 O "O4'" . DG D 8  ? 4.59781 4.18072 2.51329 0.93592  -0.57125 0.23252  111 DG C "O4'" 
679 C "C3'" . DG D 8  ? 4.50300 4.12803 2.53729 0.94894  -0.55412 0.23399  111 DG C "C3'" 
680 O "O3'" . DG D 8  ? 4.77161 4.17008 2.60718 0.94886  -0.52324 0.24909  111 DG C "O3'" 
681 C "C2'" . DG D 8  ? 4.54823 4.26226 2.62154 0.83813  -0.48595 0.20660  111 DG C "C2'" 
682 C "C1'" . DG D 8  ? 4.69752 4.30282 2.62018 0.82925  -0.48825 0.21233  111 DG C "C1'" 
683 N N9    . DG D 8  ? 4.58599 4.35592 2.62083 0.77036  -0.46816 0.18525  111 DG C N9    
684 C C8    . DG D 8  ? 4.29467 4.27167 2.53620 0.80308  -0.51283 0.17433  111 DG C C8    
685 N N7    . DG D 8  ? 4.26082 4.34381 2.55702 0.74220  -0.48071 0.14891  111 DG C N7    
686 C C5    . DG D 8  ? 4.53240 4.48526 2.65422 0.65905  -0.40977 0.13906  111 DG C C5    
687 C C6    . DG D 8  ? 4.61085 4.61041 2.70473 0.56878  -0.34979 0.10695  111 DG C C6    
688 O O6    . DG D 8  ? 4.45672 4.62319 2.67592 0.55270  -0.35178 0.08243  111 DG C O6    
689 N N1    . DG D 8  ? 4.89789 4.72379 2.79174 0.49254  -0.27942 0.10165  111 DG C N1    
690 C C2    . DG D 8  ? 5.09768 4.71224 2.83067 0.50636  -0.26798 0.12810  111 DG C C2    
691 N N2    . DG D 8  ? 5.37165 4.82228 2.91468 0.41733  -0.18758 0.11708  111 DG C N2    
692 N N3    . DG D 8  ? 5.03554 4.60146 2.79019 0.60004  -0.32796 0.15997  111 DG C N3    
693 C C4    . DG D 8  ? 4.74206 4.49275 2.69811 0.67125  -0.39776 0.16208  111 DG C C4    
694 P P     . DC D 9  ? 4.74493 4.14789 2.61356 0.89095  -0.46314 0.23325  112 DC C P     
695 O OP1   . DC D 9  ? 4.92270 4.10912 2.62639 0.95114  -0.47395 0.25570  112 DC C OP1   
696 O OP2   . DC D 9  ? 4.42211 4.09605 2.55749 0.89103  -0.47935 0.21468  112 DC C OP2   
697 O "O5'" . DC D 9  ? 4.98635 4.32394 2.74748 0.75936  -0.36657 0.20866  112 DC C "O5'" 
698 C "C5'" . DC D 9  ? 5.24003 4.37412 2.77606 0.73164  -0.33940 0.22145  112 DC C "C5'" 
699 C "C4'" . DC D 9  ? 5.43875 4.52909 2.89161 0.59438  -0.23663 0.18830  112 DC C "C4'" 
700 O "O4'" . DC D 9  ? 5.30919 4.57657 2.86573 0.54128  -0.22619 0.16324  112 DC C "O4'" 
701 C "C3'" . DC D 9  ? 5.43057 4.60958 2.97939 0.52691  -0.18083 0.15211  112 DC C "C3'" 
702 O "O3'" . DC D 9  ? 5.71902 4.71842 3.08222 0.42086  -0.08564 0.13039  112 DC C "O3'" 
703 C "C2'" . DC D 9  ? 5.15747 4.64183 2.94460 0.49004  -0.18170 0.11736  112 DC C "C2'" 
704 C "C1'" . DC D 9  ? 5.20288 4.66667 2.91523 0.45977  -0.17528 0.11736  112 DC C "C1'" 
705 N N1    . DC D 9  ? 4.91202 4.63040 2.83264 0.47867  -0.21445 0.10436  112 DC C N1    
706 C C2    . DC D 9  ? 4.91033 4.73058 2.84966 0.39629  -0.16734 0.06792  112 DC C C2    
707 O O2    . DC D 9  ? 5.14206 4.84792 2.92864 0.30237  -0.09171 0.04446  112 DC C O2    
708 N N3    . DC D 9  ? 4.65175 4.68919 2.77230 0.42142  -0.20319 0.05710  112 DC C N3    
709 C C4    . DC D 9  ? 4.40765 4.55113 2.68378 0.51538  -0.27697 0.08139  112 DC C C4    
710 N N4    . DC D 9  ? 4.16965 4.50640 2.61180 0.53476  -0.30370 0.07014  112 DC C N4    
711 C C5    . DC D 9  ? 4.39012 4.44369 2.65555 0.59299  -0.32354 0.11542  112 DC C C5    
712 C C6    . DC D 9  ? 4.64677 4.49252 2.73358 0.57563  -0.29295 0.12563  112 DC C C6    
713 P P     . DT D 10 ? 5.94847 4.88012 3.28654 0.37244  -0.02739 0.10416  113 DT C P     
714 O OP1   . DT D 10 ? 6.25848 4.94522 3.35610 0.26674  0.07048  0.08823  113 DT C OP1   
715 O OP2   . DT D 10 ? 5.88910 4.76963 3.25180 0.49227  -0.09818 0.14000  113 DT C OP2   
716 O "O5'" . DT D 10 ? 5.71403 4.97098 3.30780 0.31383  -0.00677 0.04932  113 DT C "O5'" 
717 C "C5'" . DT D 10 ? 5.82335 5.10883 3.40743 0.19460  0.08555  -0.01005 113 DT C "C5'" 
718 C "C4'" . DT D 10 ? 5.91697 5.20164 3.41956 0.07930  0.15816  -0.04717 113 DT C "C4'" 
719 O "O4'" . DT D 10 ? 5.73136 5.16223 3.32904 0.12192  0.10373  -0.02973 113 DT C "O4'" 
720 C "C3'" . DT D 10 ? 5.82143 5.29856 3.42442 -0.03991 0.23771  -0.12813 113 DT C "C3'" 
721 O "O3'" . DT D 10 ? 6.00192 5.33758 3.42682 -0.16689 0.33404  -0.16591 113 DT C "O3'" 
722 C "C2'" . DT D 10 ? 5.51178 5.30184 3.33838 -0.00889 0.19167  -0.14094 113 DT C "C2'" 
723 C "C1'" . DT D 10 ? 5.54403 5.23230 3.29074 0.04788  0.14062  -0.08814 113 DT C "C1'" 
724 N N1    . DT D 10 ? 5.22688 5.14580 3.17851 0.13390  0.06073  -0.06950 113 DT C N1    
725 C C2    . DT D 10 ? 5.08201 5.17688 3.11363 0.09387  0.07425  -0.10168 113 DT C C2    
726 O O2    . DT D 10 ? 5.18374 5.26973 3.13136 -0.00969 0.14685  -0.14734 113 DT C O2    
727 N N3    . DT D 10 ? 4.80322 5.08331 3.01498 0.17868  0.00235  -0.08123 113 DT C N3    
728 C C4    . DT D 10 ? 4.64608 4.95874 2.96749 0.28901  -0.07606 -0.03541 113 DT C C4    
729 O O4    . DT D 10 ? 4.39795 4.87090 2.87490 0.35135  -0.12900 -0.02229 113 DT C O4    
730 C C5    . DT D 10 ? 4.78724 4.92877 3.02437 0.32433  -0.08776 -0.00716 113 DT C C5    
731 C C7    . DT D 10 ? 4.60545 4.78143 2.95331 0.43942  -0.16855 0.03624  113 DT C C7    
732 C C6    . DT D 10 ? 5.07299 5.02520 3.12994 0.24968  -0.02112 -0.02435 113 DT C C6    
733 P P     . DG D 11 ? 6.06584 5.41998 3.46664 -0.30624 0.44344  -0.25002 114 DG C P     
734 O OP1   . DG D 11 ? 6.25724 5.43681 3.45406 -0.43094 0.53818  -0.27842 114 DG C OP1   
735 O OP2   . DG D 11 ? 6.15035 5.39572 3.53654 -0.26593 0.43538  -0.23888 114 DG C OP2   
736 O "O5'" . DG D 11 ? 5.72977 5.48324 3.39340 -0.32989 0.43947  -0.31556 114 DG C "O5'" 
737 C "C5'" . DG D 11 ? 5.66566 5.54991 3.35614 -0.46292 0.53337  -0.41134 114 DG C "C5'" 
738 C "C4'" . DG D 11 ? 5.52574 5.58950 3.26129 -0.52674 0.56130  -0.45601 114 DG C "C4'" 
739 O "O4'" . DG D 11 ? 5.37264 5.54913 3.21831 -0.41108 0.46591  -0.39775 114 DG C "O4'" 
740 C "C3'" . DG D 11 ? 5.25718 5.65314 3.16850 -0.59464 0.60339  -0.55417 114 DG C "C3'" 
741 O "O3'" . DG D 11 ? 5.19971 5.69930 3.09199 -0.68051 0.65297  -0.60685 114 DG C "O3'" 
742 C "C2'" . DG D 11 ? 4.98375 5.61646 3.11856 -0.45696 0.50251  -0.51667 114 DG C "C2'" 
743 C "C1'" . DG D 11 ? 5.04425 5.55657 3.13149 -0.36785 0.42998  -0.43055 114 DG C "C1'" 
744 N N9    . DG D 11 ? 4.94779 5.48181 3.14515 -0.22453 0.32984  -0.35644 114 DG C N9    
745 C C8    . DG D 11 ? 5.07511 5.44957 3.23348 -0.16288 0.29704  -0.30941 114 DG C C8    
746 N N7    . DG D 11 ? 4.91903 5.36799 3.20242 -0.04019 0.20819  -0.25279 114 DG C N7    
747 C C5    . DG D 11 ? 4.68419 5.34082 3.09275 -0.01896 0.18193  -0.25976 114 DG C C5    
748 C C6    . DG D 11 ? 4.44099 5.24221 3.00856 0.08996  0.10077  -0.21609 114 DG C C6    
749 O O6    . DG D 11 ? 4.36431 5.14712 2.99874 0.18680  0.03536  -0.16352 114 DG C O6    
750 N N1    . DG D 11 ? 4.27144 5.25151 2.92010 0.07689  0.10362  -0.24240 114 DG C N1    
751 C C2    . DG D 11 ? 4.31306 5.34402 2.90247 -0.02684 0.17330  -0.30629 114 DG C C2    
752 N N2    . DG D 11 ? 4.13250 5.34673 2.81623 -0.01538 0.16204  -0.32582 114 DG C N2    
753 N N3    . DG D 11 ? 4.51847 5.42663 2.96359 -0.13655 0.25225  -0.35137 114 DG C N3    
754 C C4    . DG D 11 ? 4.70293 5.41845 3.06166 -0.12644 0.25297  -0.32303 114 DG C C4    
755 P P     . DC D 12 ? 5.13092 5.93222 3.13682 -0.79365 0.72982  -0.73307 115 DC C P     
756 O OP1   . DC D 12 ? 5.32702 5.98017 3.14911 -0.95058 0.84002  -0.79094 115 DC C OP1   
757 O OP2   . DC D 12 ? 5.00628 5.95109 3.14214 -0.77201 0.72413  -0.76793 115 DC C OP2   
758 O "O5'" . DC D 12 ? 4.84302 5.94371 3.02266 -0.72518 0.67151  -0.73889 115 DC C "O5'" 
759 C "C5'" . DC D 12 ? 4.74944 5.86445 3.01802 -0.57510 0.56335  -0.64741 115 DC C "C5'" 
760 C "C4'" . DC D 12 ? 4.43815 5.86747 2.94125 -0.48698 0.51011  -0.66359 115 DC C "C4'" 
761 O "O4'" . DC D 12 ? 4.38877 5.77047 2.96239 -0.34419 0.41105  -0.56654 115 DC C "O4'" 
762 C "C3'" . DC D 12 ? 4.37692 5.91105 2.94952 -0.51414 0.54191  -0.71708 115 DC C "C3'" 
763 O "O3'" . DC D 12 ? 4.29996 6.01707 2.88812 -0.63499 0.62777  -0.83358 115 DC C "O3'" 
764 C "C2'" . DC D 12 ? 4.11042 5.86873 2.88663 -0.37697 0.45795  -0.68169 115 DC C "C2'" 
765 C "C1'" . DC D 12 ? 4.16218 5.76948 2.91717 -0.27366 0.37688  -0.57662 115 DC C "C1'" 
766 N N1    . DC D 12 ? 4.22954 5.69048 2.99233 -0.18005 0.31512  -0.49590 115 DC C N1    
767 C C2    . DC D 12 ? 4.06257 5.60791 2.95673 -0.05160 0.22980  -0.43008 115 DC C C2    
768 O O2    . DC D 12 ? 3.88069 5.60238 2.87404 -0.01541 0.20759  -0.43595 115 DC C O2    
769 N N3    . DC D 12 ? 4.10594 5.53370 3.01139 0.02797  0.17713  -0.36474 115 DC C N3    
770 C C4    . DC D 12 ? 4.31772 5.55108 3.10757 -0.00869 0.20340  -0.36272 115 DC C C4    
771 N N4    . DC D 12 ? 4.34392 5.47773 3.15066 0.07678  0.14808  -0.30207 115 DC C N4    
772 C C5    . DC D 12 ? 4.50990 5.63835 3.15834 -0.13617 0.29109  -0.42583 115 DC C C5    
773 C C6    . DC D 12 ? 4.44921 5.69931 3.09177 -0.22191 0.34608  -0.49173 115 DC C C6    
# 
